data_2W8S
#
_entry.id   2W8S
#
_cell.length_a   57.700
_cell.length_b   200.100
_cell.length_c   211.700
_cell.angle_alpha   90.00
_cell.angle_beta   90.00
_cell.angle_gamma   90.00
#
_symmetry.space_group_name_H-M   'P 21 21 21'
#
loop_
_entity.id
_entity.type
_entity.pdbx_description
1 polymer 'PHOSPHONATE MONOESTER HYDROLASE'
2 non-polymer 'ZINC ION'
3 non-polymer 'FE (III) ION'
4 non-polymer 'SULFATE ION'
5 non-polymer GLYCEROL
6 water water
#
_entity_poly.entity_id   1
_entity_poly.type   'polypeptide(L)'
_entity_poly.pdbx_seq_one_letter_code
;MASWSHPQFEKGAETAVPNSSSVPGDPSSMTRKNVLLIVVDQWRADFIPHLMRAEGREPFLKTPNLDRLCREGLTFRNHV
TTCVP(FGL)GPARASLLTGLYLMNHRAVQNTVPLDQRHLNLGKALRAIGYDPALIGYTTTTPDPRTTSARDPRFTVLGD
IMDGFRSVGAFEPNMEGYFGWVAQNGFELPENREDIWLPEGEHSVPGATDKPSRIPKEFSDSTFFTERALTYLKGRDGKP
FFLHLGYYRPHPPFVASAPYHAMYKAEDMPAPIRAENPDAEAAQHPLMKHYIDHIRRGSFFHGAEGSGATLDEGEIRQMR
ATYCGLITEIDDCLGRVFAYLDETGQWDDTLIIFTSDHGEQLGDHHLLGKIGYNAESFRIPLVIKDAGQNRHAGQIEEGF
SESIDVMPTILEWLGGETPRACDGRSLLPFLAEGKPSDWRTELHYEFDFRDVFYDQPQNSVQLSQDDCSLCVIEDENYKY
VHFAALPPLFFDLKADPHEFSNLAGDPAYAALVRDYAQKALSWRLSHADRTLTHYRSSPQGLTTRNH
;
_entity_poly.pdbx_strand_id   A,B,C,D
#
loop_
_chem_comp.id
_chem_comp.type
_chem_comp.name
_chem_comp.formula
FE non-polymer 'FE (III) ION' 'Fe 3'
GOL non-polymer GLYCEROL 'C3 H8 O3'
SO4 non-polymer 'SULFATE ION' 'O4 S -2'
ZN non-polymer 'ZINC ION' 'Zn 2'
#
# COMPACT_ATOMS: atom_id res chain seq x y z
N ARG A 32 13.32 -21.28 -27.13
CA ARG A 32 13.44 -19.79 -27.23
C ARG A 32 12.16 -19.14 -27.81
N LYS A 33 11.49 -18.37 -26.98
CA LYS A 33 10.26 -17.73 -27.36
C LYS A 33 10.38 -16.23 -27.25
N ASN A 34 10.19 -15.53 -28.37
CA ASN A 34 10.16 -14.09 -28.40
C ASN A 34 8.79 -13.51 -28.67
N VAL A 35 8.52 -12.29 -28.19
CA VAL A 35 7.31 -11.62 -28.60
C VAL A 35 7.58 -10.20 -29.10
N LEU A 36 7.05 -9.85 -30.28
CA LEU A 36 7.21 -8.51 -30.83
C LEU A 36 5.85 -7.94 -31.12
N LEU A 37 5.48 -6.95 -30.30
CA LEU A 37 4.21 -6.26 -30.41
C LEU A 37 4.44 -4.94 -31.09
N ILE A 38 3.95 -4.81 -32.32
CA ILE A 38 4.11 -3.59 -33.09
C ILE A 38 2.79 -2.85 -32.94
N VAL A 39 2.79 -1.74 -32.24
CA VAL A 39 1.60 -0.91 -32.10
C VAL A 39 1.84 0.39 -32.89
N VAL A 40 1.24 0.47 -34.08
CA VAL A 40 1.27 1.70 -34.88
C VAL A 40 0.14 2.60 -34.37
N ASP A 41 0.24 3.89 -34.61
CA ASP A 41 -0.84 4.76 -34.18
C ASP A 41 -1.76 5.24 -35.34
N GLN A 42 -3.06 5.16 -35.17
CA GLN A 42 -4.02 5.77 -36.09
C GLN A 42 -4.16 5.04 -37.47
N TRP A 43 -3.80 3.75 -37.51
CA TRP A 43 -3.75 2.99 -38.79
C TRP A 43 -5.09 2.20 -39.00
N ARG A 44 -5.80 2.51 -40.07
CA ARG A 44 -7.16 1.96 -40.29
C ARG A 44 -7.21 0.48 -40.66
N ALA A 45 -8.22 -0.21 -40.12
CA ALA A 45 -8.49 -1.61 -40.49
C ALA A 45 -8.49 -1.85 -41.99
N ASP A 46 -8.99 -0.89 -42.74
CA ASP A 46 -9.27 -1.12 -44.16
C ASP A 46 -8.13 -0.62 -45.02
N PHE A 47 -6.98 -0.32 -44.40
CA PHE A 47 -5.72 -0.06 -45.15
C PHE A 47 -4.75 -1.21 -44.93
N ILE A 48 -5.20 -2.40 -45.29
CA ILE A 48 -4.37 -3.59 -45.27
C ILE A 48 -4.50 -4.24 -46.68
N PRO A 49 -3.42 -4.19 -47.48
CA PRO A 49 -3.50 -4.80 -48.80
C PRO A 49 -4.05 -6.24 -48.80
N HIS A 50 -3.49 -7.12 -47.97
CA HIS A 50 -3.98 -8.50 -47.90
C HIS A 50 -5.52 -8.60 -47.96
N LEU A 51 -6.21 -7.69 -47.28
CA LEU A 51 -7.69 -7.72 -47.26
C LEU A 51 -8.30 -7.14 -48.53
N MET A 52 -7.66 -6.10 -49.07
CA MET A 52 -8.03 -5.57 -50.38
C MET A 52 -7.92 -6.62 -51.51
N ARG A 53 -6.84 -7.41 -51.50
CA ARG A 53 -6.62 -8.47 -52.47
C ARG A 53 -7.67 -9.57 -52.37
N ALA A 54 -7.97 -10.02 -51.14
CA ALA A 54 -8.99 -11.05 -50.91
C ALA A 54 -10.37 -10.57 -51.34
N GLU A 55 -10.60 -9.26 -51.25
CA GLU A 55 -11.88 -8.66 -51.67
C GLU A 55 -12.01 -8.52 -53.22
N GLY A 56 -10.93 -8.79 -53.95
CA GLY A 56 -10.93 -8.65 -55.41
C GLY A 56 -10.40 -7.31 -55.93
N ARG A 57 -9.74 -6.53 -55.07
CA ARG A 57 -9.25 -5.19 -55.45
C ARG A 57 -7.74 -5.15 -55.73
N GLU A 58 -7.32 -4.07 -56.37
CA GLU A 58 -5.90 -3.77 -56.56
C GLU A 58 -5.52 -2.92 -55.35
N PRO A 59 -4.58 -3.40 -54.53
CA PRO A 59 -4.07 -2.51 -53.47
C PRO A 59 -3.75 -1.12 -54.03
N PHE A 60 -4.23 -0.07 -53.37
CA PHE A 60 -3.85 1.30 -53.74
C PHE A 60 -2.67 1.80 -52.90
N LEU A 61 -2.16 0.94 -52.02
CA LEU A 61 -0.82 1.11 -51.45
C LEU A 61 -0.02 -0.20 -51.30
N LYS A 62 1.28 -0.02 -51.08
CA LYS A 62 2.23 -1.10 -50.95
C LYS A 62 2.82 -1.20 -49.53
N THR A 63 2.73 -2.41 -48.97
CA THR A 63 3.28 -2.74 -47.66
C THR A 63 3.87 -4.13 -47.73
N PRO A 64 4.96 -4.28 -48.50
CA PRO A 64 5.58 -5.59 -48.75
C PRO A 64 5.86 -6.39 -47.49
N ASN A 65 6.36 -5.73 -46.46
CA ASN A 65 6.71 -6.43 -45.22
C ASN A 65 5.48 -6.90 -44.42
N LEU A 66 4.48 -6.04 -44.29
CA LEU A 66 3.24 -6.42 -43.63
C LEU A 66 2.60 -7.52 -44.44
N ASP A 67 2.71 -7.41 -45.79
CA ASP A 67 2.22 -8.46 -46.70
C ASP A 67 2.91 -9.77 -46.38
N ARG A 68 4.20 -9.70 -46.00
CA ARG A 68 4.89 -10.91 -45.57
C ARG A 68 4.20 -11.52 -44.35
N LEU A 69 4.03 -10.71 -43.30
CA LEU A 69 3.34 -11.18 -42.08
C LEU A 69 2.00 -11.88 -42.34
N CYS A 70 1.17 -11.24 -43.16
CA CYS A 70 -0.15 -11.77 -43.48
C CYS A 70 -0.05 -13.11 -44.20
N ARG A 71 0.91 -13.22 -45.12
CA ARG A 71 1.14 -14.46 -45.87
C ARG A 71 1.61 -15.59 -44.95
N GLU A 72 2.50 -15.24 -44.01
CA GLU A 72 2.99 -16.22 -43.08
C GLU A 72 2.07 -16.35 -41.85
N GLY A 73 1.06 -15.49 -41.73
CA GLY A 73 0.24 -15.42 -40.50
C GLY A 73 -1.27 -15.38 -40.64
N LEU A 74 -1.96 -15.03 -39.54
CA LEU A 74 -3.40 -14.88 -39.55
C LEU A 74 -3.75 -13.41 -39.55
N THR A 75 -4.55 -12.94 -40.51
CA THR A 75 -5.06 -11.56 -40.48
C THR A 75 -6.49 -11.53 -39.98
N PHE A 76 -6.80 -10.71 -38.97
CA PHE A 76 -8.14 -10.63 -38.42
C PHE A 76 -8.91 -9.45 -39.01
N ARG A 77 -10.04 -9.71 -39.67
CA ARG A 77 -10.66 -8.64 -40.44
C ARG A 77 -11.68 -7.81 -39.67
N ASN A 78 -12.18 -8.33 -38.54
CA ASN A 78 -13.11 -7.60 -37.68
C ASN A 78 -12.48 -7.37 -36.29
N HIS A 79 -11.49 -6.51 -36.23
CA HIS A 79 -10.84 -6.22 -34.97
C HIS A 79 -11.10 -4.77 -34.62
N VAL A 80 -11.45 -4.54 -33.37
CA VAL A 80 -11.70 -3.20 -32.90
C VAL A 80 -10.87 -2.95 -31.63
N THR A 81 -10.47 -1.70 -31.47
CA THR A 81 -10.09 -1.18 -30.15
C THR A 81 -11.41 -0.99 -29.37
N THR A 82 -11.40 -1.40 -28.12
CA THR A 82 -12.53 -1.21 -27.22
C THR A 82 -12.73 0.28 -26.75
N CYS A 83 -11.86 1.21 -27.16
CA CYS A 83 -12.08 2.64 -26.94
C CYS A 83 -11.05 3.53 -27.62
N VAL A 84 -11.28 4.83 -27.53
CA VAL A 84 -10.43 5.86 -28.12
C VAL A 84 -10.43 7.06 -27.16
N PRO A 85 -9.47 7.98 -27.28
CA PRO A 85 -8.31 8.07 -28.18
C PRO A 85 -7.09 7.29 -27.60
N FGL A 86 -5.83 7.65 -27.78
CA FGL A 86 -4.54 7.00 -27.51
C FGL A 86 -4.46 6.59 -26.04
O FGL A 86 -4.10 5.45 -25.72
OG1 FGL A 86 -2.17 7.22 -27.97
OG2 FGL A 86 -3.67 8.63 -29.08
CB FGL A 86 -3.40 7.95 -27.85
N CYS A 86 -5.87 7.81 -27.75
CA CYS A 86 -4.67 7.01 -27.59
C CYS A 86 -4.60 6.52 -26.14
N GLY A 87 -4.92 7.51 -24.66
CA GLY A 87 -4.61 6.84 -23.36
C GLY A 87 -5.58 5.71 -23.07
N PRO A 88 -6.88 5.91 -23.35
CA PRO A 88 -7.87 4.83 -23.17
C PRO A 88 -7.54 3.59 -23.98
N ALA A 89 -7.38 3.74 -25.28
CA ALA A 89 -7.00 2.60 -26.14
C ALA A 89 -5.81 1.79 -25.65
N ARG A 90 -4.81 2.49 -25.14
CA ARG A 90 -3.62 1.82 -24.64
C ARG A 90 -3.81 1.25 -23.24
N ALA A 91 -4.53 1.92 -22.35
CA ALA A 91 -4.94 1.27 -21.10
C ALA A 91 -5.65 -0.09 -21.41
N SER A 92 -6.66 -0.08 -22.26
CA SER A 92 -7.29 -1.34 -22.70
C SER A 92 -6.30 -2.37 -23.28
N LEU A 93 -5.51 -1.93 -24.25
CA LEU A 93 -4.56 -2.78 -24.91
C LEU A 93 -3.64 -3.43 -23.89
N LEU A 94 -3.09 -2.62 -22.98
CA LEU A 94 -2.06 -3.06 -22.04
C LEU A 94 -2.60 -3.58 -20.69
N THR A 95 -3.92 -3.62 -20.48
CA THR A 95 -4.45 -4.23 -19.27
C THR A 95 -5.45 -5.37 -19.56
N GLY A 96 -5.86 -5.54 -20.81
CA GLY A 96 -6.95 -6.46 -21.13
C GLY A 96 -8.33 -6.09 -20.58
N LEU A 97 -8.53 -4.81 -20.20
CA LEU A 97 -9.80 -4.37 -19.58
C LEU A 97 -10.56 -3.40 -20.47
N TYR A 98 -11.88 -3.59 -20.53
CA TYR A 98 -12.77 -2.59 -21.18
C TYR A 98 -12.62 -1.24 -20.45
N LEU A 99 -12.96 -0.15 -21.14
CA LEU A 99 -12.98 1.20 -20.50
C LEU A 99 -13.82 1.25 -19.19
N MET A 100 -14.96 0.55 -19.19
CA MET A 100 -15.83 0.44 -18.01
C MET A 100 -15.14 -0.10 -16.76
N ASN A 101 -14.09 -0.90 -16.92
CA ASN A 101 -13.28 -1.33 -15.78
C ASN A 101 -11.93 -0.58 -15.59
N HIS A 102 -11.27 -0.10 -16.65
CA HIS A 102 -9.97 0.51 -16.40
C HIS A 102 -10.13 1.97 -15.95
N ARG A 103 -11.23 2.59 -16.37
CA ARG A 103 -11.59 4.00 -15.97
C ARG A 103 -10.62 5.12 -16.39
N ALA A 104 -9.57 4.82 -17.15
CA ALA A 104 -8.81 5.86 -17.87
C ALA A 104 -9.66 6.35 -19.04
N VAL A 105 -10.71 7.13 -18.75
CA VAL A 105 -11.76 7.34 -19.74
C VAL A 105 -11.42 8.33 -20.81
N GLN A 106 -10.32 9.05 -20.64
CA GLN A 106 -9.85 9.98 -21.67
C GLN A 106 -8.37 10.21 -21.48
N ASN A 107 -7.75 10.74 -22.52
CA ASN A 107 -6.45 11.37 -22.37
C ASN A 107 -6.54 12.31 -21.20
N THR A 108 -5.48 12.37 -20.42
CA THR A 108 -5.37 13.23 -19.24
C THR A 108 -6.12 12.69 -18.02
N VAL A 109 -6.84 11.55 -18.14
CA VAL A 109 -7.51 10.99 -16.95
C VAL A 109 -6.68 9.83 -16.40
N PRO A 110 -6.33 9.87 -15.13
CA PRO A 110 -5.48 8.89 -14.45
C PRO A 110 -5.88 7.43 -14.65
N LEU A 111 -4.89 6.55 -14.59
CA LEU A 111 -5.14 5.12 -14.64
C LEU A 111 -4.85 4.66 -13.22
N ASP A 112 -5.91 4.23 -12.54
CA ASP A 112 -5.85 3.64 -11.19
C ASP A 112 -4.76 2.57 -11.21
N GLN A 113 -3.82 2.58 -10.27
CA GLN A 113 -2.76 1.61 -10.42
C GLN A 113 -3.08 0.22 -9.91
N ARG A 114 -4.24 0.02 -9.29
CA ARG A 114 -4.68 -1.34 -8.93
C ARG A 114 -4.63 -2.30 -10.12
N HIS A 115 -4.76 -1.80 -11.35
CA HIS A 115 -4.97 -2.67 -12.51
C HIS A 115 -3.65 -3.32 -13.01
N LEU A 116 -3.69 -4.64 -13.22
CA LEU A 116 -2.50 -5.37 -13.64
C LEU A 116 -2.26 -5.04 -15.08
N ASN A 117 -1.07 -4.57 -15.39
CA ASN A 117 -0.76 -4.33 -16.80
C ASN A 117 0.21 -5.38 -17.38
N LEU A 118 0.29 -5.37 -18.72
CA LEU A 118 1.05 -6.34 -19.51
C LEU A 118 2.46 -6.44 -18.98
N GLY A 119 3.04 -5.31 -18.65
CA GLY A 119 4.41 -5.28 -18.17
C GLY A 119 4.56 -5.91 -16.80
N LYS A 120 3.71 -5.55 -15.86
CA LYS A 120 3.76 -6.26 -14.58
C LYS A 120 3.58 -7.76 -14.82
N ALA A 121 2.60 -8.14 -15.64
CA ALA A 121 2.33 -9.58 -15.86
C ALA A 121 3.54 -10.29 -16.47
N LEU A 122 4.24 -9.64 -17.39
CA LEU A 122 5.39 -10.23 -18.05
C LEU A 122 6.52 -10.50 -17.07
N ARG A 123 6.82 -9.54 -16.20
CA ARG A 123 7.84 -9.73 -15.19
C ARG A 123 7.50 -10.97 -14.37
N ALA A 124 6.21 -11.24 -14.17
CA ALA A 124 5.81 -12.37 -13.31
C ALA A 124 6.13 -13.73 -13.95
N ILE A 125 6.19 -13.77 -15.28
CA ILE A 125 6.57 -15.02 -15.95
C ILE A 125 7.99 -14.91 -16.50
N GLY A 126 8.79 -14.00 -15.95
CA GLY A 126 10.23 -13.96 -16.23
C GLY A 126 10.65 -13.24 -17.50
N TYR A 127 9.74 -12.49 -18.12
CA TYR A 127 10.09 -11.63 -19.24
C TYR A 127 10.34 -10.18 -18.83
N ASP A 128 11.38 -9.57 -19.43
CA ASP A 128 11.68 -8.17 -19.27
C ASP A 128 10.78 -7.41 -20.24
N PRO A 129 9.94 -6.51 -19.71
CA PRO A 129 8.94 -5.80 -20.53
C PRO A 129 9.49 -4.53 -21.23
N ALA A 130 10.39 -4.74 -22.16
CA ALA A 130 11.02 -3.68 -22.92
C ALA A 130 9.99 -2.97 -23.80
N LEU A 131 9.98 -1.65 -23.76
CA LEU A 131 9.01 -0.83 -24.52
C LEU A 131 9.62 0.38 -25.28
N ILE A 132 9.15 0.57 -26.50
CA ILE A 132 9.52 1.66 -27.35
C ILE A 132 8.26 2.39 -27.74
N GLY A 133 8.30 3.71 -27.70
CA GLY A 133 7.22 4.55 -28.18
C GLY A 133 6.65 5.34 -27.03
N TYR A 134 5.45 5.00 -26.62
CA TYR A 134 4.70 5.77 -25.65
C TYR A 134 3.40 5.00 -25.31
N THR A 135 2.84 5.27 -24.13
CA THR A 135 1.54 4.68 -23.73
C THR A 135 0.49 5.78 -23.42
N THR A 136 0.93 7.05 -23.28
CA THR A 136 0.01 8.16 -22.98
C THR A 136 -0.79 7.87 -21.69
N THR A 137 -0.14 7.30 -20.67
CA THR A 137 -0.81 7.01 -19.40
C THR A 137 -0.65 8.15 -18.39
N THR A 138 -1.75 8.64 -17.82
CA THR A 138 -1.73 9.66 -16.74
C THR A 138 -1.65 8.88 -15.43
N PRO A 139 -0.64 9.14 -14.60
CA PRO A 139 -0.43 8.39 -13.36
C PRO A 139 -1.50 8.56 -12.27
N ASP A 140 -1.39 7.76 -11.23
CA ASP A 140 -2.34 7.71 -10.15
C ASP A 140 -2.02 8.74 -9.07
N PRO A 141 -2.92 9.74 -8.85
CA PRO A 141 -2.64 10.80 -7.92
C PRO A 141 -2.38 10.31 -6.50
N ARG A 142 -2.90 9.16 -6.12
CA ARG A 142 -2.77 8.68 -4.77
C ARG A 142 -1.42 8.11 -4.47
N THR A 143 -0.62 7.89 -5.51
CA THR A 143 0.72 7.33 -5.35
C THR A 143 1.81 8.24 -5.95
N THR A 144 1.46 9.42 -6.44
CA THR A 144 2.49 10.41 -6.76
C THR A 144 2.06 11.87 -6.50
N SER A 145 3.06 12.74 -6.35
CA SER A 145 2.84 14.12 -5.94
C SER A 145 2.10 14.93 -7.02
N ALA A 146 1.25 15.87 -6.61
CA ALA A 146 0.57 16.75 -7.56
C ALA A 146 1.52 17.60 -8.37
N ARG A 147 2.73 17.82 -7.87
CA ARG A 147 3.73 18.61 -8.58
C ARG A 147 4.54 17.80 -9.58
N ASP A 148 4.27 16.48 -9.59
CA ASP A 148 4.95 15.57 -10.48
C ASP A 148 4.77 16.09 -11.89
N PRO A 149 5.88 16.24 -12.60
CA PRO A 149 5.94 16.72 -13.95
C PRO A 149 5.04 16.00 -14.91
N ARG A 150 4.78 14.71 -14.69
CA ARG A 150 3.92 13.95 -15.58
C ARG A 150 2.48 14.40 -15.55
N PHE A 151 2.06 15.10 -14.50
CA PHE A 151 0.72 15.68 -14.51
C PHE A 151 0.63 16.97 -15.38
N THR A 152 1.74 17.27 -16.07
CA THR A 152 1.94 18.44 -16.91
C THR A 152 1.77 18.16 -18.40
N VAL A 153 1.79 16.88 -18.75
CA VAL A 153 1.73 16.42 -20.13
C VAL A 153 0.51 15.52 -20.29
N LEU A 154 0.16 15.25 -21.55
CA LEU A 154 -1.01 14.43 -21.93
C LEU A 154 -0.96 13.09 -21.18
N GLY A 155 0.24 12.51 -21.15
CA GLY A 155 0.47 11.26 -20.45
C GLY A 155 1.91 10.89 -20.63
N ASP A 156 2.28 9.79 -20.02
CA ASP A 156 3.67 9.33 -20.02
C ASP A 156 3.67 7.80 -19.98
N ILE A 157 4.85 7.22 -20.16
CA ILE A 157 4.99 5.78 -20.07
C ILE A 157 4.40 5.20 -18.78
N MET A 158 3.71 4.07 -18.94
CA MET A 158 3.02 3.36 -17.87
C MET A 158 4.01 2.70 -16.91
N ASP A 159 3.72 2.75 -15.61
CA ASP A 159 4.51 2.03 -14.61
C ASP A 159 4.57 0.56 -14.98
N GLY A 160 5.73 -0.05 -14.82
CA GLY A 160 5.84 -1.48 -15.00
C GLY A 160 6.51 -1.96 -16.28
N PHE A 161 7.02 -1.02 -17.07
CA PHE A 161 7.73 -1.37 -18.30
C PHE A 161 9.16 -0.83 -18.20
N ARG A 162 10.04 -1.42 -19.00
CA ARG A 162 11.37 -0.87 -19.21
C ARG A 162 11.42 -0.03 -20.50
N SER A 163 11.47 1.31 -20.34
CA SER A 163 11.60 2.23 -21.46
C SER A 163 12.97 2.05 -22.08
N VAL A 164 13.01 1.67 -23.37
CA VAL A 164 14.27 1.51 -24.12
C VAL A 164 14.31 2.35 -25.39
N GLY A 165 13.44 3.35 -25.46
CA GLY A 165 13.31 4.24 -26.61
C GLY A 165 12.03 5.09 -26.59
N ALA A 166 12.05 6.13 -25.75
CA ALA A 166 10.83 6.88 -25.37
C ALA A 166 10.57 8.08 -26.29
N PHE A 167 9.39 8.10 -26.90
CA PHE A 167 8.94 9.35 -27.52
C PHE A 167 8.98 10.46 -26.46
N GLU A 168 8.78 10.05 -25.21
CA GLU A 168 9.00 10.90 -24.05
C GLU A 168 7.81 11.86 -24.04
N PRO A 169 7.77 12.79 -23.06
CA PRO A 169 6.78 13.84 -23.16
C PRO A 169 7.34 15.01 -23.98
N ASN A 170 6.43 15.71 -24.68
CA ASN A 170 6.81 16.75 -25.64
C ASN A 170 7.75 16.25 -26.77
N MET A 171 7.86 14.92 -26.89
CA MET A 171 8.62 14.28 -27.94
C MET A 171 10.09 14.61 -27.84
N GLU A 172 10.60 14.81 -26.63
CA GLU A 172 12.00 15.24 -26.49
C GLU A 172 12.96 14.13 -26.85
N GLY A 173 12.59 12.90 -26.53
CA GLY A 173 13.43 11.78 -26.84
C GLY A 173 13.84 11.76 -28.29
N TYR A 174 12.89 12.10 -29.18
CA TYR A 174 13.08 12.10 -30.65
C TYR A 174 13.84 13.32 -31.06
N PHE A 175 13.36 14.46 -30.60
CA PHE A 175 13.95 15.70 -31.02
C PHE A 175 15.43 15.73 -30.63
N GLY A 176 15.75 15.40 -29.40
CA GLY A 176 17.16 15.31 -28.97
C GLY A 176 17.97 14.37 -29.86
N TRP A 177 17.39 13.24 -30.22
CA TRP A 177 18.03 12.33 -31.18
C TRP A 177 18.30 13.01 -32.53
N VAL A 178 17.34 13.80 -33.05
CA VAL A 178 17.57 14.58 -34.28
C VAL A 178 18.68 15.57 -34.06
N ALA A 179 18.59 16.37 -32.99
CA ALA A 179 19.65 17.37 -32.71
C ALA A 179 21.04 16.74 -32.58
N GLN A 180 21.11 15.62 -31.86
CA GLN A 180 22.39 14.99 -31.57
C GLN A 180 22.97 14.41 -32.85
N ASN A 181 22.10 14.00 -33.78
CA ASN A 181 22.55 13.55 -35.09
C ASN A 181 23.08 14.72 -35.95
N GLY A 182 23.03 15.96 -35.46
CA GLY A 182 23.59 17.11 -36.17
C GLY A 182 22.64 17.86 -37.09
N PHE A 183 21.38 17.47 -37.11
CA PHE A 183 20.39 18.18 -37.89
C PHE A 183 19.94 19.44 -37.15
N GLU A 184 20.08 20.60 -37.78
CA GLU A 184 19.63 21.87 -37.19
C GLU A 184 18.11 21.93 -37.12
N LEU A 185 17.58 22.03 -35.91
CA LEU A 185 16.13 22.16 -35.70
C LEU A 185 15.68 23.61 -35.72
N PRO A 186 14.45 23.86 -36.20
CA PRO A 186 13.91 25.24 -36.15
C PRO A 186 13.61 25.75 -34.73
N GLU A 187 13.46 27.08 -34.56
CA GLU A 187 13.02 27.67 -33.30
C GLU A 187 11.92 26.83 -32.71
N ASN A 188 10.74 26.80 -33.34
CA ASN A 188 9.71 25.86 -32.95
C ASN A 188 9.95 24.49 -33.62
N ARG A 189 10.47 23.53 -32.86
CA ARG A 189 10.84 22.20 -33.36
C ARG A 189 9.83 21.50 -34.29
N GLU A 190 8.55 21.66 -33.98
CA GLU A 190 7.51 20.93 -34.71
C GLU A 190 7.35 21.51 -36.11
N ASP A 191 8.04 22.61 -36.39
CA ASP A 191 8.06 23.15 -37.74
C ASP A 191 8.84 22.29 -38.74
N ILE A 192 9.44 21.18 -38.29
CA ILE A 192 9.96 20.19 -39.23
C ILE A 192 8.84 19.62 -40.11
N TRP A 193 7.60 19.61 -39.59
CA TRP A 193 6.45 19.09 -40.31
C TRP A 193 5.64 20.20 -41.01
N LEU A 194 6.18 21.42 -41.05
CA LEU A 194 5.74 22.41 -42.07
C LEU A 194 6.12 21.81 -43.43
N PRO A 195 5.30 22.01 -44.48
CA PRO A 195 5.70 21.44 -45.78
C PRO A 195 6.81 22.26 -46.45
N GLU A 196 7.66 21.60 -47.24
CA GLU A 196 8.79 22.26 -47.91
C GLU A 196 8.35 23.49 -48.70
N GLY A 197 9.21 24.52 -48.72
CA GLY A 197 8.99 25.74 -49.50
C GLY A 197 8.37 26.87 -48.67
N GLU A 198 9.02 28.02 -48.66
CA GLU A 198 8.38 29.20 -48.09
C GLU A 198 7.08 29.81 -48.68
N HIS A 199 6.65 29.26 -49.83
CA HIS A 199 5.36 29.60 -50.44
C HIS A 199 4.37 28.45 -50.46
N SER A 200 4.70 27.35 -49.76
CA SER A 200 3.83 26.17 -49.72
C SER A 200 2.75 26.31 -48.68
N VAL A 201 1.49 26.21 -49.11
CA VAL A 201 0.32 26.29 -48.24
C VAL A 201 0.29 25.12 -47.21
N PRO A 202 0.26 25.45 -45.89
CA PRO A 202 -0.03 24.43 -44.88
C PRO A 202 -1.41 23.86 -45.05
N GLY A 203 -1.55 22.57 -44.79
CA GLY A 203 -2.78 21.83 -45.06
C GLY A 203 -2.45 20.56 -45.81
N ALA A 204 -3.50 19.91 -46.32
CA ALA A 204 -3.32 18.80 -47.22
C ALA A 204 -2.31 19.26 -48.26
N THR A 205 -1.16 18.60 -48.32
CA THR A 205 -0.08 19.05 -49.18
C THR A 205 0.50 17.91 -49.99
N ASP A 206 1.08 18.28 -51.14
CA ASP A 206 1.78 17.31 -51.98
C ASP A 206 3.30 17.47 -51.85
N LYS A 207 3.71 18.39 -50.98
CA LYS A 207 5.12 18.72 -50.79
C LYS A 207 5.62 17.87 -49.61
N PRO A 208 6.96 17.60 -49.54
CA PRO A 208 7.52 16.84 -48.43
C PRO A 208 7.59 17.64 -47.14
N SER A 209 7.91 16.95 -46.04
CA SER A 209 8.21 17.60 -44.77
C SER A 209 9.59 18.22 -44.81
N ARG A 210 9.85 19.14 -43.90
CA ARG A 210 11.16 19.75 -43.86
C ARG A 210 12.23 18.92 -43.13
N ILE A 211 12.01 17.62 -42.90
CA ILE A 211 13.04 16.77 -42.31
C ILE A 211 13.28 15.52 -43.16
N PRO A 212 14.55 15.12 -43.33
CA PRO A 212 14.79 13.98 -44.16
C PRO A 212 14.42 12.70 -43.46
N LYS A 213 14.26 11.66 -44.25
CA LYS A 213 13.68 10.40 -43.78
C LYS A 213 14.66 9.70 -42.85
N GLU A 214 15.94 9.96 -43.02
CA GLU A 214 16.90 9.35 -42.11
C GLU A 214 16.79 9.93 -40.70
N PHE A 215 16.07 11.05 -40.52
CA PHE A 215 15.78 11.55 -39.17
C PHE A 215 14.27 11.62 -38.87
N SER A 216 13.50 10.74 -39.48
CA SER A 216 12.07 10.70 -39.25
C SER A 216 11.83 10.10 -37.90
N ASP A 217 10.68 10.37 -37.34
CA ASP A 217 10.31 9.70 -36.09
C ASP A 217 10.25 8.17 -36.30
N SER A 218 9.69 7.70 -37.39
CA SER A 218 9.68 6.27 -37.62
C SER A 218 11.10 5.70 -37.69
N THR A 219 12.06 6.43 -38.25
CA THR A 219 13.41 5.91 -38.34
C THR A 219 13.97 5.77 -36.93
N PHE A 220 13.65 6.75 -36.10
CA PHE A 220 14.08 6.80 -34.72
C PHE A 220 13.64 5.57 -33.95
N PHE A 221 12.32 5.35 -33.90
CA PHE A 221 11.79 4.21 -33.15
C PHE A 221 12.46 2.91 -33.62
N THR A 222 12.70 2.82 -34.94
CA THR A 222 13.28 1.62 -35.55
C THR A 222 14.70 1.42 -35.11
N GLU A 223 15.40 2.52 -34.87
CA GLU A 223 16.80 2.45 -34.51
C GLU A 223 16.89 2.00 -33.04
N ARG A 224 15.97 2.47 -32.20
CA ARG A 224 15.86 1.98 -30.81
C ARG A 224 15.56 0.50 -30.80
N ALA A 225 14.62 0.08 -31.67
CA ALA A 225 14.26 -1.33 -31.76
C ALA A 225 15.52 -2.17 -32.11
N LEU A 226 16.26 -1.75 -33.15
CA LEU A 226 17.44 -2.50 -33.58
C LEU A 226 18.51 -2.46 -32.46
N THR A 227 18.65 -1.33 -31.76
CA THR A 227 19.63 -1.26 -30.67
C THR A 227 19.25 -2.27 -29.59
N TYR A 228 17.99 -2.21 -29.15
CA TYR A 228 17.50 -3.14 -28.13
C TYR A 228 17.76 -4.60 -28.53
N LEU A 229 17.35 -4.96 -29.75
CA LEU A 229 17.43 -6.35 -30.20
C LEU A 229 18.86 -6.86 -30.26
N LYS A 230 19.77 -6.01 -30.75
CA LYS A 230 21.17 -6.34 -30.85
C LYS A 230 21.82 -6.42 -29.47
N GLY A 231 21.33 -5.60 -28.53
CA GLY A 231 21.77 -5.68 -27.15
C GLY A 231 21.37 -7.01 -26.53
N ARG A 232 20.15 -7.46 -26.80
CA ARG A 232 19.71 -8.76 -26.27
C ARG A 232 20.63 -9.91 -26.65
N ASP A 233 21.19 -9.87 -27.87
CA ASP A 233 22.21 -10.85 -28.28
C ASP A 233 21.65 -12.25 -28.13
N GLY A 234 20.49 -12.47 -28.76
CA GLY A 234 19.88 -13.77 -28.82
C GLY A 234 19.07 -14.19 -27.62
N LYS A 235 19.28 -13.59 -26.46
CA LYS A 235 18.48 -13.99 -25.32
C LYS A 235 17.00 -13.69 -25.62
N PRO A 236 16.06 -14.43 -24.97
CA PRO A 236 14.63 -14.24 -25.21
C PRO A 236 14.15 -12.86 -24.85
N PHE A 237 13.07 -12.44 -25.49
CA PHE A 237 12.72 -11.02 -25.45
C PHE A 237 11.22 -10.74 -25.59
N PHE A 238 10.73 -9.77 -24.82
CA PHE A 238 9.48 -9.11 -25.16
C PHE A 238 9.81 -7.70 -25.65
N LEU A 239 9.16 -7.23 -26.71
CA LEU A 239 9.32 -5.84 -27.08
C LEU A 239 8.08 -5.26 -27.68
N HIS A 240 7.65 -4.14 -27.09
CA HIS A 240 6.55 -3.32 -27.60
C HIS A 240 7.23 -2.28 -28.51
N LEU A 241 7.05 -2.46 -29.81
CA LEU A 241 7.66 -1.55 -30.74
C LEU A 241 6.59 -0.57 -31.16
N GLY A 242 6.55 0.61 -30.55
CA GLY A 242 5.51 1.57 -30.85
C GLY A 242 5.96 2.45 -32.01
N TYR A 243 5.05 2.80 -32.92
CA TYR A 243 5.33 3.85 -33.89
C TYR A 243 4.31 4.95 -33.71
N TYR A 244 4.71 6.17 -34.02
CA TYR A 244 3.82 7.28 -33.90
C TYR A 244 2.95 7.31 -35.12
N ARG A 245 3.50 6.92 -36.27
CA ARG A 245 2.77 7.02 -37.55
C ARG A 245 1.82 5.86 -37.69
N PRO A 246 0.77 6.04 -38.50
CA PRO A 246 0.37 7.25 -39.24
C PRO A 246 -0.42 8.35 -38.46
N HIS A 247 -0.25 8.46 -37.14
CA HIS A 247 -0.68 9.66 -36.41
C HIS A 247 -0.30 10.87 -37.28
N PRO A 248 -1.11 11.92 -37.25
CA PRO A 248 -0.70 13.19 -37.84
C PRO A 248 0.48 13.83 -37.08
N PRO A 249 1.11 14.87 -37.67
CA PRO A 249 0.70 15.60 -38.89
C PRO A 249 0.77 14.75 -40.16
N PHE A 250 -0.13 15.05 -41.09
CA PHE A 250 -0.18 14.33 -42.34
C PHE A 250 0.81 14.97 -43.32
N VAL A 251 2.07 14.65 -43.12
CA VAL A 251 3.18 15.15 -43.90
C VAL A 251 4.27 14.07 -43.84
N ALA A 252 5.00 13.90 -44.94
CA ALA A 252 5.95 12.79 -45.06
C ALA A 252 7.31 13.30 -45.52
N SER A 253 8.36 12.69 -44.99
CA SER A 253 9.71 12.86 -45.53
C SER A 253 9.78 12.40 -46.99
N ALA A 254 10.67 13.01 -47.74
CA ALA A 254 10.92 12.52 -49.10
C ALA A 254 11.45 11.09 -49.01
N PRO A 255 11.00 10.20 -49.90
CA PRO A 255 10.13 10.31 -51.09
C PRO A 255 8.64 10.06 -50.87
N TYR A 256 8.26 9.79 -49.64
CA TYR A 256 6.96 9.25 -49.35
C TYR A 256 5.83 10.26 -49.59
N HIS A 257 6.13 11.54 -49.53
CA HIS A 257 5.15 12.57 -49.87
C HIS A 257 4.54 12.38 -51.27
N ALA A 258 5.36 11.98 -52.25
CA ALA A 258 4.97 11.92 -53.66
C ALA A 258 4.59 10.51 -54.11
N MET A 259 5.05 9.52 -53.35
CA MET A 259 4.94 8.12 -53.71
C MET A 259 3.55 7.75 -54.26
N TYR A 260 2.52 8.32 -53.69
CA TYR A 260 1.16 7.95 -54.01
C TYR A 260 0.38 9.16 -54.47
N LYS A 261 -0.66 8.91 -55.25
CA LYS A 261 -1.33 9.92 -56.04
C LYS A 261 -2.75 10.08 -55.47
N ALA A 262 -3.20 11.33 -55.43
CA ALA A 262 -4.52 11.70 -54.91
C ALA A 262 -5.66 11.23 -55.82
N GLU A 263 -5.38 11.10 -57.10
CA GLU A 263 -6.36 10.56 -58.05
C GLU A 263 -6.59 9.04 -57.86
N ASP A 264 -5.66 8.32 -57.23
CA ASP A 264 -5.84 6.87 -57.01
C ASP A 264 -6.25 6.47 -55.58
N MET A 265 -6.76 7.45 -54.81
CA MET A 265 -7.22 7.19 -53.44
C MET A 265 -8.73 6.93 -53.42
N PRO A 266 -9.20 6.08 -52.48
CA PRO A 266 -10.66 5.97 -52.28
C PRO A 266 -11.30 7.28 -51.87
N ALA A 267 -12.50 7.53 -52.38
CA ALA A 267 -13.25 8.69 -51.95
C ALA A 267 -13.78 8.54 -50.50
N PRO A 268 -13.88 9.67 -49.77
CA PRO A 268 -14.55 9.75 -48.50
C PRO A 268 -15.99 9.32 -48.62
N ILE A 269 -16.49 8.60 -47.63
CA ILE A 269 -17.91 8.32 -47.50
C ILE A 269 -18.48 9.31 -46.47
N ARG A 270 -19.33 10.22 -46.96
CA ARG A 270 -19.92 11.28 -46.13
C ARG A 270 -21.31 11.72 -46.60
N ALA A 271 -22.03 12.41 -45.71
CA ALA A 271 -23.34 12.94 -46.04
C ALA A 271 -23.27 14.06 -47.08
N GLU A 272 -24.42 14.70 -47.30
CA GLU A 272 -24.56 15.77 -48.30
C GLU A 272 -23.61 16.93 -47.99
N ASN A 273 -23.64 17.37 -46.75
CA ASN A 273 -22.77 18.44 -46.31
C ASN A 273 -22.61 18.31 -44.77
N PRO A 274 -21.75 19.13 -44.16
CA PRO A 274 -21.55 19.04 -42.73
C PRO A 274 -22.86 18.96 -41.92
N ASP A 275 -23.77 19.90 -42.17
CA ASP A 275 -25.00 20.01 -41.41
C ASP A 275 -25.88 18.79 -41.54
N ALA A 276 -26.01 18.25 -42.75
CA ALA A 276 -26.79 17.03 -42.91
C ALA A 276 -26.27 16.01 -41.90
N GLU A 277 -24.94 15.87 -41.81
CA GLU A 277 -24.34 14.93 -40.87
C GLU A 277 -24.47 15.36 -39.42
N ALA A 278 -24.35 16.66 -39.18
CA ALA A 278 -24.43 17.22 -37.82
C ALA A 278 -25.76 16.83 -37.21
N ALA A 279 -26.79 16.93 -38.04
CA ALA A 279 -28.16 16.68 -37.66
C ALA A 279 -28.45 15.26 -37.14
N GLN A 280 -27.52 14.31 -37.33
CA GLN A 280 -27.78 12.91 -36.90
C GLN A 280 -27.88 12.75 -35.39
N HIS A 281 -27.04 13.49 -34.67
CA HIS A 281 -26.90 13.35 -33.23
C HIS A 281 -26.11 14.55 -32.71
N PRO A 282 -26.46 15.03 -31.50
CA PRO A 282 -25.77 16.18 -30.87
C PRO A 282 -24.25 16.06 -30.65
N LEU A 283 -23.72 14.84 -30.57
CA LEU A 283 -22.28 14.63 -30.44
C LEU A 283 -21.63 14.80 -31.80
N MET A 284 -22.26 14.26 -32.84
CA MET A 284 -21.76 14.50 -34.18
C MET A 284 -21.70 16.00 -34.40
N LYS A 285 -22.75 16.71 -34.01
CA LYS A 285 -22.73 18.15 -34.14
C LYS A 285 -21.50 18.71 -33.45
N HIS A 286 -21.29 18.31 -32.20
CA HIS A 286 -20.15 18.86 -31.47
C HIS A 286 -18.84 18.72 -32.25
N TYR A 287 -18.58 17.53 -32.75
CA TYR A 287 -17.33 17.25 -33.40
C TYR A 287 -17.21 17.93 -34.79
N ILE A 288 -18.28 17.96 -35.58
CA ILE A 288 -18.26 18.68 -36.86
C ILE A 288 -18.00 20.14 -36.56
N ASP A 289 -18.65 20.64 -35.52
CA ASP A 289 -18.56 22.04 -35.17
C ASP A 289 -17.20 22.46 -34.56
N HIS A 290 -16.31 21.51 -34.23
CA HIS A 290 -15.09 21.85 -33.46
C HIS A 290 -13.77 21.27 -33.92
N ILE A 291 -13.78 20.17 -34.67
CA ILE A 291 -12.52 19.61 -35.15
C ILE A 291 -11.86 20.65 -36.10
N ARG A 292 -10.58 20.94 -35.84
CA ARG A 292 -9.85 21.93 -36.62
C ARG A 292 -8.73 21.25 -37.43
N ARG A 293 -8.31 21.91 -38.51
CA ARG A 293 -7.35 21.33 -39.47
C ARG A 293 -5.91 21.28 -38.95
N GLY A 294 -5.58 22.21 -38.06
CA GLY A 294 -4.26 22.28 -37.41
C GLY A 294 -3.87 21.06 -36.58
N SER A 295 -4.86 20.34 -36.06
CA SER A 295 -4.68 19.04 -35.41
C SER A 295 -4.36 17.90 -36.39
N PHE A 296 -4.24 18.18 -37.67
CA PHE A 296 -4.02 17.13 -38.64
C PHE A 296 -3.02 17.53 -39.72
N PHE A 297 -2.89 18.83 -39.95
CA PHE A 297 -1.77 19.41 -40.72
C PHE A 297 -1.15 20.58 -39.98
N HIS A 298 0.17 20.58 -39.83
CA HIS A 298 0.85 21.54 -38.94
C HIS A 298 0.79 22.95 -39.52
N GLY A 299 0.29 23.88 -38.72
CA GLY A 299 0.20 25.27 -39.13
C GLY A 299 -1.03 25.61 -39.96
N ALA A 300 -1.82 24.60 -40.34
CA ALA A 300 -3.06 24.86 -41.08
C ALA A 300 -4.17 25.36 -40.13
N GLU A 301 -5.22 25.90 -40.71
CA GLU A 301 -6.40 26.28 -39.93
C GLU A 301 -7.63 26.42 -40.81
N GLY A 302 -8.78 26.47 -40.17
CA GLY A 302 -10.05 26.27 -40.85
C GLY A 302 -10.68 25.02 -40.26
N SER A 303 -11.79 24.58 -40.84
CA SER A 303 -12.61 23.52 -40.21
C SER A 303 -12.27 22.15 -40.80
N GLY A 304 -12.20 21.15 -39.92
CA GLY A 304 -11.97 19.77 -40.36
C GLY A 304 -13.05 19.30 -41.32
N ALA A 305 -14.29 19.70 -41.06
CA ALA A 305 -15.44 19.29 -41.85
C ALA A 305 -15.47 19.85 -43.27
N THR A 306 -14.95 21.06 -43.45
CA THR A 306 -15.11 21.80 -44.69
C THR A 306 -14.01 21.53 -45.74
N LEU A 307 -13.26 20.44 -45.59
CA LEU A 307 -12.23 20.11 -46.59
C LEU A 307 -12.98 19.63 -47.78
N ASP A 308 -12.53 19.92 -48.99
CA ASP A 308 -13.18 19.32 -50.15
C ASP A 308 -12.58 17.93 -50.41
N GLU A 309 -13.30 17.15 -51.20
CA GLU A 309 -12.91 15.79 -51.53
C GLU A 309 -11.51 15.71 -52.17
N GLY A 310 -11.14 16.74 -52.93
CA GLY A 310 -9.80 16.84 -53.52
C GLY A 310 -8.73 16.86 -52.44
N GLU A 311 -8.94 17.70 -51.43
CA GLU A 311 -7.99 17.81 -50.33
C GLU A 311 -7.95 16.53 -49.54
N ILE A 312 -9.12 16.02 -49.16
CA ILE A 312 -9.16 14.76 -48.41
C ILE A 312 -8.37 13.66 -49.10
N ARG A 313 -8.40 13.62 -50.43
CA ARG A 313 -7.69 12.55 -51.11
C ARG A 313 -6.21 12.75 -51.08
N GLN A 314 -5.77 14.00 -51.23
CA GLN A 314 -4.36 14.32 -51.10
C GLN A 314 -3.88 13.83 -49.73
N MET A 315 -4.59 14.22 -48.68
CA MET A 315 -4.29 13.72 -47.33
C MET A 315 -4.12 12.20 -47.33
N ARG A 316 -5.06 11.52 -47.96
CA ARG A 316 -5.07 10.07 -47.94
C ARG A 316 -3.80 9.54 -48.60
N ALA A 317 -3.33 10.25 -49.63
CA ALA A 317 -2.04 9.96 -50.26
C ALA A 317 -0.85 10.12 -49.28
N THR A 318 -0.80 11.21 -48.54
CA THR A 318 0.25 11.38 -47.54
C THR A 318 0.29 10.19 -46.53
N TYR A 319 -0.90 9.91 -45.98
CA TYR A 319 -1.12 8.83 -45.01
C TYR A 319 -0.56 7.51 -45.53
N CYS A 320 -0.92 7.12 -46.75
CA CYS A 320 -0.37 5.88 -47.34
C CYS A 320 1.16 5.94 -47.39
N GLY A 321 1.68 7.11 -47.75
CA GLY A 321 3.12 7.33 -47.72
C GLY A 321 3.75 7.00 -46.38
N LEU A 322 3.25 7.63 -45.31
CA LEU A 322 3.70 7.37 -43.91
C LEU A 322 3.56 5.88 -43.55
N ILE A 323 2.44 5.28 -43.99
CA ILE A 323 2.23 3.84 -43.91
C ILE A 323 3.35 3.05 -44.61
N THR A 324 3.62 3.35 -45.87
CA THR A 324 4.74 2.69 -46.58
C THR A 324 6.08 2.91 -45.84
N GLU A 325 6.36 4.14 -45.37
CA GLU A 325 7.59 4.39 -44.58
C GLU A 325 7.72 3.46 -43.36
N ILE A 326 6.62 3.23 -42.64
CA ILE A 326 6.63 2.24 -41.54
C ILE A 326 7.02 0.84 -42.07
N ASP A 327 6.43 0.45 -43.21
CA ASP A 327 6.72 -0.85 -43.79
C ASP A 327 8.21 -1.00 -44.11
N ASP A 328 8.80 0.01 -44.75
CA ASP A 328 10.24 0.00 -45.00
C ASP A 328 10.97 -0.22 -43.68
N CYS A 329 10.49 0.42 -42.61
CA CYS A 329 11.16 0.32 -41.34
C CYS A 329 11.13 -1.08 -40.79
N LEU A 330 9.99 -1.74 -40.93
CA LEU A 330 9.81 -3.08 -40.36
C LEU A 330 10.68 -4.11 -41.06
N GLY A 331 10.82 -3.94 -42.39
CA GLY A 331 11.86 -4.61 -43.20
C GLY A 331 13.19 -4.60 -42.46
N ARG A 332 13.60 -3.45 -41.97
CA ARG A 332 14.89 -3.40 -41.26
C ARG A 332 14.86 -4.27 -40.01
N VAL A 333 13.78 -4.16 -39.24
CA VAL A 333 13.64 -4.97 -38.03
C VAL A 333 13.48 -6.46 -38.36
N PHE A 334 12.71 -6.80 -39.41
CA PHE A 334 12.56 -8.20 -39.79
C PHE A 334 13.89 -8.77 -40.31
N ALA A 335 14.55 -8.02 -41.19
CA ALA A 335 15.90 -8.41 -41.67
C ALA A 335 16.79 -8.87 -40.51
N TYR A 336 16.84 -8.09 -39.44
CA TYR A 336 17.72 -8.47 -38.37
C TYR A 336 17.27 -9.78 -37.74
N LEU A 337 15.96 -9.98 -37.68
CA LEU A 337 15.44 -11.21 -37.08
C LEU A 337 15.88 -12.42 -37.90
N ASP A 338 15.78 -12.29 -39.22
CA ASP A 338 16.23 -13.34 -40.17
C ASP A 338 17.72 -13.66 -39.99
N GLU A 339 18.55 -12.62 -40.01
CA GLU A 339 20.01 -12.77 -39.83
C GLU A 339 20.39 -13.57 -38.60
N THR A 340 19.70 -13.30 -37.50
CA THR A 340 20.09 -13.86 -36.19
C THR A 340 19.31 -15.16 -35.85
N GLY A 341 18.54 -15.65 -36.82
CA GLY A 341 17.88 -16.94 -36.70
C GLY A 341 16.71 -16.93 -35.76
N GLN A 342 16.12 -15.76 -35.55
CA GLN A 342 15.08 -15.61 -34.54
C GLN A 342 13.65 -15.55 -35.11
N TRP A 343 13.52 -15.38 -36.44
CA TRP A 343 12.19 -15.11 -37.03
C TRP A 343 11.18 -16.20 -36.70
N ASP A 344 11.62 -17.45 -36.77
CA ASP A 344 10.72 -18.58 -36.61
C ASP A 344 10.37 -18.86 -35.11
N ASP A 345 11.04 -18.16 -34.19
CA ASP A 345 10.75 -18.26 -32.75
C ASP A 345 9.90 -17.13 -32.16
N THR A 346 9.50 -16.19 -33.01
CA THR A 346 9.06 -14.89 -32.54
C THR A 346 7.61 -14.75 -32.92
N LEU A 347 6.76 -14.71 -31.89
CA LEU A 347 5.35 -14.38 -32.09
C LEU A 347 5.35 -12.88 -32.42
N ILE A 348 4.88 -12.56 -33.61
CA ILE A 348 4.85 -11.19 -34.06
C ILE A 348 3.41 -10.78 -34.19
N ILE A 349 3.06 -9.72 -33.46
CA ILE A 349 1.71 -9.20 -33.47
C ILE A 349 1.71 -7.77 -34.01
N PHE A 350 0.96 -7.55 -35.05
CA PHE A 350 0.87 -6.24 -35.65
C PHE A 350 -0.52 -5.67 -35.37
N THR A 351 -0.59 -4.47 -34.81
CA THR A 351 -1.89 -3.89 -34.49
C THR A 351 -1.79 -2.36 -34.35
N SER A 352 -2.91 -1.70 -34.14
CA SER A 352 -2.95 -0.23 -34.00
C SER A 352 -3.76 0.12 -32.78
N ASP A 353 -3.42 1.19 -32.06
CA ASP A 353 -4.25 1.51 -30.88
C ASP A 353 -5.69 1.87 -31.26
N HIS A 354 -5.85 2.61 -32.36
CA HIS A 354 -7.15 3.00 -32.86
C HIS A 354 -7.10 3.35 -34.32
N GLY A 355 -8.27 3.62 -34.88
CA GLY A 355 -8.41 4.04 -36.27
C GLY A 355 -8.35 5.54 -36.49
N GLU A 356 -9.07 6.00 -37.50
CA GLU A 356 -9.01 7.38 -37.94
C GLU A 356 -10.03 7.56 -39.04
N GLN A 357 -10.82 8.64 -38.96
CA GLN A 357 -11.89 8.90 -39.91
C GLN A 357 -11.40 9.22 -41.35
N LEU A 358 -10.37 10.06 -41.47
CA LEU A 358 -9.77 10.38 -42.77
C LEU A 358 -10.75 11.16 -43.63
N GLY A 359 -11.67 11.89 -42.99
CA GLY A 359 -12.74 12.63 -43.69
C GLY A 359 -14.06 11.86 -43.86
N ASP A 360 -14.05 10.55 -43.61
CA ASP A 360 -15.31 9.82 -43.55
C ASP A 360 -16.25 10.52 -42.56
N HIS A 361 -17.49 10.70 -42.98
CA HIS A 361 -18.48 11.46 -42.20
C HIS A 361 -18.08 12.93 -41.86
N HIS A 362 -17.21 13.52 -42.67
CA HIS A 362 -16.74 14.92 -42.51
C HIS A 362 -15.92 15.08 -41.22
N LEU A 363 -15.53 13.94 -40.62
CA LEU A 363 -14.73 13.93 -39.41
C LEU A 363 -13.25 13.67 -39.75
N LEU A 364 -12.39 14.30 -38.94
CA LEU A 364 -10.98 13.98 -38.81
C LEU A 364 -10.71 13.56 -37.36
N GLY A 365 -9.87 12.53 -37.18
CA GLY A 365 -9.49 12.07 -35.85
C GLY A 365 -10.10 10.73 -35.45
N LYS A 366 -10.08 10.44 -34.15
CA LYS A 366 -10.64 9.21 -33.61
C LYS A 366 -11.57 9.61 -32.49
N ILE A 367 -12.84 9.84 -32.84
CA ILE A 367 -13.84 10.27 -31.87
C ILE A 367 -15.15 9.60 -32.18
N GLY A 368 -16.08 9.75 -31.25
CA GLY A 368 -17.47 9.45 -31.52
C GLY A 368 -17.78 7.97 -31.55
N TYR A 369 -18.57 7.55 -32.54
CA TYR A 369 -19.13 6.17 -32.56
C TYR A 369 -18.96 5.47 -33.91
N ASN A 370 -18.62 6.22 -34.95
CA ASN A 370 -18.46 5.70 -36.29
C ASN A 370 -17.40 4.62 -36.31
N ALA A 371 -17.66 3.54 -37.03
CA ALA A 371 -16.78 2.38 -37.06
C ALA A 371 -15.33 2.66 -37.50
N GLU A 372 -15.10 3.61 -38.40
CA GLU A 372 -13.71 3.89 -38.82
C GLU A 372 -12.73 4.41 -37.72
N SER A 373 -13.26 4.90 -36.59
CA SER A 373 -12.41 5.29 -35.44
C SER A 373 -11.97 4.06 -34.65
N PHE A 374 -12.73 2.98 -34.75
CA PHE A 374 -12.56 1.84 -33.85
C PHE A 374 -11.96 0.56 -34.52
N ARG A 375 -12.34 0.33 -35.76
CA ARG A 375 -11.82 -0.79 -36.50
C ARG A 375 -10.34 -0.54 -36.74
N ILE A 376 -9.52 -1.49 -36.25
CA ILE A 376 -8.06 -1.48 -36.37
C ILE A 376 -7.61 -2.82 -36.94
N PRO A 377 -6.36 -2.92 -37.40
CA PRO A 377 -5.76 -4.17 -37.84
C PRO A 377 -5.22 -5.07 -36.73
N LEU A 378 -5.17 -6.35 -37.02
CA LEU A 378 -4.50 -7.32 -36.19
C LEU A 378 -4.01 -8.42 -37.08
N VAL A 379 -2.72 -8.70 -37.02
CA VAL A 379 -2.12 -9.81 -37.75
C VAL A 379 -1.17 -10.52 -36.81
N ILE A 380 -1.30 -11.83 -36.67
CA ILE A 380 -0.49 -12.56 -35.70
C ILE A 380 0.25 -13.62 -36.46
N LYS A 381 1.57 -13.60 -36.38
CA LYS A 381 2.42 -14.69 -36.91
C LYS A 381 2.95 -15.46 -35.71
N ASP A 382 2.59 -16.74 -35.66
CA ASP A 382 3.02 -17.63 -34.59
C ASP A 382 4.46 -17.99 -34.88
N ALA A 383 5.02 -18.82 -34.01
CA ALA A 383 6.31 -19.44 -34.26
C ALA A 383 6.19 -20.50 -35.36
N GLY A 384 7.35 -20.94 -35.85
CA GLY A 384 7.44 -22.02 -36.83
C GLY A 384 6.56 -21.75 -38.02
N GLN A 385 6.11 -22.81 -38.68
CA GLN A 385 5.19 -22.68 -39.81
C GLN A 385 3.78 -22.58 -39.25
N ASN A 386 3.06 -21.56 -39.71
CA ASN A 386 1.71 -21.27 -39.23
C ASN A 386 0.69 -22.17 -39.89
N ARG A 387 -0.11 -22.79 -39.07
CA ARG A 387 -1.17 -23.66 -39.55
C ARG A 387 -2.18 -22.86 -40.38
N HIS A 388 -2.33 -21.56 -40.14
CA HIS A 388 -3.37 -20.79 -40.83
C HIS A 388 -2.76 -19.72 -41.70
N ALA A 389 -1.52 -19.93 -42.12
CA ALA A 389 -0.80 -18.94 -42.89
C ALA A 389 -1.64 -18.40 -44.02
N GLY A 390 -1.67 -17.08 -44.17
CA GLY A 390 -2.40 -16.47 -45.29
C GLY A 390 -3.92 -16.38 -45.19
N GLN A 391 -4.52 -17.06 -44.23
CA GLN A 391 -5.96 -17.08 -44.07
C GLN A 391 -6.45 -15.77 -43.46
N ILE A 392 -7.75 -15.51 -43.52
CA ILE A 392 -8.33 -14.27 -42.99
C ILE A 392 -9.49 -14.58 -42.03
N GLU A 393 -9.22 -14.44 -40.74
CA GLU A 393 -10.19 -14.66 -39.67
C GLU A 393 -11.32 -13.61 -39.62
N GLU A 394 -12.52 -14.12 -39.42
CA GLU A 394 -13.74 -13.33 -39.47
C GLU A 394 -14.32 -13.08 -38.08
N GLY A 395 -13.91 -13.89 -37.11
CA GLY A 395 -14.42 -13.79 -35.74
C GLY A 395 -14.22 -12.41 -35.13
N PHE A 396 -15.05 -12.10 -34.15
CA PHE A 396 -15.06 -10.78 -33.60
C PHE A 396 -13.96 -10.62 -32.53
N SER A 397 -12.83 -10.01 -32.91
CA SER A 397 -11.74 -9.78 -31.97
C SER A 397 -11.76 -8.34 -31.43
N GLU A 398 -11.27 -8.20 -30.19
CA GLU A 398 -11.19 -6.89 -29.57
C GLU A 398 -9.77 -6.66 -28.99
N SER A 399 -9.28 -5.41 -29.04
CA SER A 399 -7.98 -5.06 -28.47
C SER A 399 -7.65 -5.66 -27.08
N ILE A 400 -8.65 -5.80 -26.21
CA ILE A 400 -8.50 -6.40 -24.87
C ILE A 400 -8.03 -7.87 -24.88
N ASP A 401 -8.20 -8.54 -26.02
CA ASP A 401 -7.77 -9.92 -26.19
C ASP A 401 -6.24 -10.05 -26.37
N VAL A 402 -5.56 -8.96 -26.70
CA VAL A 402 -4.15 -9.09 -27.10
C VAL A 402 -3.27 -9.53 -25.94
N MET A 403 -3.47 -8.91 -24.79
CA MET A 403 -2.66 -9.18 -23.63
C MET A 403 -2.81 -10.64 -23.19
N PRO A 404 -4.04 -11.12 -22.89
CA PRO A 404 -4.22 -12.55 -22.57
C PRO A 404 -3.53 -13.50 -23.56
N THR A 405 -3.54 -13.11 -24.86
CA THR A 405 -2.97 -13.91 -25.92
C THR A 405 -1.50 -14.07 -25.70
N ILE A 406 -0.80 -12.94 -25.52
CA ILE A 406 0.64 -12.92 -25.29
C ILE A 406 1.00 -13.74 -24.07
N LEU A 407 0.27 -13.52 -22.98
CA LEU A 407 0.68 -14.02 -21.67
C LEU A 407 0.63 -15.54 -21.70
N GLU A 408 -0.52 -16.05 -22.13
CA GLU A 408 -0.68 -17.48 -22.18
C GLU A 408 0.26 -18.13 -23.22
N TRP A 409 0.54 -17.47 -24.34
CA TRP A 409 1.55 -17.92 -25.29
C TRP A 409 2.91 -18.16 -24.65
N LEU A 410 3.26 -17.37 -23.65
CA LEU A 410 4.55 -17.49 -23.05
C LEU A 410 4.52 -18.36 -21.80
N GLY A 411 3.40 -19.04 -21.56
CA GLY A 411 3.30 -19.97 -20.45
C GLY A 411 2.56 -19.45 -19.23
N GLY A 412 2.03 -18.23 -19.31
CA GLY A 412 1.38 -17.61 -18.17
C GLY A 412 -0.10 -17.91 -18.11
N GLU A 413 -0.76 -17.42 -17.06
CA GLU A 413 -2.23 -17.45 -16.89
C GLU A 413 -2.83 -16.17 -17.41
N THR A 414 -4.08 -16.21 -17.86
CA THR A 414 -4.81 -14.99 -18.14
C THR A 414 -5.34 -14.49 -16.82
N PRO A 415 -4.93 -13.30 -16.38
CA PRO A 415 -5.40 -12.83 -15.08
C PRO A 415 -6.91 -12.93 -14.88
N ARG A 416 -7.34 -13.31 -13.68
CA ARG A 416 -8.75 -13.32 -13.34
C ARG A 416 -9.50 -12.06 -13.80
N ALA A 417 -8.84 -10.90 -13.68
CA ALA A 417 -9.49 -9.60 -13.86
C ALA A 417 -9.75 -9.20 -15.32
N CYS A 418 -9.09 -9.85 -16.26
CA CYS A 418 -9.19 -9.46 -17.66
C CYS A 418 -10.56 -9.63 -18.27
N ASP A 419 -11.06 -8.60 -18.95
CA ASP A 419 -12.25 -8.77 -19.77
C ASP A 419 -11.94 -9.58 -21.07
N GLY A 420 -10.75 -9.37 -21.61
CA GLY A 420 -10.31 -10.06 -22.82
C GLY A 420 -10.08 -11.56 -22.70
N ARG A 421 -9.98 -12.20 -23.85
CA ARG A 421 -9.72 -13.63 -23.93
C ARG A 421 -8.60 -13.94 -24.92
N SER A 422 -7.75 -14.91 -24.53
CA SER A 422 -6.68 -15.38 -25.37
C SER A 422 -7.19 -15.72 -26.78
N LEU A 423 -6.46 -15.25 -27.80
CA LEU A 423 -6.72 -15.57 -29.22
C LEU A 423 -6.07 -16.91 -29.72
N LEU A 424 -5.31 -17.61 -28.88
CA LEU A 424 -4.56 -18.79 -29.32
C LEU A 424 -5.40 -19.85 -30.06
N PRO A 425 -6.63 -20.11 -29.61
CA PRO A 425 -7.43 -21.10 -30.30
C PRO A 425 -7.64 -20.83 -31.78
N PHE A 426 -7.71 -19.56 -32.17
CA PHE A 426 -7.75 -19.22 -33.59
C PHE A 426 -6.52 -19.70 -34.36
N LEU A 427 -5.37 -19.79 -33.70
CA LEU A 427 -4.14 -20.26 -34.36
C LEU A 427 -4.02 -21.79 -34.29
N ALA A 428 -4.85 -22.40 -33.45
CA ALA A 428 -5.11 -23.83 -33.50
C ALA A 428 -6.32 -24.12 -34.40
N GLU A 429 -7.38 -24.66 -33.81
CA GLU A 429 -8.49 -25.22 -34.60
C GLU A 429 -9.49 -24.14 -35.07
N GLY A 430 -9.41 -22.95 -34.47
CA GLY A 430 -10.26 -21.84 -34.87
C GLY A 430 -11.16 -21.35 -33.76
N LYS A 431 -12.19 -20.62 -34.16
CA LYS A 431 -13.05 -19.87 -33.25
C LYS A 431 -13.72 -20.78 -32.22
N PRO A 432 -13.39 -20.61 -30.94
CA PRO A 432 -14.05 -21.43 -29.95
C PRO A 432 -15.58 -21.32 -30.04
N SER A 433 -16.25 -22.45 -29.83
CA SER A 433 -17.70 -22.51 -29.95
C SER A 433 -18.43 -21.52 -29.03
N ASP A 434 -17.73 -20.95 -28.04
CA ASP A 434 -18.37 -19.95 -27.16
C ASP A 434 -17.81 -18.51 -27.27
N TRP A 435 -17.14 -18.20 -28.40
CA TRP A 435 -16.64 -16.85 -28.68
C TRP A 435 -17.76 -15.78 -28.79
N ARG A 436 -17.43 -14.53 -28.49
CA ARG A 436 -18.41 -13.44 -28.55
C ARG A 436 -19.07 -13.39 -29.91
N THR A 437 -20.33 -13.01 -29.93
CA THR A 437 -21.09 -12.91 -31.19
C THR A 437 -21.32 -11.45 -31.59
N GLU A 438 -20.82 -10.51 -30.75
CA GLU A 438 -20.88 -9.08 -31.04
C GLU A 438 -19.54 -8.39 -30.73
N LEU A 439 -19.37 -7.23 -31.36
CA LEU A 439 -18.27 -6.35 -31.05
C LEU A 439 -18.76 -5.34 -30.02
N HIS A 440 -17.82 -4.93 -29.18
CA HIS A 440 -18.07 -3.98 -28.12
C HIS A 440 -16.98 -2.93 -28.11
N TYR A 441 -17.41 -1.68 -27.95
CA TYR A 441 -16.51 -0.56 -27.80
C TYR A 441 -17.21 0.61 -27.09
N GLU A 442 -16.46 1.40 -26.36
CA GLU A 442 -16.98 2.54 -25.58
C GLU A 442 -16.22 3.84 -25.89
N PHE A 443 -16.87 4.95 -25.57
CA PHE A 443 -16.25 6.27 -25.70
C PHE A 443 -16.82 7.20 -24.65
N ASP A 444 -15.93 7.88 -23.92
CA ASP A 444 -16.32 8.87 -22.92
C ASP A 444 -15.86 10.21 -23.44
N PHE A 445 -16.75 11.19 -23.44
CA PHE A 445 -16.46 12.47 -24.07
C PHE A 445 -16.55 13.59 -23.07
N ARG A 446 -16.08 13.36 -21.87
CA ARG A 446 -16.05 14.44 -20.90
C ARG A 446 -14.95 15.48 -21.22
N ASP A 447 -15.17 16.69 -20.73
CA ASP A 447 -14.27 17.80 -20.97
C ASP A 447 -12.87 17.40 -20.53
N VAL A 448 -11.92 17.53 -21.46
CA VAL A 448 -10.49 17.57 -21.15
C VAL A 448 -10.01 19.02 -21.49
N PHE A 449 -8.73 19.34 -21.41
CA PHE A 449 -8.31 20.76 -21.45
C PHE A 449 -8.27 21.38 -22.86
N TYR A 450 -8.38 20.57 -23.91
CA TYR A 450 -8.33 21.06 -25.27
C TYR A 450 -9.64 20.87 -26.05
N ASP A 451 -10.58 20.19 -25.43
CA ASP A 451 -11.92 20.06 -25.99
C ASP A 451 -12.95 19.83 -24.87
N GLN A 452 -14.01 20.63 -24.93
CA GLN A 452 -15.07 20.57 -23.93
C GLN A 452 -16.43 20.17 -24.56
N PRO A 453 -16.61 18.88 -24.89
CA PRO A 453 -17.92 18.44 -25.39
C PRO A 453 -19.09 18.68 -24.44
N GLN A 454 -18.85 18.90 -23.15
CA GLN A 454 -19.94 19.11 -22.21
C GLN A 454 -20.64 20.42 -22.46
N ASN A 455 -19.96 21.38 -23.09
CA ASN A 455 -20.62 22.65 -23.36
C ASN A 455 -21.63 22.49 -24.50
N SER A 456 -21.23 21.77 -25.54
CA SER A 456 -22.11 21.46 -26.66
C SER A 456 -23.33 20.69 -26.22
N VAL A 457 -23.10 19.56 -25.53
CA VAL A 457 -24.21 18.64 -25.23
C VAL A 457 -24.84 18.84 -23.85
N GLN A 458 -24.29 19.72 -23.01
CA GLN A 458 -24.97 20.05 -21.75
C GLN A 458 -25.23 18.83 -20.88
N LEU A 459 -24.16 18.18 -20.45
CA LEU A 459 -24.26 17.04 -19.53
C LEU A 459 -23.09 17.17 -18.58
N SER A 460 -23.24 16.70 -17.34
CA SER A 460 -22.08 16.59 -16.46
C SER A 460 -21.33 15.33 -16.76
N GLN A 461 -20.13 15.25 -16.21
CA GLN A 461 -19.09 14.41 -16.78
C GLN A 461 -19.42 12.94 -16.68
N ASP A 462 -20.14 12.59 -15.62
CA ASP A 462 -20.41 11.18 -15.31
C ASP A 462 -21.46 10.61 -16.18
N ASP A 463 -22.12 11.46 -16.98
CA ASP A 463 -23.05 11.04 -18.02
C ASP A 463 -22.56 11.23 -19.48
N CYS A 464 -21.27 11.49 -19.64
CA CYS A 464 -20.70 11.75 -20.96
C CYS A 464 -20.01 10.51 -21.52
N SER A 465 -20.80 9.49 -21.84
CA SER A 465 -20.27 8.28 -22.37
C SER A 465 -21.33 7.51 -23.20
N LEU A 466 -20.82 6.58 -24.00
CA LEU A 466 -21.60 5.71 -24.88
C LEU A 466 -20.97 4.35 -24.98
N CYS A 467 -21.74 3.35 -25.34
CA CYS A 467 -21.15 2.06 -25.69
C CYS A 467 -21.79 1.57 -26.97
N VAL A 468 -21.04 0.79 -27.74
CA VAL A 468 -21.53 0.26 -28.99
C VAL A 468 -21.49 -1.26 -28.99
N ILE A 469 -22.47 -1.80 -29.70
CA ILE A 469 -22.71 -3.19 -29.74
C ILE A 469 -23.09 -3.48 -31.19
N GLU A 470 -22.30 -4.30 -31.85
CA GLU A 470 -22.28 -4.37 -33.31
C GLU A 470 -22.00 -5.81 -33.74
N ASP A 471 -22.86 -6.34 -34.62
CA ASP A 471 -22.60 -7.61 -35.31
C ASP A 471 -22.69 -7.39 -36.81
N GLU A 472 -22.76 -8.47 -37.59
CA GLU A 472 -22.74 -8.33 -39.05
C GLU A 472 -24.00 -7.66 -39.57
N ASN A 473 -25.08 -7.68 -38.79
CA ASN A 473 -26.36 -7.17 -39.28
C ASN A 473 -26.84 -5.82 -38.71
N TYR A 474 -26.56 -5.54 -37.43
CA TYR A 474 -26.87 -4.23 -36.86
C TYR A 474 -25.77 -3.65 -35.98
N LYS A 475 -25.89 -2.37 -35.71
CA LYS A 475 -25.07 -1.68 -34.72
C LYS A 475 -25.98 -0.80 -33.85
N TYR A 476 -25.85 -0.93 -32.52
CA TYR A 476 -26.58 -0.12 -31.55
C TYR A 476 -25.61 0.72 -30.68
N VAL A 477 -25.60 2.02 -30.90
CA VAL A 477 -24.82 2.97 -30.12
C VAL A 477 -25.74 3.52 -29.05
N HIS A 478 -25.49 3.15 -27.78
CA HIS A 478 -26.26 3.64 -26.63
C HIS A 478 -25.54 4.72 -25.83
N PHE A 479 -26.17 5.89 -25.73
CA PHE A 479 -25.67 6.98 -24.90
C PHE A 479 -26.27 6.92 -23.49
N ALA A 480 -25.49 7.38 -22.51
CA ALA A 480 -25.93 7.43 -21.13
C ALA A 480 -27.06 8.43 -20.94
N ALA A 481 -26.98 9.55 -21.65
CA ALA A 481 -27.91 10.66 -21.45
C ALA A 481 -28.07 11.50 -22.72
N LEU A 482 -28.12 10.83 -23.87
CA LEU A 482 -28.46 11.45 -25.13
C LEU A 482 -29.19 10.38 -25.94
N PRO A 483 -29.86 10.78 -27.04
CA PRO A 483 -30.63 9.77 -27.74
C PRO A 483 -29.75 8.72 -28.36
N PRO A 484 -30.20 7.46 -28.37
CA PRO A 484 -29.42 6.38 -28.95
C PRO A 484 -29.56 6.29 -30.46
N LEU A 485 -28.64 5.51 -31.05
CA LEU A 485 -28.56 5.29 -32.48
C LEU A 485 -28.60 3.81 -32.80
N PHE A 486 -29.29 3.49 -33.90
CA PHE A 486 -29.43 2.12 -34.36
C PHE A 486 -29.39 2.03 -35.87
N PHE A 487 -28.50 1.18 -36.37
CA PHE A 487 -28.28 1.06 -37.79
C PHE A 487 -28.45 -0.35 -38.35
N ASP A 488 -29.10 -0.43 -39.51
CA ASP A 488 -29.17 -1.66 -40.28
C ASP A 488 -27.92 -1.76 -41.14
N LEU A 489 -26.97 -2.59 -40.74
CA LEU A 489 -25.65 -2.59 -41.39
C LEU A 489 -25.63 -3.12 -42.85
N LYS A 490 -26.61 -3.97 -43.16
CA LYS A 490 -26.79 -4.46 -44.51
C LYS A 490 -27.27 -3.33 -45.40
N ALA A 491 -28.47 -2.83 -45.16
CA ALA A 491 -29.05 -1.73 -45.96
C ALA A 491 -28.22 -0.42 -45.86
N ASP A 492 -27.49 -0.25 -44.75
CA ASP A 492 -26.90 1.05 -44.39
C ASP A 492 -25.54 0.80 -43.73
N PRO A 493 -24.57 0.24 -44.50
CA PRO A 493 -23.29 -0.20 -43.96
C PRO A 493 -22.42 0.94 -43.47
N HIS A 494 -22.78 2.16 -43.85
CA HIS A 494 -22.03 3.35 -43.43
C HIS A 494 -22.83 4.31 -42.52
N GLU A 495 -23.79 3.77 -41.77
CA GLU A 495 -24.31 4.42 -40.57
C GLU A 495 -24.92 5.82 -40.80
N PHE A 496 -25.66 5.98 -41.89
CA PHE A 496 -26.28 7.28 -42.22
C PHE A 496 -27.71 7.48 -41.70
N SER A 497 -28.44 6.41 -41.40
CA SER A 497 -29.86 6.57 -41.08
C SER A 497 -30.22 5.90 -39.77
N ASN A 498 -30.24 6.72 -38.71
CA ASN A 498 -30.67 6.25 -37.39
C ASN A 498 -32.08 5.64 -37.41
N LEU A 499 -32.19 4.36 -37.10
CA LEU A 499 -33.51 3.71 -37.03
C LEU A 499 -34.04 3.49 -35.60
N ALA A 500 -33.36 4.00 -34.57
CA ALA A 500 -33.70 3.64 -33.19
C ALA A 500 -35.05 4.20 -32.68
N GLY A 501 -35.55 5.26 -33.31
CA GLY A 501 -36.86 5.84 -32.96
C GLY A 501 -38.02 5.35 -33.81
N ASP A 502 -37.74 4.46 -34.76
CA ASP A 502 -38.81 3.83 -35.54
C ASP A 502 -39.56 2.83 -34.66
N PRO A 503 -40.85 3.09 -34.39
CA PRO A 503 -41.63 2.15 -33.58
C PRO A 503 -41.53 0.73 -34.11
N ALA A 504 -41.55 0.58 -35.42
CA ALA A 504 -41.42 -0.75 -36.05
C ALA A 504 -40.11 -1.50 -35.64
N TYR A 505 -39.09 -0.76 -35.22
CA TYR A 505 -37.82 -1.35 -34.80
C TYR A 505 -37.71 -1.59 -33.30
N ALA A 506 -38.81 -1.45 -32.56
CA ALA A 506 -38.77 -1.51 -31.10
C ALA A 506 -38.17 -2.83 -30.61
N ALA A 507 -38.59 -3.93 -31.20
CA ALA A 507 -38.20 -5.24 -30.70
C ALA A 507 -36.69 -5.47 -30.91
N LEU A 508 -36.16 -5.03 -32.04
CA LEU A 508 -34.73 -5.20 -32.33
C LEU A 508 -33.90 -4.29 -31.44
N VAL A 509 -34.28 -3.02 -31.37
CA VAL A 509 -33.59 -2.07 -30.51
C VAL A 509 -33.61 -2.60 -29.05
N ARG A 510 -34.73 -3.10 -28.57
CA ARG A 510 -34.72 -3.78 -27.31
C ARG A 510 -33.63 -4.83 -27.28
N ASP A 511 -33.66 -5.75 -28.24
CA ASP A 511 -32.72 -6.88 -28.24
C ASP A 511 -31.27 -6.47 -28.01
N TYR A 512 -30.88 -5.38 -28.66
CA TYR A 512 -29.51 -4.96 -28.60
C TYR A 512 -29.19 -4.25 -27.25
N ALA A 513 -30.05 -3.34 -26.79
CA ALA A 513 -29.95 -2.88 -25.40
C ALA A 513 -29.84 -4.09 -24.48
N GLN A 514 -30.56 -5.14 -24.81
CA GLN A 514 -30.57 -6.28 -23.94
C GLN A 514 -29.20 -6.96 -23.95
N LYS A 515 -28.64 -7.14 -25.14
CA LYS A 515 -27.30 -7.68 -25.21
C LYS A 515 -26.31 -6.76 -24.45
N ALA A 516 -26.34 -5.47 -24.75
CA ALA A 516 -25.44 -4.54 -24.09
C ALA A 516 -25.58 -4.65 -22.57
N LEU A 517 -26.81 -4.80 -22.09
CA LEU A 517 -27.03 -4.83 -20.65
C LEU A 517 -26.41 -6.11 -20.07
N SER A 518 -26.48 -7.20 -20.81
CA SER A 518 -25.96 -8.47 -20.34
C SER A 518 -24.44 -8.48 -20.31
N TRP A 519 -23.84 -7.88 -21.34
CA TRP A 519 -22.41 -7.66 -21.41
C TRP A 519 -21.93 -6.89 -20.18
N ARG A 520 -22.60 -5.78 -19.83
CA ARG A 520 -22.20 -4.97 -18.65
C ARG A 520 -22.22 -5.78 -17.37
N LEU A 521 -23.36 -6.40 -17.12
CA LEU A 521 -23.53 -7.30 -15.98
C LEU A 521 -22.41 -8.38 -15.95
N SER A 522 -22.24 -9.04 -17.08
CA SER A 522 -21.31 -10.16 -17.18
C SER A 522 -19.88 -9.72 -17.07
N HIS A 523 -19.62 -8.43 -17.30
CA HIS A 523 -18.25 -7.90 -17.25
C HIS A 523 -17.93 -6.88 -16.10
N ALA A 524 -18.76 -6.95 -15.07
CA ALA A 524 -18.51 -6.25 -13.83
C ALA A 524 -17.17 -6.74 -13.30
N ASP A 525 -16.47 -5.85 -12.56
CA ASP A 525 -15.09 -6.06 -12.10
C ASP A 525 -14.98 -7.40 -11.46
N ARG A 526 -13.99 -8.20 -11.82
CA ARG A 526 -13.88 -9.54 -11.23
C ARG A 526 -12.73 -9.75 -10.25
N THR A 527 -12.11 -8.70 -9.77
CA THR A 527 -10.84 -8.85 -9.00
C THR A 527 -10.86 -9.92 -7.90
N LEU A 528 -11.89 -9.92 -7.06
CA LEU A 528 -11.95 -10.85 -5.93
C LEU A 528 -13.26 -11.68 -5.89
N THR A 529 -14.07 -11.59 -6.95
CA THR A 529 -15.42 -12.18 -6.95
C THR A 529 -15.38 -13.69 -7.16
N HIS A 530 -14.18 -14.24 -7.32
CA HIS A 530 -14.02 -15.67 -7.42
C HIS A 530 -13.67 -16.30 -6.06
N TYR A 531 -13.30 -15.52 -5.06
CA TYR A 531 -12.93 -16.06 -3.72
C TYR A 531 -14.18 -16.38 -2.89
N ARG A 532 -14.00 -17.23 -1.87
CA ARG A 532 -15.04 -17.53 -0.90
C ARG A 532 -14.42 -17.77 0.45
N SER A 533 -15.17 -17.49 1.50
CA SER A 533 -14.89 -18.04 2.79
C SER A 533 -15.79 -19.29 2.98
N SER A 534 -15.39 -20.14 3.91
CA SER A 534 -16.08 -21.38 4.17
C SER A 534 -15.65 -21.90 5.53
N PRO A 535 -16.43 -22.86 6.06
CA PRO A 535 -16.06 -23.54 7.29
C PRO A 535 -14.61 -24.04 7.24
N GLN A 536 -14.15 -24.35 6.04
CA GLN A 536 -12.84 -24.89 5.82
C GLN A 536 -11.80 -23.83 5.53
N GLY A 537 -12.18 -22.55 5.50
CA GLY A 537 -11.21 -21.48 5.22
C GLY A 537 -11.35 -20.88 3.84
N LEU A 538 -10.34 -20.15 3.40
CA LEU A 538 -10.40 -19.41 2.15
C LEU A 538 -10.26 -20.41 1.01
N THR A 539 -11.12 -20.31 0.00
CA THR A 539 -11.06 -21.17 -1.18
C THR A 539 -11.33 -20.31 -2.42
N THR A 540 -11.57 -20.97 -3.53
CA THR A 540 -11.68 -20.29 -4.80
C THR A 540 -12.54 -21.13 -5.75
N ARG A 541 -13.48 -20.49 -6.42
CA ARG A 541 -14.21 -21.11 -7.51
C ARG A 541 -13.47 -20.95 -8.86
N ASN A 542 -13.36 -22.05 -9.61
CA ASN A 542 -12.91 -21.97 -11.00
C ASN A 542 -14.08 -21.45 -11.85
N HIS A 543 -15.24 -22.12 -11.78
CA HIS A 543 -16.43 -21.76 -12.56
C HIS A 543 -17.59 -21.19 -11.72
N THR B 31 -21.17 23.80 19.31
CA THR B 31 -22.48 23.18 18.94
C THR B 31 -22.38 21.61 18.82
N ARG B 32 -22.91 20.87 19.81
CA ARG B 32 -22.90 19.39 19.75
C ARG B 32 -23.85 18.72 18.71
N LYS B 33 -23.33 17.88 17.84
CA LYS B 33 -24.16 17.07 16.95
C LYS B 33 -23.87 15.55 17.10
N ASN B 34 -24.90 14.76 17.39
CA ASN B 34 -24.79 13.30 17.41
C ASN B 34 -25.50 12.68 16.21
N VAL B 35 -25.09 11.45 15.85
CA VAL B 35 -25.77 10.61 14.86
C VAL B 35 -26.01 9.20 15.42
N LEU B 36 -27.28 8.77 15.33
CA LEU B 36 -27.68 7.45 15.75
C LEU B 36 -28.26 6.63 14.56
N LEU B 37 -27.39 5.84 13.93
CA LEU B 37 -27.83 4.94 12.89
C LEU B 37 -28.37 3.66 13.51
N ILE B 38 -29.67 3.45 13.33
CA ILE B 38 -30.32 2.24 13.79
C ILE B 38 -30.55 1.40 12.58
N VAL B 39 -29.96 0.21 12.61
CA VAL B 39 -30.07 -0.74 11.54
C VAL B 39 -30.59 -2.03 12.09
N VAL B 40 -31.82 -2.34 11.69
CA VAL B 40 -32.38 -3.63 12.02
C VAL B 40 -32.11 -4.52 10.82
N ASP B 41 -32.35 -5.82 10.98
CA ASP B 41 -32.12 -6.82 9.94
C ASP B 41 -33.47 -7.48 9.56
N GLN B 42 -33.75 -7.61 8.26
CA GLN B 42 -34.88 -8.40 7.80
C GLN B 42 -36.27 -7.80 8.09
N TRP B 43 -36.31 -6.49 8.40
CA TRP B 43 -37.56 -5.77 8.69
C TRP B 43 -38.14 -5.14 7.41
N ARG B 44 -39.31 -5.61 7.00
CA ARG B 44 -39.98 -5.18 5.76
C ARG B 44 -40.52 -3.74 5.75
N ALA B 45 -40.57 -3.13 4.56
CA ALA B 45 -41.10 -1.74 4.40
C ALA B 45 -42.56 -1.60 4.84
N ASP B 46 -43.32 -2.67 4.70
CA ASP B 46 -44.77 -2.62 4.86
C ASP B 46 -45.19 -3.07 6.25
N PHE B 47 -44.25 -3.07 7.18
CA PHE B 47 -44.52 -3.27 8.58
C PHE B 47 -44.14 -2.00 9.35
N ILE B 48 -44.70 -0.87 8.91
CA ILE B 48 -44.51 0.40 9.64
C ILE B 48 -45.88 1.03 9.95
N PRO B 49 -46.23 1.08 11.25
CA PRO B 49 -47.57 1.57 11.58
C PRO B 49 -47.92 2.92 10.99
N HIS B 50 -47.00 3.87 11.06
CA HIS B 50 -47.29 5.23 10.59
C HIS B 50 -47.78 5.26 9.12
N LEU B 51 -47.24 4.38 8.29
CA LEU B 51 -47.67 4.33 6.88
C LEU B 51 -49.04 3.66 6.77
N MET B 52 -49.30 2.67 7.62
CA MET B 52 -50.57 2.00 7.59
C MET B 52 -51.67 3.01 7.93
N ARG B 53 -51.42 3.86 8.91
CA ARG B 53 -52.39 4.83 9.33
C ARG B 53 -52.69 5.89 8.27
N ALA B 54 -51.70 6.27 7.47
CA ALA B 54 -51.89 7.28 6.43
C ALA B 54 -52.77 6.77 5.26
N GLU B 55 -52.75 5.46 5.03
CA GLU B 55 -53.59 4.83 4.01
C GLU B 55 -55.03 4.66 4.51
N GLY B 56 -55.23 4.78 5.82
CA GLY B 56 -56.54 4.63 6.43
C GLY B 56 -56.73 3.32 7.17
N ARG B 57 -55.71 2.45 7.22
CA ARG B 57 -55.82 1.17 7.92
C ARG B 57 -55.46 1.29 9.40
N GLU B 58 -56.01 0.38 10.21
CA GLU B 58 -55.59 0.23 11.61
C GLU B 58 -54.39 -0.70 11.57
N PRO B 59 -53.26 -0.24 12.14
CA PRO B 59 -52.06 -1.08 12.20
C PRO B 59 -52.33 -2.41 12.83
N PHE B 60 -51.67 -3.46 12.37
CA PHE B 60 -51.82 -4.80 12.98
C PHE B 60 -50.65 -5.15 13.91
N LEU B 61 -49.77 -4.18 14.13
CA LEU B 61 -48.79 -4.23 15.21
C LEU B 61 -48.54 -2.82 15.78
N LYS B 62 -47.85 -2.82 16.92
CA LYS B 62 -47.58 -1.60 17.68
C LYS B 62 -46.06 -1.35 17.76
N THR B 63 -45.67 -0.12 17.38
CA THR B 63 -44.32 0.36 17.50
C THR B 63 -44.37 1.84 17.94
N PRO B 64 -44.76 2.08 19.21
CA PRO B 64 -44.93 3.43 19.72
C PRO B 64 -43.64 4.26 19.65
N ASN B 65 -42.49 3.66 19.88
CA ASN B 65 -41.25 4.43 19.86
C ASN B 65 -40.81 4.80 18.45
N LEU B 66 -40.99 3.87 17.52
CA LEU B 66 -40.84 4.17 16.11
C LEU B 66 -41.83 5.24 15.74
N ASP B 67 -43.07 5.12 16.23
CA ASP B 67 -44.11 6.07 15.92
C ASP B 67 -43.68 7.51 16.32
N ARG B 68 -43.00 7.60 17.47
CA ARG B 68 -42.43 8.89 17.88
C ARG B 68 -41.42 9.43 16.85
N LEU B 69 -40.46 8.58 16.46
CA LEU B 69 -39.52 8.97 15.41
C LEU B 69 -40.27 9.46 14.19
N CYS B 70 -41.31 8.71 13.83
CA CYS B 70 -42.07 8.99 12.62
C CYS B 70 -42.77 10.33 12.69
N ARG B 71 -43.46 10.52 13.80
CA ARG B 71 -44.27 11.69 14.03
C ARG B 71 -43.36 12.95 14.11
N GLU B 72 -42.12 12.76 14.55
CA GLU B 72 -41.17 13.84 14.73
C GLU B 72 -40.26 14.05 13.52
N GLY B 73 -40.25 13.09 12.58
CA GLY B 73 -39.35 13.10 11.42
C GLY B 73 -40.01 12.78 10.07
N LEU B 74 -39.17 12.41 9.09
CA LEU B 74 -39.61 12.15 7.69
C LEU B 74 -39.53 10.68 7.45
N THR B 75 -40.64 10.09 7.04
CA THR B 75 -40.66 8.65 6.76
C THR B 75 -40.64 8.42 5.28
N PHE B 76 -39.74 7.57 4.82
CA PHE B 76 -39.62 7.29 3.38
C PHE B 76 -40.40 6.06 3.02
N ARG B 77 -41.36 6.22 2.10
CA ARG B 77 -42.29 5.15 1.73
C ARG B 77 -41.71 4.25 0.67
N ASN B 78 -40.87 4.81 -0.18
CA ASN B 78 -40.29 4.08 -1.27
C ASN B 78 -38.81 3.93 -1.22
N HIS B 79 -38.34 3.22 -0.21
CA HIS B 79 -36.92 3.02 0.01
C HIS B 79 -36.61 1.59 -0.29
N VAL B 80 -35.44 1.35 -0.88
CA VAL B 80 -34.94 -0.01 -1.10
C VAL B 80 -33.48 -0.12 -0.69
N THR B 81 -33.09 -1.29 -0.21
CA THR B 81 -31.68 -1.66 -0.21
C THR B 81 -31.28 -2.00 -1.63
N THR B 82 -30.10 -1.57 -2.06
CA THR B 82 -29.69 -1.78 -3.47
C THR B 82 -29.21 -3.20 -3.79
N CYS B 83 -29.18 -4.08 -2.77
CA CYS B 83 -28.84 -5.50 -2.94
C CYS B 83 -29.08 -6.31 -1.65
N VAL B 84 -29.12 -7.64 -1.78
CA VAL B 84 -29.30 -8.57 -0.67
C VAL B 84 -28.35 -9.71 -0.96
N PRO B 85 -28.03 -10.55 0.05
CA PRO B 85 -28.45 -10.55 1.41
C PRO B 85 -27.55 -9.64 2.26
N FGL B 86 -27.01 -10.27 3.58
CA FGL B 86 -26.70 -9.24 4.59
C FGL B 86 -25.45 -8.47 4.17
O FGL B 86 -25.47 -7.25 4.03
OG1 FGL B 86 -26.00 -8.96 6.88
OG2 FGL B 86 -27.66 -10.52 6.41
CB FGL B 86 -26.45 -9.92 5.94
N CYS B 86 -27.25 -10.05 3.49
CA CYS B 86 -26.71 -9.14 4.48
C CYS B 86 -25.41 -8.49 3.99
N GLY B 87 -24.26 -9.25 3.91
CA GLY B 87 -22.99 -9.00 3.25
C GLY B 87 -23.07 -7.85 2.25
N PRO B 88 -23.67 -8.12 1.10
CA PRO B 88 -23.81 -7.11 0.06
C PRO B 88 -24.59 -5.91 0.53
N ALA B 89 -25.68 -6.14 1.24
CA ALA B 89 -26.57 -5.02 1.67
C ALA B 89 -25.82 -4.07 2.58
N ARG B 90 -24.99 -4.62 3.45
CA ARG B 90 -24.23 -3.77 4.37
C ARG B 90 -23.08 -3.08 3.68
N ALA B 91 -22.41 -3.76 2.74
CA ALA B 91 -21.39 -3.03 1.93
C ALA B 91 -22.02 -1.84 1.25
N SER B 92 -23.15 -2.00 0.59
CA SER B 92 -23.82 -0.85 -0.03
C SER B 92 -24.14 0.25 0.96
N LEU B 93 -24.65 -0.14 2.14
CA LEU B 93 -25.08 0.80 3.19
C LEU B 93 -23.90 1.55 3.78
N LEU B 94 -22.81 0.83 4.05
CA LEU B 94 -21.57 1.41 4.64
C LEU B 94 -20.49 1.90 3.65
N THR B 95 -20.73 1.80 2.36
CA THR B 95 -19.83 2.41 1.33
C THR B 95 -20.53 3.44 0.39
N GLY B 96 -21.84 3.55 0.43
CA GLY B 96 -22.56 4.36 -0.58
C GLY B 96 -22.47 3.84 -2.02
N LEU B 97 -21.96 2.62 -2.19
CA LEU B 97 -21.71 2.02 -3.53
C LEU B 97 -22.77 0.96 -3.92
N TYR B 98 -23.14 0.92 -5.19
CA TYR B 98 -23.94 -0.18 -5.74
C TYR B 98 -23.11 -1.44 -5.73
N LEU B 99 -23.76 -2.58 -5.81
CA LEU B 99 -23.02 -3.85 -5.84
C LEU B 99 -22.13 -3.93 -7.07
N MET B 100 -22.53 -3.29 -8.15
CA MET B 100 -21.73 -3.30 -9.38
C MET B 100 -20.37 -2.63 -9.18
N ASN B 101 -20.25 -1.78 -8.17
CA ASN B 101 -18.97 -1.11 -7.88
C ASN B 101 -18.30 -1.73 -6.66
N HIS B 102 -19.04 -2.09 -5.62
CA HIS B 102 -18.34 -2.65 -4.45
C HIS B 102 -17.93 -4.12 -4.56
N ARG B 103 -18.62 -4.89 -5.39
CA ARG B 103 -18.20 -6.26 -5.72
C ARG B 103 -18.20 -7.29 -4.56
N ALA B 104 -18.86 -6.97 -3.45
CA ALA B 104 -19.11 -7.93 -2.38
C ALA B 104 -20.43 -8.52 -2.76
N VAL B 105 -20.42 -9.54 -3.62
CA VAL B 105 -21.59 -9.88 -4.40
C VAL B 105 -22.49 -10.86 -3.64
N GLN B 106 -21.90 -11.67 -2.78
CA GLN B 106 -22.69 -12.51 -1.88
C GLN B 106 -21.99 -12.54 -0.55
N ASN B 107 -22.67 -13.13 0.43
CA ASN B 107 -22.02 -13.55 1.68
C ASN B 107 -20.82 -14.39 1.31
N THR B 108 -19.80 -14.31 2.16
CA THR B 108 -18.57 -15.04 1.94
C THR B 108 -17.68 -14.50 0.80
N VAL B 109 -18.13 -13.56 -0.01
CA VAL B 109 -17.25 -12.98 -1.02
C VAL B 109 -16.54 -11.71 -0.52
N PRO B 110 -15.23 -11.61 -0.73
CA PRO B 110 -14.45 -10.49 -0.17
C PRO B 110 -14.90 -9.07 -0.58
N LEU B 111 -14.86 -8.13 0.37
CA LEU B 111 -15.02 -6.70 0.03
C LEU B 111 -13.62 -6.14 -0.15
N ASP B 112 -13.37 -5.66 -1.36
CA ASP B 112 -12.12 -4.99 -1.74
C ASP B 112 -11.91 -3.81 -0.84
N GLN B 113 -10.75 -3.68 -0.27
CA GLN B 113 -10.59 -2.64 0.72
C GLN B 113 -10.21 -1.30 0.14
N ARG B 114 -10.03 -1.21 -1.16
CA ARG B 114 -9.96 0.10 -1.79
C ARG B 114 -11.20 0.99 -1.50
N HIS B 115 -12.36 0.39 -1.31
CA HIS B 115 -13.55 1.17 -1.07
C HIS B 115 -13.56 1.89 0.29
N LEU B 116 -14.00 3.15 0.30
CA LEU B 116 -14.01 3.97 1.52
C LEU B 116 -15.31 3.71 2.21
N ASN B 117 -15.21 3.17 3.43
CA ASN B 117 -16.38 2.87 4.21
C ASN B 117 -16.74 4.01 5.15
N LEU B 118 -17.98 3.96 5.68
CA LEU B 118 -18.53 5.04 6.53
C LEU B 118 -17.68 5.27 7.76
N GLY B 119 -17.15 4.17 8.29
CA GLY B 119 -16.24 4.20 9.42
C GLY B 119 -15.02 5.08 9.17
N LYS B 120 -14.33 4.87 8.04
CA LYS B 120 -13.07 5.53 7.75
C LYS B 120 -13.32 6.99 7.48
N ALA B 121 -14.43 7.28 6.77
CA ALA B 121 -14.87 8.67 6.46
C ALA B 121 -15.18 9.49 7.70
N LEU B 122 -15.86 8.90 8.68
CA LEU B 122 -16.22 9.62 9.91
C LEU B 122 -14.96 9.98 10.69
N ARG B 123 -13.98 9.09 10.70
CA ARG B 123 -12.72 9.39 11.37
C ARG B 123 -12.09 10.60 10.69
N ALA B 124 -12.21 10.71 9.37
CA ALA B 124 -11.54 11.80 8.67
C ALA B 124 -12.18 13.15 9.02
N ILE B 125 -13.43 13.12 9.54
CA ILE B 125 -14.07 14.37 10.04
C ILE B 125 -14.26 14.38 11.56
N GLY B 126 -13.49 13.56 12.26
CA GLY B 126 -13.32 13.74 13.69
C GLY B 126 -14.27 12.94 14.56
N TYR B 127 -15.09 12.10 13.94
CA TYR B 127 -16.00 11.29 14.74
C TYR B 127 -15.45 9.90 14.99
N ASP B 128 -15.70 9.37 16.18
CA ASP B 128 -15.29 8.00 16.49
C ASP B 128 -16.39 7.02 16.04
N PRO B 129 -16.11 6.19 15.03
CA PRO B 129 -17.17 5.39 14.44
C PRO B 129 -17.50 4.15 15.24
N ALA B 130 -18.28 4.32 16.31
CA ALA B 130 -18.76 3.24 17.16
C ALA B 130 -19.84 2.37 16.51
N LEU B 131 -19.67 1.05 16.61
CA LEU B 131 -20.58 0.10 16.01
C LEU B 131 -20.96 -1.03 16.97
N ILE B 132 -22.26 -1.32 17.01
CA ILE B 132 -22.85 -2.45 17.73
C ILE B 132 -23.61 -3.32 16.69
N GLY B 133 -23.54 -4.62 16.84
CA GLY B 133 -24.03 -5.53 15.83
C GLY B 133 -23.01 -6.29 15.03
N TYR B 134 -23.10 -6.16 13.73
CA TYR B 134 -22.27 -6.93 12.78
C TYR B 134 -22.35 -6.31 11.37
N THR B 135 -21.35 -6.57 10.54
CA THR B 135 -21.39 -6.14 9.15
C THR B 135 -21.34 -7.30 8.17
N THR B 136 -21.08 -8.52 8.64
CA THR B 136 -21.05 -9.71 7.78
C THR B 136 -20.12 -9.54 6.56
N THR B 137 -18.94 -8.98 6.81
CA THR B 137 -17.99 -8.56 5.78
C THR B 137 -16.86 -9.59 5.66
N THR B 138 -16.52 -9.96 4.44
CA THR B 138 -15.44 -10.92 4.22
C THR B 138 -14.23 -10.08 3.83
N PRO B 139 -13.08 -10.28 4.53
CA PRO B 139 -11.87 -9.44 4.31
C PRO B 139 -11.23 -9.59 2.94
N ASP B 140 -10.32 -8.68 2.64
CA ASP B 140 -9.59 -8.68 1.39
C ASP B 140 -8.46 -9.72 1.55
N PRO B 141 -8.40 -10.74 0.67
CA PRO B 141 -7.41 -11.80 0.87
C PRO B 141 -6.01 -11.33 0.57
N ARG B 142 -5.86 -10.35 -0.31
CA ARG B 142 -4.58 -9.73 -0.63
C ARG B 142 -3.93 -9.06 0.57
N THR B 143 -4.70 -8.69 1.59
CA THR B 143 -4.20 -7.97 2.78
C THR B 143 -4.33 -8.75 4.10
N THR B 144 -4.65 -10.03 4.04
CA THR B 144 -4.65 -10.83 5.25
C THR B 144 -4.31 -12.27 4.91
N SER B 145 -3.75 -12.97 5.89
CA SER B 145 -3.37 -14.36 5.69
C SER B 145 -4.59 -15.17 5.24
N ALA B 146 -4.34 -16.10 4.35
CA ALA B 146 -5.31 -17.15 4.02
C ALA B 146 -5.89 -17.87 5.24
N ARG B 147 -5.12 -17.99 6.35
CA ARG B 147 -5.58 -18.75 7.51
C ARG B 147 -6.31 -17.89 8.51
N ASP B 148 -6.44 -16.60 8.21
CA ASP B 148 -7.23 -15.73 9.09
C ASP B 148 -8.56 -16.41 9.46
N PRO B 149 -8.86 -16.54 10.77
CA PRO B 149 -10.16 -17.07 11.23
C PRO B 149 -11.38 -16.42 10.57
N ARG B 150 -11.27 -15.16 10.19
CA ARG B 150 -12.36 -14.49 9.53
C ARG B 150 -12.75 -15.12 8.18
N PHE B 151 -11.86 -15.94 7.59
CA PHE B 151 -12.19 -16.67 6.36
C PHE B 151 -12.90 -18.04 6.62
N THR B 152 -13.43 -18.18 7.83
CA THR B 152 -14.03 -19.42 8.37
C THR B 152 -15.53 -19.30 8.65
N VAL B 153 -16.00 -18.04 8.74
CA VAL B 153 -17.37 -17.68 8.99
C VAL B 153 -17.98 -16.93 7.76
N LEU B 154 -19.30 -16.75 7.75
CA LEU B 154 -19.97 -15.90 6.74
C LEU B 154 -19.19 -14.59 6.52
N GLY B 155 -18.87 -13.94 7.65
CA GLY B 155 -18.15 -12.68 7.63
C GLY B 155 -17.93 -12.14 9.03
N ASP B 156 -17.35 -10.94 9.11
CA ASP B 156 -16.96 -10.31 10.35
C ASP B 156 -17.04 -8.77 10.24
N ILE B 157 -16.70 -8.07 11.33
CA ILE B 157 -16.74 -6.62 11.34
C ILE B 157 -15.79 -5.96 10.33
N MET B 158 -16.37 -5.09 9.51
CA MET B 158 -15.63 -4.20 8.60
C MET B 158 -14.48 -3.46 9.31
N ASP B 159 -13.29 -3.44 8.70
CA ASP B 159 -12.20 -2.57 9.17
C ASP B 159 -12.66 -1.12 9.09
N GLY B 160 -12.26 -0.33 10.06
CA GLY B 160 -12.58 1.10 10.11
C GLY B 160 -13.58 1.53 11.19
N PHE B 161 -14.26 0.58 11.81
CA PHE B 161 -15.18 0.92 12.91
C PHE B 161 -14.60 0.54 14.24
N ARG B 162 -15.09 1.13 15.30
CA ARG B 162 -14.73 0.70 16.62
C ARG B 162 -15.85 -0.16 17.19
N SER B 163 -15.58 -1.46 17.31
CA SER B 163 -16.47 -2.42 17.97
C SER B 163 -16.72 -2.09 19.45
N VAL B 164 -18.00 -1.85 19.79
CA VAL B 164 -18.42 -1.64 21.18
C VAL B 164 -19.58 -2.56 21.55
N GLY B 165 -19.77 -3.64 20.80
CA GLY B 165 -20.76 -4.64 21.18
C GLY B 165 -21.09 -5.59 20.06
N ALA B 166 -20.18 -6.54 19.84
CA ALA B 166 -20.23 -7.39 18.66
C ALA B 166 -21.05 -8.63 18.91
N PHE B 167 -21.87 -8.97 17.94
CA PHE B 167 -22.48 -10.30 17.83
C PHE B 167 -21.35 -11.30 17.62
N GLU B 168 -20.34 -10.88 16.83
CA GLU B 168 -19.04 -11.57 16.71
C GLU B 168 -19.27 -12.83 15.93
N PRO B 169 -18.18 -13.43 15.42
CA PRO B 169 -18.40 -14.69 14.69
C PRO B 169 -19.13 -15.72 15.57
N ASN B 170 -20.11 -16.41 15.00
CA ASN B 170 -20.83 -17.48 15.72
C ASN B 170 -21.72 -16.99 16.87
N MET B 171 -22.00 -15.70 16.95
CA MET B 171 -22.86 -15.16 18.03
C MET B 171 -22.21 -15.19 19.42
N GLU B 172 -20.91 -15.40 19.48
CA GLU B 172 -20.21 -15.63 20.77
C GLU B 172 -20.31 -14.46 21.72
N GLY B 173 -20.32 -13.24 21.20
CA GLY B 173 -20.46 -12.05 22.05
C GLY B 173 -21.73 -12.14 22.89
N TYR B 174 -22.81 -12.51 22.21
CA TYR B 174 -24.13 -12.67 22.82
C TYR B 174 -24.20 -13.82 23.80
N PHE B 175 -23.81 -15.02 23.37
CA PHE B 175 -23.93 -16.19 24.22
C PHE B 175 -23.04 -16.09 25.44
N GLY B 176 -21.82 -15.58 25.25
CA GLY B 176 -20.96 -15.31 26.40
C GLY B 176 -21.64 -14.42 27.41
N TRP B 177 -22.31 -13.37 26.91
CA TRP B 177 -23.00 -12.39 27.72
C TRP B 177 -24.19 -13.01 28.46
N VAL B 178 -24.96 -13.85 27.75
CA VAL B 178 -26.01 -14.66 28.34
C VAL B 178 -25.44 -15.55 29.45
N ALA B 179 -24.30 -16.20 29.15
CA ALA B 179 -23.69 -17.15 30.06
C ALA B 179 -23.11 -16.43 31.27
N GLN B 180 -22.53 -15.26 31.06
CA GLN B 180 -21.96 -14.48 32.17
C GLN B 180 -23.05 -13.89 33.05
N ASN B 181 -24.26 -13.79 32.52
CA ASN B 181 -25.42 -13.37 33.31
C ASN B 181 -26.03 -14.50 34.13
N GLY B 182 -25.36 -15.66 34.18
CA GLY B 182 -25.80 -16.78 35.03
C GLY B 182 -26.91 -17.65 34.46
N PHE B 183 -27.34 -17.41 33.22
CA PHE B 183 -28.31 -18.26 32.56
C PHE B 183 -27.56 -19.43 31.95
N GLU B 184 -28.00 -20.65 32.24
CA GLU B 184 -27.35 -21.86 31.75
C GLU B 184 -27.89 -22.25 30.40
N LEU B 185 -27.04 -22.19 29.38
CA LEU B 185 -27.43 -22.48 28.01
C LEU B 185 -27.42 -24.00 27.81
N PRO B 186 -28.16 -24.49 26.81
CA PRO B 186 -28.12 -25.90 26.38
C PRO B 186 -26.83 -26.29 25.61
N GLU B 187 -26.53 -27.59 25.59
CA GLU B 187 -25.32 -28.14 24.96
C GLU B 187 -25.18 -27.51 23.58
N ASN B 188 -26.21 -27.67 22.74
CA ASN B 188 -26.29 -26.95 21.47
C ASN B 188 -27.01 -25.62 21.73
N ARG B 189 -26.23 -24.54 21.76
CA ARG B 189 -26.64 -23.24 22.29
C ARG B 189 -27.85 -22.60 21.61
N GLU B 190 -27.97 -22.87 20.31
CA GLU B 190 -29.05 -22.28 19.55
C GLU B 190 -30.42 -22.84 19.89
N ASP B 191 -30.42 -23.92 20.69
CA ASP B 191 -31.64 -24.54 21.17
C ASP B 191 -32.40 -23.64 22.16
N ILE B 192 -31.80 -22.54 22.59
CA ILE B 192 -32.55 -21.49 23.25
C ILE B 192 -33.72 -21.04 22.35
N TRP B 193 -33.59 -21.23 21.05
CA TRP B 193 -34.64 -20.81 20.12
C TRP B 193 -35.53 -21.98 19.68
N LEU B 194 -35.47 -23.12 20.37
CA LEU B 194 -36.49 -24.16 20.18
C LEU B 194 -37.73 -23.60 20.88
N PRO B 195 -38.93 -23.95 20.40
CA PRO B 195 -40.10 -23.52 21.16
C PRO B 195 -40.22 -24.24 22.52
N GLU B 196 -40.77 -23.51 23.50
CA GLU B 196 -40.90 -24.00 24.89
C GLU B 196 -41.87 -25.16 25.04
N GLY B 197 -41.59 -26.01 26.02
CA GLY B 197 -42.47 -27.12 26.33
C GLY B 197 -42.10 -28.33 25.52
N GLU B 198 -42.09 -29.50 26.18
CA GLU B 198 -41.60 -30.74 25.60
C GLU B 198 -42.63 -31.43 24.69
N HIS B 199 -43.71 -30.74 24.31
CA HIS B 199 -44.64 -31.25 23.28
C HIS B 199 -44.69 -30.40 22.00
N SER B 200 -43.92 -29.32 21.97
CA SER B 200 -44.06 -28.29 20.94
C SER B 200 -43.15 -28.58 19.76
N VAL B 201 -43.75 -28.68 18.58
CA VAL B 201 -43.02 -29.01 17.35
C VAL B 201 -42.24 -27.77 16.82
N PRO B 202 -40.97 -27.94 16.43
CA PRO B 202 -40.29 -26.84 15.73
C PRO B 202 -40.99 -26.40 14.44
N GLY B 203 -40.92 -25.11 14.14
CA GLY B 203 -41.69 -24.52 13.04
C GLY B 203 -42.40 -23.29 13.56
N ALA B 204 -43.35 -22.77 12.77
CA ALA B 204 -44.21 -21.69 13.22
C ALA B 204 -44.75 -22.04 14.64
N THR B 205 -44.76 -21.08 15.56
CA THR B 205 -45.18 -21.41 16.90
C THR B 205 -45.81 -20.26 17.63
N ASP B 206 -46.75 -20.63 18.52
CA ASP B 206 -47.34 -19.73 19.49
C ASP B 206 -46.68 -19.90 20.86
N LYS B 207 -45.71 -20.79 20.95
CA LYS B 207 -44.97 -21.05 22.19
C LYS B 207 -43.76 -20.11 22.28
N PRO B 208 -43.40 -19.64 23.49
CA PRO B 208 -42.25 -18.74 23.56
C PRO B 208 -40.98 -19.50 23.29
N SER B 209 -39.89 -18.75 23.09
CA SER B 209 -38.55 -19.34 23.09
C SER B 209 -38.17 -19.82 24.49
N ARG B 210 -37.02 -20.41 24.61
CA ARG B 210 -36.59 -20.98 25.87
C ARG B 210 -35.70 -20.02 26.66
N ILE B 211 -35.52 -18.81 26.13
CA ILE B 211 -34.69 -17.81 26.83
C ILE B 211 -35.59 -16.67 27.30
N PRO B 212 -35.35 -16.16 28.50
CA PRO B 212 -36.10 -14.99 28.98
C PRO B 212 -35.82 -13.71 28.20
N LYS B 213 -36.85 -12.87 28.11
CA LYS B 213 -36.73 -11.58 27.49
C LYS B 213 -35.59 -10.70 28.04
N GLU B 214 -35.21 -10.83 29.30
CA GLU B 214 -34.08 -10.00 29.82
C GLU B 214 -32.70 -10.52 29.39
N PHE B 215 -32.69 -11.62 28.63
CA PHE B 215 -31.47 -12.16 28.02
C PHE B 215 -31.63 -12.36 26.51
N SER B 216 -32.60 -11.67 25.90
CA SER B 216 -32.77 -11.71 24.45
C SER B 216 -31.61 -11.03 23.77
N ASP B 217 -31.35 -11.43 22.55
CA ASP B 217 -30.36 -10.76 21.76
C ASP B 217 -30.73 -9.27 21.61
N SER B 218 -32.02 -8.95 21.44
CA SER B 218 -32.37 -7.51 21.38
C SER B 218 -32.01 -6.74 22.67
N THR B 219 -32.17 -7.36 23.84
CA THR B 219 -31.71 -6.74 25.08
C THR B 219 -30.18 -6.61 25.10
N PHE B 220 -29.49 -7.64 24.65
CA PHE B 220 -28.05 -7.58 24.61
C PHE B 220 -27.55 -6.30 23.89
N PHE B 221 -28.00 -6.08 22.65
CA PHE B 221 -27.50 -4.97 21.85
C PHE B 221 -27.84 -3.63 22.52
N THR B 222 -29.05 -3.57 23.10
CA THR B 222 -29.58 -2.38 23.72
C THR B 222 -28.75 -1.98 24.91
N GLU B 223 -28.39 -2.96 25.72
CA GLU B 223 -27.53 -2.72 26.89
C GLU B 223 -26.15 -2.24 26.48
N ARG B 224 -25.63 -2.81 25.40
CA ARG B 224 -24.38 -2.29 24.76
C ARG B 224 -24.47 -0.79 24.32
N ALA B 225 -25.61 -0.41 23.73
CA ALA B 225 -25.86 1.00 23.40
C ALA B 225 -25.83 1.92 24.65
N LEU B 226 -26.57 1.49 25.67
CA LEU B 226 -26.71 2.24 26.87
C LEU B 226 -25.34 2.38 27.51
N THR B 227 -24.59 1.26 27.60
CA THR B 227 -23.23 1.25 28.15
C THR B 227 -22.38 2.25 27.40
N TYR B 228 -22.43 2.19 26.07
CA TYR B 228 -21.58 3.06 25.23
C TYR B 228 -21.89 4.55 25.39
N LEU B 229 -23.17 4.88 25.24
CA LEU B 229 -23.66 6.28 25.41
C LEU B 229 -23.30 6.83 26.80
N LYS B 230 -23.38 5.99 27.81
CA LYS B 230 -23.09 6.46 29.15
C LYS B 230 -21.61 6.74 29.28
N GLY B 231 -20.77 5.88 28.71
CA GLY B 231 -19.33 6.16 28.61
C GLY B 231 -19.00 7.52 27.98
N ARG B 232 -19.76 7.91 26.97
CA ARG B 232 -19.48 9.14 26.20
C ARG B 232 -19.70 10.37 27.06
N ASP B 233 -20.69 10.27 27.95
CA ASP B 233 -20.97 11.28 28.96
C ASP B 233 -21.17 12.67 28.37
N GLY B 234 -21.96 12.73 27.30
CA GLY B 234 -22.31 14.00 26.66
C GLY B 234 -21.42 14.47 25.52
N LYS B 235 -20.26 13.85 25.34
CA LYS B 235 -19.44 14.15 24.19
C LYS B 235 -20.14 13.71 22.90
N PRO B 236 -19.89 14.42 21.81
CA PRO B 236 -20.63 14.05 20.60
C PRO B 236 -20.34 12.61 20.14
N PHE B 237 -21.33 11.91 19.58
CA PHE B 237 -21.09 10.57 19.13
C PHE B 237 -21.71 10.24 17.76
N PHE B 238 -21.07 9.28 17.09
CA PHE B 238 -21.73 8.46 16.10
C PHE B 238 -21.87 7.07 16.69
N LEU B 239 -23.02 6.44 16.51
CA LEU B 239 -23.19 5.04 16.86
C LEU B 239 -24.05 4.34 15.83
N HIS B 240 -23.51 3.27 15.27
CA HIS B 240 -24.30 2.29 14.55
C HIS B 240 -24.88 1.23 15.53
N LEU B 241 -26.17 1.31 15.79
CA LEU B 241 -26.85 0.35 16.67
C LEU B 241 -27.53 -0.69 15.79
N GLY B 242 -26.91 -1.87 15.74
CA GLY B 242 -27.40 -2.97 14.93
C GLY B 242 -28.22 -3.87 15.80
N TYR B 243 -29.44 -4.18 15.36
CA TYR B 243 -30.23 -5.25 15.93
C TYR B 243 -30.26 -6.42 14.99
N TYR B 244 -30.16 -7.63 15.55
CA TYR B 244 -30.28 -8.88 14.79
C TYR B 244 -31.70 -9.07 14.32
N ARG B 245 -32.65 -8.81 15.22
CA ARG B 245 -34.05 -8.99 14.93
C ARG B 245 -34.62 -7.93 13.96
N PRO B 246 -35.70 -8.27 13.26
CA PRO B 246 -36.41 -9.55 13.27
C PRO B 246 -35.88 -10.62 12.28
N HIS B 247 -34.57 -10.73 12.09
CA HIS B 247 -33.93 -11.91 11.43
C HIS B 247 -34.49 -13.16 12.12
N PRO B 248 -34.56 -14.29 11.40
CA PRO B 248 -34.91 -15.54 12.06
C PRO B 248 -33.80 -16.03 12.98
N PRO B 249 -34.07 -17.06 13.80
CA PRO B 249 -35.28 -17.94 13.84
C PRO B 249 -36.51 -17.26 14.38
N PHE B 250 -37.69 -17.66 13.87
CA PHE B 250 -38.94 -16.97 14.22
C PHE B 250 -39.63 -17.52 15.49
N VAL B 251 -39.00 -17.24 16.62
CA VAL B 251 -39.55 -17.54 17.93
C VAL B 251 -39.10 -16.41 18.86
N ALA B 252 -39.94 -16.03 19.82
CA ALA B 252 -39.70 -14.85 20.67
C ALA B 252 -39.82 -15.17 22.14
N SER B 253 -38.98 -14.53 22.96
CA SER B 253 -39.10 -14.56 24.41
C SER B 253 -40.47 -14.07 24.85
N ALA B 254 -40.96 -14.61 25.98
CA ALA B 254 -42.26 -14.19 26.54
C ALA B 254 -42.17 -12.74 26.98
N PRO B 255 -43.23 -11.92 26.72
CA PRO B 255 -44.57 -12.26 26.18
C PRO B 255 -44.76 -12.05 24.67
N TYR B 256 -43.67 -11.81 23.94
CA TYR B 256 -43.78 -11.36 22.56
C TYR B 256 -44.31 -12.47 21.62
N HIS B 257 -44.22 -13.71 22.09
CA HIS B 257 -44.70 -14.88 21.37
C HIS B 257 -46.20 -14.89 21.22
N ALA B 258 -46.91 -14.36 22.20
CA ALA B 258 -48.40 -14.38 22.21
C ALA B 258 -49.02 -13.00 21.99
N MET B 259 -48.20 -11.97 21.87
CA MET B 259 -48.66 -10.60 21.73
C MET B 259 -49.66 -10.45 20.61
N TYR B 260 -49.42 -11.09 19.47
CA TYR B 260 -50.27 -10.88 18.30
C TYR B 260 -50.86 -12.20 17.85
N LYS B 261 -52.07 -12.15 17.32
CA LYS B 261 -52.79 -13.36 16.84
C LYS B 261 -52.62 -13.58 15.35
N ALA B 262 -52.39 -14.82 14.94
CA ALA B 262 -52.31 -15.19 13.51
C ALA B 262 -53.46 -14.63 12.71
N GLU B 263 -54.65 -14.71 13.27
CA GLU B 263 -55.82 -14.27 12.52
C GLU B 263 -55.85 -12.77 12.25
N ASP B 264 -54.99 -11.97 12.89
CA ASP B 264 -54.92 -10.51 12.62
C ASP B 264 -53.84 -10.10 11.57
N MET B 265 -53.05 -11.08 11.14
CA MET B 265 -51.95 -10.84 10.23
C MET B 265 -52.45 -10.87 8.79
N PRO B 266 -51.86 -10.06 7.90
CA PRO B 266 -52.29 -10.14 6.51
C PRO B 266 -51.86 -11.48 5.91
N ALA B 267 -52.66 -11.97 4.96
CA ALA B 267 -52.40 -13.23 4.29
C ALA B 267 -51.24 -13.06 3.31
N PRO B 268 -50.50 -14.14 3.06
CA PRO B 268 -49.46 -14.05 2.03
C PRO B 268 -50.04 -13.80 0.64
N ILE B 269 -49.25 -13.22 -0.25
CA ILE B 269 -49.63 -13.02 -1.65
C ILE B 269 -48.86 -14.03 -2.50
N ARG B 270 -49.59 -14.93 -3.16
CA ARG B 270 -48.93 -15.99 -3.91
C ARG B 270 -49.75 -16.64 -5.02
N ALA B 271 -49.03 -17.32 -5.91
CA ALA B 271 -49.62 -18.07 -7.00
C ALA B 271 -50.34 -19.26 -6.40
N GLU B 272 -51.03 -20.04 -7.22
CA GLU B 272 -51.91 -21.07 -6.66
C GLU B 272 -51.17 -22.17 -5.86
N ASN B 273 -49.94 -22.44 -6.20
CA ASN B 273 -49.15 -23.48 -5.52
C ASN B 273 -47.70 -23.28 -5.91
N PRO B 274 -46.76 -23.96 -5.21
CA PRO B 274 -45.32 -23.73 -5.46
C PRO B 274 -44.85 -23.83 -6.94
N ASP B 275 -45.39 -24.80 -7.68
CA ASP B 275 -44.98 -25.02 -9.06
C ASP B 275 -45.43 -23.89 -10.00
N ALA B 276 -46.62 -23.33 -9.78
CA ALA B 276 -47.13 -22.21 -10.58
C ALA B 276 -46.16 -21.02 -10.44
N GLU B 277 -45.72 -20.80 -9.21
CA GLU B 277 -44.70 -19.78 -8.90
C GLU B 277 -43.40 -20.09 -9.62
N ALA B 278 -42.91 -21.33 -9.49
CA ALA B 278 -41.66 -21.78 -10.10
C ALA B 278 -41.59 -21.63 -11.64
N ALA B 279 -42.75 -21.72 -12.28
CA ALA B 279 -42.85 -21.61 -13.74
C ALA B 279 -42.46 -20.24 -14.23
N GLN B 280 -42.45 -19.22 -13.37
CA GLN B 280 -42.15 -17.82 -13.79
C GLN B 280 -40.73 -17.66 -14.32
N HIS B 281 -39.77 -18.27 -13.64
CA HIS B 281 -38.36 -18.05 -13.97
C HIS B 281 -37.50 -19.12 -13.35
N PRO B 282 -36.40 -19.51 -14.02
CA PRO B 282 -35.55 -20.56 -13.47
C PRO B 282 -35.02 -20.23 -12.10
N LEU B 283 -34.66 -18.97 -11.87
CA LEU B 283 -34.14 -18.62 -10.56
C LEU B 283 -35.24 -18.76 -9.50
N MET B 284 -36.46 -18.41 -9.85
CA MET B 284 -37.54 -18.60 -8.91
C MET B 284 -37.67 -20.09 -8.54
N LYS B 285 -37.53 -20.95 -9.54
CA LYS B 285 -37.63 -22.38 -9.33
C LYS B 285 -36.52 -22.87 -8.40
N HIS B 286 -35.30 -22.38 -8.53
CA HIS B 286 -34.25 -22.90 -7.67
C HIS B 286 -34.62 -22.67 -6.23
N TYR B 287 -34.98 -21.43 -5.91
CA TYR B 287 -35.30 -21.03 -4.56
C TYR B 287 -36.52 -21.75 -3.98
N ILE B 288 -37.60 -21.83 -4.75
CA ILE B 288 -38.80 -22.58 -4.32
C ILE B 288 -38.40 -24.01 -3.97
N ASP B 289 -37.61 -24.63 -4.84
CA ASP B 289 -37.11 -26.03 -4.67
C ASP B 289 -36.02 -26.22 -3.60
N HIS B 290 -35.45 -25.16 -3.05
CA HIS B 290 -34.27 -25.30 -2.17
C HIS B 290 -34.34 -24.68 -0.79
N ILE B 291 -35.18 -23.66 -0.61
CA ILE B 291 -35.33 -23.00 0.67
C ILE B 291 -36.00 -23.89 1.75
N ARG B 292 -35.30 -24.00 2.89
CA ARG B 292 -35.64 -24.93 3.97
C ARG B 292 -36.29 -24.21 5.17
N ARG B 293 -37.30 -24.86 5.77
CA ARG B 293 -37.93 -24.32 6.99
C ARG B 293 -36.96 -24.18 8.15
N GLY B 294 -35.97 -25.08 8.20
CA GLY B 294 -34.94 -25.07 9.22
C GLY B 294 -34.09 -23.82 9.29
N SER B 295 -34.02 -23.06 8.19
CA SER B 295 -33.29 -21.78 8.20
C SER B 295 -34.12 -20.62 8.71
N PHE B 296 -35.37 -20.88 9.10
CA PHE B 296 -36.29 -19.84 9.57
C PHE B 296 -36.96 -20.19 10.87
N PHE B 297 -36.91 -21.46 11.22
CA PHE B 297 -37.37 -21.94 12.51
C PHE B 297 -36.43 -22.96 13.03
N HIS B 298 -35.81 -22.68 14.16
CA HIS B 298 -34.80 -23.55 14.75
C HIS B 298 -35.34 -24.95 15.05
N GLY B 299 -34.67 -25.93 14.46
CA GLY B 299 -35.05 -27.34 14.57
C GLY B 299 -35.99 -27.81 13.48
N ALA B 300 -36.76 -26.90 12.87
CA ALA B 300 -37.78 -27.31 11.89
C ALA B 300 -37.16 -28.02 10.69
N GLU B 301 -37.97 -28.83 9.99
CA GLU B 301 -37.54 -29.62 8.81
C GLU B 301 -38.54 -29.54 7.64
N GLY B 302 -38.01 -29.43 6.42
CA GLY B 302 -38.85 -29.46 5.22
C GLY B 302 -38.84 -28.19 4.38
N SER B 303 -39.76 -28.14 3.41
CA SER B 303 -39.78 -27.07 2.41
C SER B 303 -40.45 -25.83 2.94
N GLY B 304 -39.74 -24.70 2.93
CA GLY B 304 -40.32 -23.41 3.23
C GLY B 304 -41.54 -23.11 2.36
N ALA B 305 -41.46 -23.48 1.09
CA ALA B 305 -42.55 -23.26 0.12
C ALA B 305 -43.87 -24.00 0.42
N THR B 306 -43.80 -25.09 1.20
CA THR B 306 -45.02 -25.90 1.49
C THR B 306 -45.71 -25.50 2.77
N LEU B 307 -45.38 -24.34 3.32
CA LEU B 307 -46.03 -23.89 4.54
C LEU B 307 -47.44 -23.48 4.12
N ASP B 308 -48.45 -23.82 4.92
CA ASP B 308 -49.83 -23.47 4.57
C ASP B 308 -50.12 -22.07 5.09
N GLU B 309 -51.26 -21.53 4.66
CA GLU B 309 -51.61 -20.15 5.02
C GLU B 309 -51.65 -19.94 6.53
N GLY B 310 -52.15 -20.94 7.25
CA GLY B 310 -52.24 -20.85 8.69
C GLY B 310 -50.90 -20.71 9.36
N GLU B 311 -49.93 -21.46 8.87
CA GLU B 311 -48.61 -21.44 9.48
C GLU B 311 -47.90 -20.10 9.17
N ILE B 312 -48.05 -19.59 7.95
CA ILE B 312 -47.42 -18.31 7.55
C ILE B 312 -47.98 -17.19 8.43
N ARG B 313 -49.29 -17.22 8.68
CA ARG B 313 -49.93 -16.23 9.56
C ARG B 313 -49.33 -16.23 10.95
N GLN B 314 -49.05 -17.42 11.47
CA GLN B 314 -48.50 -17.54 12.82
C GLN B 314 -47.08 -16.95 12.88
N MET B 315 -46.27 -17.34 11.89
CA MET B 315 -44.90 -16.88 11.72
C MET B 315 -44.88 -15.39 11.77
N ARG B 316 -45.79 -14.85 10.97
CA ARG B 316 -45.98 -13.44 10.83
C ARG B 316 -46.27 -12.76 12.15
N ALA B 317 -47.07 -13.41 12.98
CA ALA B 317 -47.40 -12.85 14.28
C ALA B 317 -46.18 -12.92 15.22
N THR B 318 -45.40 -13.99 15.10
CA THR B 318 -44.14 -14.07 15.85
C THR B 318 -43.19 -12.94 15.39
N TYR B 319 -43.16 -12.69 14.09
CA TYR B 319 -42.34 -11.59 13.48
C TYR B 319 -42.76 -10.22 14.03
N CYS B 320 -44.06 -10.03 14.24
CA CYS B 320 -44.56 -8.81 14.83
C CYS B 320 -44.10 -8.66 16.29
N GLY B 321 -44.03 -9.78 17.01
CA GLY B 321 -43.58 -9.78 18.42
C GLY B 321 -42.13 -9.31 18.49
N LEU B 322 -41.30 -9.92 17.66
CA LEU B 322 -39.89 -9.60 17.60
C LEU B 322 -39.73 -8.11 17.32
N ILE B 323 -40.55 -7.58 16.41
CA ILE B 323 -40.55 -6.17 16.07
C ILE B 323 -40.86 -5.30 17.27
N THR B 324 -41.90 -5.66 18.03
CA THR B 324 -42.34 -4.82 19.13
C THR B 324 -41.31 -4.85 20.23
N GLU B 325 -40.62 -5.97 20.39
CA GLU B 325 -39.53 -6.03 21.36
C GLU B 325 -38.42 -5.01 21.03
N ILE B 326 -38.11 -4.85 19.74
CA ILE B 326 -37.08 -3.88 19.31
C ILE B 326 -37.58 -2.51 19.69
N ASP B 327 -38.88 -2.30 19.51
CA ASP B 327 -39.47 -1.00 19.84
C ASP B 327 -39.39 -0.72 21.33
N ASP B 328 -39.63 -1.73 22.13
CA ASP B 328 -39.50 -1.57 23.56
C ASP B 328 -38.07 -1.19 23.86
N CYS B 329 -37.16 -1.84 23.17
CA CYS B 329 -35.74 -1.57 23.31
C CYS B 329 -35.32 -0.18 22.87
N LEU B 330 -35.78 0.24 21.72
CA LEU B 330 -35.48 1.60 21.32
C LEU B 330 -36.00 2.57 22.40
N GLY B 331 -37.03 2.17 23.12
CA GLY B 331 -37.63 3.01 24.16
C GLY B 331 -36.63 3.37 25.21
N ARG B 332 -35.80 2.40 25.56
CA ARG B 332 -34.79 2.64 26.58
C ARG B 332 -33.71 3.60 26.05
N VAL B 333 -33.35 3.47 24.76
CA VAL B 333 -32.26 4.26 24.23
C VAL B 333 -32.78 5.70 24.15
N PHE B 334 -34.01 5.85 23.66
CA PHE B 334 -34.57 7.19 23.56
C PHE B 334 -34.68 7.81 24.95
N ALA B 335 -35.00 7.01 25.96
CA ALA B 335 -35.22 7.58 27.29
C ALA B 335 -33.93 8.23 27.78
N TYR B 336 -32.81 7.54 27.58
CA TYR B 336 -31.51 8.03 28.02
C TYR B 336 -31.09 9.31 27.32
N LEU B 337 -31.47 9.44 26.05
CA LEU B 337 -31.23 10.68 25.30
C LEU B 337 -32.08 11.86 25.82
N ASP B 338 -33.34 11.57 26.11
CA ASP B 338 -34.21 12.54 26.75
C ASP B 338 -33.59 12.93 28.11
N GLU B 339 -33.37 12.00 29.03
CA GLU B 339 -32.81 12.38 30.36
C GLU B 339 -31.53 13.22 30.28
N THR B 340 -30.71 13.03 29.26
CA THR B 340 -29.42 13.69 29.18
C THR B 340 -29.48 14.90 28.23
N GLY B 341 -30.67 15.23 27.76
CA GLY B 341 -30.84 16.45 26.97
C GLY B 341 -30.23 16.36 25.59
N GLN B 342 -30.22 15.16 25.02
CA GLN B 342 -29.52 14.93 23.75
C GLN B 342 -30.44 14.67 22.56
N TRP B 343 -31.71 14.38 22.84
CA TRP B 343 -32.67 14.09 21.78
C TRP B 343 -32.66 15.10 20.60
N ASP B 344 -32.69 16.39 20.92
CA ASP B 344 -32.73 17.41 19.86
C ASP B 344 -31.36 17.69 19.25
N ASP B 345 -30.31 17.08 19.84
CA ASP B 345 -28.98 17.17 19.26
C ASP B 345 -28.65 16.02 18.31
N THR B 346 -29.56 15.07 18.12
CA THR B 346 -29.20 13.83 17.45
C THR B 346 -29.96 13.57 16.19
N LEU B 347 -29.22 13.38 15.09
CA LEU B 347 -29.81 12.88 13.85
C LEU B 347 -29.98 11.38 14.03
N ILE B 348 -31.22 10.95 14.21
CA ILE B 348 -31.55 9.51 14.23
C ILE B 348 -32.09 9.04 12.87
N ILE B 349 -31.43 8.01 12.32
CA ILE B 349 -31.83 7.31 11.10
C ILE B 349 -32.21 5.92 11.53
N PHE B 350 -33.39 5.47 11.14
CA PHE B 350 -33.84 4.11 11.38
C PHE B 350 -34.03 3.42 10.05
N THR B 351 -33.40 2.26 9.89
CA THR B 351 -33.47 1.53 8.63
C THR B 351 -33.24 0.04 8.85
N SER B 352 -33.48 -0.72 7.80
CA SER B 352 -33.12 -2.13 7.77
C SER B 352 -32.13 -2.40 6.64
N ASP B 353 -31.35 -3.48 6.78
CA ASP B 353 -30.41 -3.92 5.73
C ASP B 353 -31.12 -4.52 4.54
N HIS B 354 -32.14 -5.31 4.79
CA HIS B 354 -32.91 -5.81 3.69
C HIS B 354 -34.30 -6.17 4.17
N GLY B 355 -35.11 -6.68 3.27
CA GLY B 355 -36.45 -7.10 3.58
C GLY B 355 -36.52 -8.58 3.90
N GLU B 356 -37.64 -9.17 3.52
CA GLU B 356 -37.97 -10.58 3.82
C GLU B 356 -39.26 -11.00 3.10
N GLN B 357 -39.25 -12.18 2.49
CA GLN B 357 -40.43 -12.66 1.75
C GLN B 357 -41.62 -13.01 2.67
N LEU B 358 -41.32 -13.63 3.82
CA LEU B 358 -42.32 -13.97 4.86
C LEU B 358 -43.54 -14.70 4.27
N GLY B 359 -43.29 -15.62 3.33
CA GLY B 359 -44.35 -16.36 2.65
C GLY B 359 -44.74 -15.80 1.29
N ASP B 360 -44.47 -14.53 1.03
CA ASP B 360 -44.89 -13.94 -0.23
C ASP B 360 -44.18 -14.64 -1.37
N HIS B 361 -44.99 -15.04 -2.34
CA HIS B 361 -44.58 -15.88 -3.47
C HIS B 361 -43.99 -17.17 -2.98
N HIS B 362 -44.51 -17.70 -1.88
CA HIS B 362 -44.08 -19.05 -1.45
C HIS B 362 -42.61 -19.10 -1.02
N LEU B 363 -42.03 -17.93 -0.79
CA LEU B 363 -40.62 -17.85 -0.47
C LEU B 363 -40.51 -17.42 0.97
N LEU B 364 -39.45 -17.92 1.62
CA LEU B 364 -38.92 -17.39 2.87
C LEU B 364 -37.57 -16.71 2.62
N GLY B 365 -37.33 -15.61 3.31
CA GLY B 365 -36.01 -14.96 3.30
C GLY B 365 -35.87 -13.85 2.29
N LYS B 366 -34.64 -13.65 1.83
CA LYS B 366 -34.35 -12.52 0.97
C LYS B 366 -33.44 -12.96 -0.16
N ILE B 367 -34.00 -12.98 -1.36
CA ILE B 367 -33.38 -13.63 -2.50
C ILE B 367 -34.14 -13.18 -3.73
N GLY B 368 -33.49 -13.20 -4.89
CA GLY B 368 -34.24 -13.15 -6.14
C GLY B 368 -34.55 -11.74 -6.53
N TYR B 369 -35.76 -11.50 -7.02
CA TYR B 369 -36.12 -10.23 -7.64
C TYR B 369 -37.39 -9.61 -7.08
N ASN B 370 -38.11 -10.33 -6.23
CA ASN B 370 -39.36 -9.82 -5.69
C ASN B 370 -39.18 -8.59 -4.78
N ALA B 371 -40.07 -7.61 -4.97
CA ALA B 371 -40.11 -6.35 -4.23
C ALA B 371 -39.97 -6.43 -2.68
N GLU B 372 -40.58 -7.45 -2.07
CA GLU B 372 -40.56 -7.56 -0.60
C GLU B 372 -39.20 -7.86 0.03
N SER B 373 -38.23 -8.29 -0.78
CA SER B 373 -36.89 -8.64 -0.31
C SER B 373 -36.01 -7.38 -0.24
N PHE B 374 -36.41 -6.35 -0.98
CA PHE B 374 -35.61 -5.15 -1.14
C PHE B 374 -36.21 -3.92 -0.53
N ARG B 375 -37.51 -3.90 -0.35
CA ARG B 375 -38.20 -2.74 0.19
C ARG B 375 -38.06 -2.63 1.70
N ILE B 376 -37.40 -1.59 2.16
CA ILE B 376 -37.08 -1.47 3.58
C ILE B 376 -37.51 -0.09 4.11
N PRO B 377 -37.61 0.04 5.44
CA PRO B 377 -38.01 1.33 6.01
C PRO B 377 -36.87 2.31 6.05
N LEU B 378 -37.21 3.60 6.03
CA LEU B 378 -36.26 4.68 6.32
C LEU B 378 -36.97 5.85 6.99
N VAL B 379 -36.57 6.17 8.23
CA VAL B 379 -37.14 7.25 9.00
C VAL B 379 -35.98 8.08 9.51
N ILE B 380 -35.98 9.36 9.17
CA ILE B 380 -34.88 10.25 9.53
C ILE B 380 -35.42 11.42 10.37
N LYS B 381 -34.88 11.56 11.57
CA LYS B 381 -35.23 12.68 12.44
C LYS B 381 -34.03 13.59 12.59
N ASP B 382 -34.18 14.79 12.02
CA ASP B 382 -33.15 15.82 12.11
C ASP B 382 -33.05 16.32 13.54
N ALA B 383 -31.99 17.05 13.84
CA ALA B 383 -31.82 17.70 15.11
C ALA B 383 -32.90 18.74 15.12
N GLY B 384 -33.34 19.13 16.30
CA GLY B 384 -34.19 20.31 16.41
C GLY B 384 -35.58 19.86 16.13
N GLN B 385 -36.45 20.81 15.83
CA GLN B 385 -37.80 20.50 15.40
C GLN B 385 -37.80 20.44 13.87
N ASN B 386 -38.23 19.27 13.39
CA ASN B 386 -38.12 18.92 12.00
C ASN B 386 -39.20 19.56 11.22
N ARG B 387 -38.81 20.38 10.26
CA ARG B 387 -39.73 21.08 9.41
C ARG B 387 -40.74 20.19 8.65
N HIS B 388 -40.40 18.92 8.44
CA HIS B 388 -41.33 18.00 7.81
C HIS B 388 -41.82 16.93 8.76
N ALA B 389 -41.75 17.19 10.07
CA ALA B 389 -42.12 16.18 11.06
C ALA B 389 -43.45 15.52 10.69
N GLY B 390 -43.49 14.18 10.75
CA GLY B 390 -44.74 13.43 10.50
C GLY B 390 -45.08 13.17 9.05
N GLN B 391 -44.40 13.84 8.13
CA GLN B 391 -44.70 13.71 6.69
C GLN B 391 -44.14 12.43 6.16
N ILE B 392 -44.67 12.06 4.99
CA ILE B 392 -44.33 10.81 4.31
C ILE B 392 -43.79 11.15 2.92
N GLU B 393 -42.55 10.80 2.65
CA GLU B 393 -41.91 11.22 1.42
C GLU B 393 -42.02 10.07 0.45
N GLU B 394 -42.40 10.40 -0.77
CA GLU B 394 -42.71 9.40 -1.82
C GLU B 394 -41.54 9.14 -2.78
N GLY B 395 -40.65 10.12 -2.92
CA GLY B 395 -39.45 9.99 -3.74
C GLY B 395 -38.60 8.75 -3.47
N PHE B 396 -38.01 8.24 -4.53
CA PHE B 396 -37.34 6.95 -4.54
C PHE B 396 -35.94 7.09 -3.93
N SER B 397 -35.72 6.48 -2.75
CA SER B 397 -34.45 6.54 -2.10
C SER B 397 -33.86 5.15 -2.06
N GLU B 398 -32.54 5.10 -1.86
CA GLU B 398 -31.78 3.85 -1.90
C GLU B 398 -30.78 3.80 -0.74
N SER B 399 -30.47 2.62 -0.27
CA SER B 399 -29.59 2.49 0.87
C SER B 399 -28.23 3.22 0.69
N ILE B 400 -27.78 3.30 -0.55
CA ILE B 400 -26.56 4.00 -0.88
C ILE B 400 -26.64 5.50 -0.54
N ASP B 401 -27.84 6.01 -0.32
CA ASP B 401 -28.04 7.42 0.04
C ASP B 401 -27.71 7.76 1.51
N VAL B 402 -27.82 6.77 2.39
CA VAL B 402 -27.59 6.97 3.82
C VAL B 402 -26.22 7.55 4.15
N MET B 403 -25.17 6.95 3.59
CA MET B 403 -23.80 7.32 3.98
C MET B 403 -23.48 8.79 3.62
N PRO B 404 -23.78 9.17 2.38
CA PRO B 404 -23.64 10.55 1.98
C PRO B 404 -24.47 11.51 2.85
N THR B 405 -25.65 11.08 3.31
CA THR B 405 -26.51 11.93 4.14
C THR B 405 -25.82 12.23 5.46
N ILE B 406 -25.31 11.17 6.12
CA ILE B 406 -24.68 11.30 7.43
C ILE B 406 -23.46 12.21 7.30
N LEU B 407 -22.63 11.98 6.30
CA LEU B 407 -21.36 12.71 6.22
C LEU B 407 -21.63 14.19 5.96
N GLU B 408 -22.53 14.46 5.01
CA GLU B 408 -22.92 15.83 4.74
C GLU B 408 -23.50 16.50 6.01
N TRP B 409 -24.37 15.80 6.73
CA TRP B 409 -24.94 16.32 7.98
C TRP B 409 -23.89 16.61 9.08
N LEU B 410 -22.82 15.82 9.16
CA LEU B 410 -21.75 16.05 10.12
C LEU B 410 -20.72 17.08 9.66
N GLY B 411 -20.92 17.70 8.51
CA GLY B 411 -20.05 18.76 8.03
C GLY B 411 -19.09 18.36 6.95
N GLY B 412 -19.09 17.11 6.52
CA GLY B 412 -18.12 16.67 5.50
C GLY B 412 -18.61 16.68 4.07
N GLU B 413 -17.73 16.32 3.15
CA GLU B 413 -18.08 16.20 1.72
C GLU B 413 -18.51 14.75 1.38
N THR B 414 -19.41 14.61 0.41
CA THR B 414 -19.74 13.26 -0.05
C THR B 414 -18.54 12.80 -0.88
N PRO B 415 -18.01 11.61 -0.58
CA PRO B 415 -16.89 11.17 -1.39
C PRO B 415 -17.25 11.12 -2.87
N ARG B 416 -16.26 11.36 -3.72
CA ARG B 416 -16.44 11.30 -5.14
C ARG B 416 -16.88 9.92 -5.64
N ALA B 417 -16.38 8.84 -5.02
CA ALA B 417 -16.65 7.47 -5.50
C ALA B 417 -18.10 6.98 -5.32
N CYS B 418 -18.84 7.54 -4.34
CA CYS B 418 -20.21 7.11 -4.00
C CYS B 418 -21.22 7.17 -5.15
N ASP B 419 -22.01 6.11 -5.26
CA ASP B 419 -23.13 6.13 -6.19
C ASP B 419 -24.30 6.93 -5.59
N GLY B 420 -24.47 6.85 -4.28
CA GLY B 420 -25.57 7.50 -3.61
C GLY B 420 -25.41 9.00 -3.46
N ARG B 421 -26.54 9.66 -3.16
CA ARG B 421 -26.63 11.11 -2.93
C ARG B 421 -27.35 11.41 -1.63
N SER B 422 -26.91 12.51 -1.02
CA SER B 422 -27.35 12.92 0.29
C SER B 422 -28.81 13.21 0.19
N LEU B 423 -29.56 12.70 1.17
CA LEU B 423 -30.97 12.95 1.32
C LEU B 423 -31.29 14.28 2.02
N LEU B 424 -30.29 15.11 2.30
CA LEU B 424 -30.53 16.27 3.20
C LEU B 424 -31.52 17.30 2.58
N PRO B 425 -31.55 17.43 1.24
CA PRO B 425 -32.52 18.33 0.63
C PRO B 425 -33.97 17.94 0.95
N PHE B 426 -34.23 16.65 1.15
CA PHE B 426 -35.60 16.19 1.51
C PHE B 426 -36.01 16.76 2.84
N LEU B 427 -35.06 16.91 3.76
CA LEU B 427 -35.30 17.57 5.05
C LEU B 427 -35.38 19.09 4.90
N ALA B 428 -34.92 19.65 3.79
CA ALA B 428 -35.15 21.05 3.44
C ALA B 428 -36.33 21.40 2.56
N GLU B 429 -36.10 21.87 1.34
CA GLU B 429 -37.20 22.20 0.45
C GLU B 429 -37.93 20.97 -0.06
N GLY B 430 -37.21 19.90 -0.36
CA GLY B 430 -37.85 18.65 -0.79
C GLY B 430 -37.04 17.95 -1.86
N LYS B 431 -37.70 17.07 -2.60
CA LYS B 431 -37.05 16.25 -3.64
C LYS B 431 -36.34 17.13 -4.66
N PRO B 432 -35.05 16.93 -4.82
CA PRO B 432 -34.39 17.76 -5.81
C PRO B 432 -34.96 17.53 -7.18
N SER B 433 -34.82 18.53 -8.05
CA SER B 433 -35.46 18.52 -9.35
C SER B 433 -34.77 17.53 -10.27
N ASP B 434 -33.57 17.08 -9.89
CA ASP B 434 -32.89 16.05 -10.67
C ASP B 434 -32.76 14.71 -9.93
N TRP B 435 -33.52 14.50 -8.88
CA TRP B 435 -33.53 13.22 -8.20
C TRP B 435 -33.90 12.07 -9.15
N ARG B 436 -33.44 10.87 -8.83
CA ARG B 436 -33.66 9.71 -9.63
C ARG B 436 -35.16 9.55 -9.85
N THR B 437 -35.54 9.02 -11.01
CA THR B 437 -36.94 8.74 -11.30
C THR B 437 -37.29 7.25 -11.25
N GLU B 438 -36.31 6.41 -10.98
CA GLU B 438 -36.56 4.98 -10.73
C GLU B 438 -35.69 4.39 -9.60
N LEU B 439 -36.10 3.23 -9.11
CA LEU B 439 -35.40 2.55 -8.01
C LEU B 439 -34.57 1.50 -8.71
N HIS B 440 -33.40 1.19 -8.12
CA HIS B 440 -32.45 0.30 -8.72
C HIS B 440 -32.02 -0.73 -7.69
N TYR B 441 -31.95 -2.00 -8.06
CA TYR B 441 -31.35 -2.96 -7.12
C TYR B 441 -30.77 -4.16 -7.83
N GLU B 442 -29.91 -4.89 -7.14
CA GLU B 442 -29.20 -6.00 -7.78
C GLU B 442 -29.18 -7.26 -6.93
N PHE B 443 -28.95 -8.37 -7.59
CA PHE B 443 -28.78 -9.61 -6.92
C PHE B 443 -27.83 -10.47 -7.75
N ASP B 444 -26.95 -11.15 -7.02
CA ASP B 444 -25.96 -12.01 -7.59
C ASP B 444 -26.17 -13.33 -6.89
N PHE B 445 -26.29 -14.39 -7.69
CA PHE B 445 -26.64 -15.71 -7.21
C PHE B 445 -25.59 -16.75 -7.54
N ARG B 446 -24.32 -16.36 -7.63
CA ARG B 446 -23.27 -17.37 -7.79
C ARG B 446 -23.19 -18.27 -6.55
N ASP B 447 -22.56 -19.43 -6.71
CA ASP B 447 -22.53 -20.48 -5.68
C ASP B 447 -21.77 -20.03 -4.45
N VAL B 448 -22.33 -20.32 -3.29
CA VAL B 448 -21.63 -20.24 -1.99
C VAL B 448 -21.75 -21.60 -1.23
N PHE B 449 -21.05 -21.74 -0.11
CA PHE B 449 -20.92 -23.08 0.56
C PHE B 449 -22.24 -23.72 1.03
N TYR B 450 -23.28 -22.89 1.21
CA TYR B 450 -24.59 -23.35 1.63
C TYR B 450 -25.67 -23.21 0.55
N ASP B 451 -25.34 -22.70 -0.62
CA ASP B 451 -26.32 -22.73 -1.70
C ASP B 451 -25.73 -22.61 -3.10
N GLN B 452 -26.20 -23.48 -4.00
CA GLN B 452 -25.57 -23.56 -5.32
C GLN B 452 -26.51 -23.32 -6.50
N PRO B 453 -27.04 -22.10 -6.61
CA PRO B 453 -27.93 -21.78 -7.70
C PRO B 453 -27.46 -22.25 -9.07
N GLN B 454 -26.14 -22.15 -9.31
CA GLN B 454 -25.53 -22.61 -10.58
C GLN B 454 -25.84 -24.04 -11.07
N ASN B 455 -26.12 -24.98 -10.15
CA ASN B 455 -26.56 -26.37 -10.51
C ASN B 455 -27.95 -26.38 -11.13
N SER B 456 -28.83 -25.58 -10.55
CA SER B 456 -30.16 -25.39 -11.07
C SER B 456 -30.17 -24.64 -12.40
N VAL B 457 -29.40 -23.57 -12.49
CA VAL B 457 -29.48 -22.57 -13.58
C VAL B 457 -28.50 -22.88 -14.76
N GLN B 458 -27.50 -23.74 -14.50
CA GLN B 458 -26.46 -24.11 -15.45
C GLN B 458 -25.71 -22.92 -16.08
N LEU B 459 -25.21 -22.03 -15.21
CA LEU B 459 -24.35 -20.90 -15.62
C LEU B 459 -23.13 -20.90 -14.74
N SER B 460 -22.06 -20.29 -15.26
CA SER B 460 -20.86 -20.03 -14.47
C SER B 460 -20.99 -18.68 -13.67
N GLN B 461 -20.15 -18.53 -12.64
CA GLN B 461 -20.35 -17.52 -11.61
C GLN B 461 -20.42 -16.04 -12.11
N ASP B 462 -19.69 -15.72 -13.16
CA ASP B 462 -19.66 -14.38 -13.68
C ASP B 462 -20.88 -14.04 -14.49
N ASP B 463 -21.77 -15.02 -14.66
CA ASP B 463 -22.98 -14.80 -15.42
C ASP B 463 -24.23 -14.89 -14.56
N CYS B 464 -24.04 -15.00 -13.24
CA CYS B 464 -25.16 -15.13 -12.32
C CYS B 464 -25.54 -13.84 -11.63
N SER B 465 -26.10 -12.87 -12.37
CA SER B 465 -26.60 -11.67 -11.72
C SER B 465 -27.82 -11.16 -12.45
N LEU B 466 -28.48 -10.20 -11.80
CA LEU B 466 -29.61 -9.50 -12.34
C LEU B 466 -29.62 -8.11 -11.76
N CYS B 467 -30.22 -7.19 -12.49
CA CYS B 467 -30.53 -5.92 -11.88
C CYS B 467 -31.95 -5.59 -12.19
N VAL B 468 -32.52 -4.69 -11.39
CA VAL B 468 -33.89 -4.30 -11.47
C VAL B 468 -34.04 -2.81 -11.63
N ILE B 469 -34.98 -2.44 -12.47
CA ILE B 469 -35.28 -1.05 -12.67
C ILE B 469 -36.85 -0.97 -12.45
N GLU B 470 -37.29 -0.10 -11.55
CA GLU B 470 -38.68 -0.10 -11.09
C GLU B 470 -39.15 1.33 -10.90
N ASP B 471 -40.39 1.61 -11.29
CA ASP B 471 -41.02 2.88 -10.92
C ASP B 471 -42.49 2.70 -10.49
N GLU B 472 -43.25 3.79 -10.42
CA GLU B 472 -44.68 3.69 -10.10
C GLU B 472 -45.50 2.77 -11.06
N ASN B 473 -45.11 2.66 -12.32
CA ASN B 473 -45.96 1.94 -13.28
C ASN B 473 -45.38 0.62 -13.79
N TYR B 474 -44.06 0.46 -13.80
CA TYR B 474 -43.46 -0.80 -14.30
C TYR B 474 -42.23 -1.31 -13.54
N LYS B 475 -41.96 -2.60 -13.68
CA LYS B 475 -40.75 -3.16 -13.13
C LYS B 475 -40.10 -4.04 -14.18
N TYR B 476 -38.83 -3.77 -14.47
CA TYR B 476 -38.04 -4.60 -15.38
C TYR B 476 -36.93 -5.32 -14.60
N VAL B 477 -36.91 -6.64 -14.67
CA VAL B 477 -35.81 -7.41 -14.08
C VAL B 477 -34.97 -7.97 -15.22
N HIS B 478 -33.71 -7.55 -15.35
CA HIS B 478 -32.84 -8.04 -16.42
C HIS B 478 -31.78 -8.95 -15.86
N PHE B 479 -31.70 -10.16 -16.41
CA PHE B 479 -30.75 -11.20 -15.99
C PHE B 479 -29.54 -11.22 -16.92
N ALA B 480 -28.38 -11.47 -16.33
CA ALA B 480 -27.13 -11.52 -17.10
C ALA B 480 -27.31 -12.52 -18.25
N ALA B 481 -27.78 -13.73 -17.94
CA ALA B 481 -27.77 -14.84 -18.89
C ALA B 481 -28.96 -15.79 -18.68
N LEU B 482 -30.11 -15.23 -18.33
CA LEU B 482 -31.37 -15.96 -18.21
C LEU B 482 -32.46 -15.01 -18.71
N PRO B 483 -33.71 -15.47 -18.79
CA PRO B 483 -34.72 -14.57 -19.34
C PRO B 483 -35.09 -13.37 -18.48
N PRO B 484 -35.46 -12.27 -19.12
CA PRO B 484 -35.92 -11.10 -18.43
C PRO B 484 -37.37 -11.15 -18.01
N LEU B 485 -37.72 -10.30 -17.05
CA LEU B 485 -39.08 -10.23 -16.57
C LEU B 485 -39.54 -8.77 -16.64
N PHE B 486 -40.82 -8.55 -16.96
CA PHE B 486 -41.35 -7.20 -17.02
C PHE B 486 -42.78 -7.23 -16.47
N PHE B 487 -43.13 -6.22 -15.65
CA PHE B 487 -44.35 -6.27 -14.86
C PHE B 487 -45.12 -4.97 -14.92
N ASP B 488 -46.43 -5.06 -15.16
CA ASP B 488 -47.32 -3.89 -15.15
C ASP B 488 -47.84 -3.81 -13.73
N LEU B 489 -47.31 -2.87 -12.95
CA LEU B 489 -47.55 -2.78 -11.50
C LEU B 489 -48.90 -2.16 -11.18
N LYS B 490 -49.48 -1.46 -12.12
CA LYS B 490 -50.88 -1.04 -12.02
C LYS B 490 -51.76 -2.32 -12.12
N ALA B 491 -51.61 -3.08 -13.19
CA ALA B 491 -52.38 -4.31 -13.45
C ALA B 491 -51.95 -5.51 -12.57
N ASP B 492 -50.66 -5.63 -12.31
CA ASP B 492 -50.10 -6.79 -11.67
C ASP B 492 -49.06 -6.34 -10.66
N PRO B 493 -49.51 -5.68 -9.60
CA PRO B 493 -48.62 -5.11 -8.59
C PRO B 493 -47.89 -6.14 -7.77
N HIS B 494 -48.22 -7.40 -7.91
CA HIS B 494 -47.51 -8.36 -7.13
C HIS B 494 -46.69 -9.29 -8.01
N GLU B 495 -46.43 -8.87 -9.25
CA GLU B 495 -45.34 -9.46 -10.04
C GLU B 495 -45.59 -10.95 -10.41
N PHE B 496 -46.80 -11.21 -10.91
CA PHE B 496 -47.23 -12.54 -11.19
C PHE B 496 -47.21 -12.78 -12.69
N SER B 497 -47.34 -11.74 -13.48
CA SER B 497 -47.41 -11.90 -14.95
C SER B 497 -46.29 -11.25 -15.79
N ASN B 498 -45.31 -12.06 -16.20
CA ASN B 498 -44.24 -11.62 -17.05
C ASN B 498 -44.68 -11.16 -18.42
N LEU B 499 -44.54 -9.88 -18.69
CA LEU B 499 -44.92 -9.33 -19.99
C LEU B 499 -43.76 -9.28 -20.99
N ALA B 500 -42.57 -9.72 -20.54
CA ALA B 500 -41.30 -9.39 -21.21
C ALA B 500 -41.21 -9.99 -22.60
N GLY B 501 -41.82 -11.17 -22.77
CA GLY B 501 -41.92 -11.87 -24.07
C GLY B 501 -43.10 -11.52 -24.99
N ASP B 502 -43.84 -10.51 -24.62
CA ASP B 502 -45.02 -10.16 -25.35
C ASP B 502 -44.67 -9.06 -26.34
N PRO B 503 -44.78 -9.40 -27.63
CA PRO B 503 -44.43 -8.45 -28.66
C PRO B 503 -45.12 -7.09 -28.49
N ALA B 504 -46.35 -7.10 -27.98
CA ALA B 504 -47.05 -5.85 -27.77
C ALA B 504 -46.30 -4.90 -26.82
N TYR B 505 -45.45 -5.45 -25.94
CA TYR B 505 -44.67 -4.63 -24.95
C TYR B 505 -43.21 -4.34 -25.33
N ALA B 506 -42.84 -4.69 -26.56
CA ALA B 506 -41.48 -4.48 -27.07
C ALA B 506 -40.95 -3.06 -26.82
N ALA B 507 -41.76 -2.05 -27.09
CA ALA B 507 -41.31 -0.68 -27.02
C ALA B 507 -41.14 -0.30 -25.57
N LEU B 508 -41.98 -0.88 -24.72
CA LEU B 508 -41.91 -0.60 -23.27
C LEU B 508 -40.67 -1.28 -22.69
N VAL B 509 -40.50 -2.57 -22.93
CA VAL B 509 -39.30 -3.26 -22.45
C VAL B 509 -38.06 -2.61 -23.05
N ARG B 510 -38.14 -2.12 -24.27
CA ARG B 510 -36.99 -1.47 -24.86
C ARG B 510 -36.65 -0.34 -23.92
N ASP B 511 -37.62 0.53 -23.70
CA ASP B 511 -37.48 1.71 -22.88
C ASP B 511 -36.81 1.47 -21.53
N TYR B 512 -37.26 0.40 -20.87
CA TYR B 512 -36.73 0.09 -19.53
C TYR B 512 -35.34 -0.52 -19.61
N ALA B 513 -35.08 -1.35 -20.63
CA ALA B 513 -33.73 -1.85 -20.86
C ALA B 513 -32.84 -0.65 -21.09
N GLN B 514 -33.32 0.36 -21.79
CA GLN B 514 -32.46 1.49 -22.11
C GLN B 514 -32.11 2.34 -20.87
N LYS B 515 -33.12 2.67 -20.05
CA LYS B 515 -32.94 3.19 -18.69
C LYS B 515 -31.87 2.44 -17.88
N ALA B 516 -32.05 1.12 -17.77
CA ALA B 516 -31.08 0.25 -17.09
C ALA B 516 -29.67 0.40 -17.69
N LEU B 517 -29.56 0.44 -19.01
CA LEU B 517 -28.24 0.61 -19.64
C LEU B 517 -27.62 1.95 -19.30
N SER B 518 -28.39 3.01 -19.42
CA SER B 518 -27.91 4.37 -19.11
C SER B 518 -27.47 4.51 -17.64
N TRP B 519 -28.20 3.82 -16.77
CA TRP B 519 -27.88 3.78 -15.34
C TRP B 519 -26.51 3.12 -15.12
N ARG B 520 -26.21 2.03 -15.82
CA ARG B 520 -24.87 1.44 -15.75
C ARG B 520 -23.79 2.43 -16.24
N LEU B 521 -23.97 2.96 -17.43
CA LEU B 521 -22.97 3.88 -17.97
C LEU B 521 -22.71 5.03 -16.98
N SER B 522 -23.79 5.66 -16.50
CA SER B 522 -23.67 6.77 -15.58
C SER B 522 -23.08 6.41 -14.23
N HIS B 523 -23.01 5.13 -13.90
CA HIS B 523 -22.51 4.69 -12.59
C HIS B 523 -21.25 3.80 -12.65
N ALA B 524 -20.52 3.84 -13.77
CA ALA B 524 -19.16 3.33 -13.76
C ALA B 524 -18.25 4.05 -12.69
N ASP B 525 -17.24 3.32 -12.25
CA ASP B 525 -16.40 3.73 -11.15
C ASP B 525 -15.95 5.20 -11.32
N ARG B 526 -16.06 5.93 -10.23
CA ARG B 526 -15.75 7.36 -10.22
C ARG B 526 -14.52 7.74 -9.36
N THR B 527 -13.78 6.73 -8.91
CA THR B 527 -12.65 6.97 -7.99
C THR B 527 -11.75 8.10 -8.46
N LEU B 528 -11.17 7.96 -9.66
CA LEU B 528 -10.22 8.97 -10.20
C LEU B 528 -10.68 9.75 -11.47
N THR B 529 -11.92 9.60 -11.89
CA THR B 529 -12.33 10.10 -13.20
C THR B 529 -12.61 11.61 -13.24
N HIS B 530 -12.58 12.25 -12.08
CA HIS B 530 -12.68 13.72 -11.99
C HIS B 530 -11.33 14.48 -12.07
N TYR B 531 -10.20 13.77 -12.06
CA TYR B 531 -8.85 14.34 -12.19
C TYR B 531 -8.45 14.64 -13.62
N ARG B 532 -7.49 15.54 -13.80
CA ARG B 532 -7.02 15.93 -15.13
C ARG B 532 -5.57 16.35 -15.06
N SER B 533 -4.74 15.80 -15.91
CA SER B 533 -3.50 16.44 -16.17
C SER B 533 -3.81 17.66 -17.06
N SER B 534 -2.96 18.69 -16.98
CA SER B 534 -3.07 19.89 -17.81
C SER B 534 -1.72 20.55 -17.82
N PRO B 535 -1.51 21.51 -18.73
CA PRO B 535 -0.23 22.24 -18.73
C PRO B 535 0.00 23.06 -17.46
N GLN B 536 -1.07 23.31 -16.72
CA GLN B 536 -1.01 23.99 -15.45
C GLN B 536 -0.94 23.01 -14.25
N GLY B 537 -0.73 21.73 -14.53
CA GLY B 537 -0.61 20.73 -13.46
C GLY B 537 -1.90 19.92 -13.28
N LEU B 538 -1.87 19.08 -12.24
CA LEU B 538 -2.99 18.24 -11.85
C LEU B 538 -4.12 19.09 -11.34
N THR B 539 -5.29 18.94 -11.94
CA THR B 539 -6.45 19.67 -11.46
C THR B 539 -7.62 18.73 -11.34
N THR B 540 -8.69 19.26 -10.76
CA THR B 540 -9.91 18.52 -10.56
C THR B 540 -11.00 19.17 -11.40
N ARG B 541 -11.90 18.36 -11.92
CA ARG B 541 -13.15 18.86 -12.53
C ARG B 541 -14.31 18.57 -11.54
N ASN B 542 -15.14 19.58 -11.27
CA ASN B 542 -16.26 19.44 -10.31
C ASN B 542 -17.62 19.09 -10.98
N HIS B 543 -17.75 19.34 -12.29
CA HIS B 543 -18.92 18.90 -13.09
C HIS B 543 -18.43 18.21 -14.39
N THR C 31 15.27 33.00 -12.72
CA THR C 31 14.28 31.90 -12.55
C THR C 31 14.97 30.52 -12.74
N ARG C 32 15.69 30.30 -13.85
CA ARG C 32 16.12 28.91 -14.21
C ARG C 32 17.16 28.23 -13.32
N LYS C 33 16.83 27.04 -12.80
CA LYS C 33 17.77 26.29 -11.94
C LYS C 33 17.94 24.87 -12.45
N ASN C 34 19.18 24.51 -12.71
CA ASN C 34 19.54 23.19 -13.20
C ASN C 34 20.43 22.54 -12.18
N VAL C 35 20.33 21.23 -12.09
CA VAL C 35 21.30 20.41 -11.36
C VAL C 35 21.83 19.34 -12.30
N LEU C 36 23.15 19.28 -12.43
CA LEU C 36 23.83 18.15 -13.08
C LEU C 36 24.67 17.41 -12.01
N LEU C 37 24.26 16.20 -11.60
CA LEU C 37 25.03 15.43 -10.60
C LEU C 37 25.83 14.47 -11.42
N ILE C 38 27.16 14.54 -11.32
CA ILE C 38 28.02 13.64 -12.10
C ILE C 38 28.48 12.55 -11.11
N VAL C 39 28.20 11.30 -11.44
CA VAL C 39 28.61 10.25 -10.52
C VAL C 39 29.55 9.33 -11.25
N VAL C 40 30.84 9.40 -10.94
CA VAL C 40 31.74 8.43 -11.53
C VAL C 40 31.78 7.22 -10.62
N ASP C 41 32.51 6.18 -11.00
CA ASP C 41 32.50 4.92 -10.24
C ASP C 41 33.93 4.51 -9.95
N GLN C 42 34.24 4.28 -8.68
CA GLN C 42 35.57 3.75 -8.30
C GLN C 42 36.71 4.77 -8.45
N TRP C 43 36.43 6.07 -8.41
CA TRP C 43 37.47 7.16 -8.48
C TRP C 43 37.85 7.70 -7.08
N ARG C 44 39.13 7.58 -6.72
CA ARG C 44 39.59 7.88 -5.38
C ARG C 44 39.75 9.37 -5.09
N ALA C 45 39.59 9.71 -3.81
CA ALA C 45 39.81 11.08 -3.30
C ALA C 45 41.14 11.69 -3.70
N ASP C 46 42.19 10.89 -3.68
CA ASP C 46 43.54 11.41 -3.87
C ASP C 46 43.99 11.39 -5.35
N PHE C 47 43.05 11.20 -6.29
CA PHE C 47 43.29 11.39 -7.73
C PHE C 47 42.54 12.60 -8.27
N ILE C 48 42.82 13.74 -7.64
CA ILE C 48 42.20 15.04 -7.94
C ILE C 48 43.30 16.10 -7.94
N PRO C 49 43.74 16.55 -9.13
CA PRO C 49 44.87 17.48 -9.32
C PRO C 49 44.83 18.76 -8.48
N HIS C 50 43.64 19.31 -8.25
CA HIS C 50 43.51 20.56 -7.52
C HIS C 50 44.08 20.34 -6.14
N LEU C 51 43.84 19.17 -5.57
CA LEU C 51 44.29 18.92 -4.22
C LEU C 51 45.79 18.69 -4.23
N MET C 52 46.29 18.10 -5.32
CA MET C 52 47.71 17.84 -5.46
C MET C 52 48.50 19.14 -5.49
N ARG C 53 48.06 20.08 -6.30
CA ARG C 53 48.70 21.39 -6.35
C ARG C 53 48.65 22.14 -4.98
N ALA C 54 47.57 21.99 -4.22
CA ALA C 54 47.50 22.60 -2.91
C ALA C 54 48.55 22.01 -1.96
N GLU C 55 48.84 20.73 -2.11
CA GLU C 55 49.88 20.07 -1.31
C GLU C 55 51.27 20.36 -1.88
N GLY C 56 51.32 20.94 -3.08
CA GLY C 56 52.54 21.38 -3.69
C GLY C 56 53.18 20.29 -4.51
N ARG C 57 52.36 19.50 -5.20
CA ARG C 57 52.86 18.39 -5.99
C ARG C 57 52.56 18.63 -7.44
N GLU C 58 53.36 18.03 -8.29
CA GLU C 58 53.08 17.97 -9.72
C GLU C 58 52.02 16.91 -9.97
N PRO C 59 50.82 17.34 -10.32
CA PRO C 59 49.84 16.30 -10.56
C PRO C 59 50.37 15.32 -11.60
N PHE C 60 50.18 14.03 -11.38
CA PHE C 60 50.67 12.99 -12.29
C PHE C 60 49.57 12.58 -13.27
N LEU C 61 48.47 13.34 -13.31
CA LEU C 61 47.46 13.19 -14.37
C LEU C 61 46.78 14.50 -14.72
N LYS C 62 46.14 14.55 -15.87
CA LYS C 62 45.37 15.75 -16.28
C LYS C 62 43.83 15.58 -16.31
N THR C 63 43.17 16.62 -15.82
CA THR C 63 41.74 16.72 -15.74
C THR C 63 41.40 18.22 -15.84
N PRO C 64 41.54 18.78 -17.07
CA PRO C 64 41.32 20.22 -17.29
C PRO C 64 39.90 20.63 -16.97
N ASN C 65 38.94 19.81 -17.39
CA ASN C 65 37.54 20.18 -17.17
C ASN C 65 37.09 20.04 -15.73
N LEU C 66 37.55 18.99 -15.06
CA LEU C 66 37.47 18.94 -13.62
C LEU C 66 38.32 20.06 -13.00
N ASP C 67 39.47 20.41 -13.56
CA ASP C 67 40.22 21.54 -13.00
C ASP C 67 39.39 22.81 -13.09
N ARG C 68 38.57 22.95 -14.14
CA ARG C 68 37.70 24.13 -14.27
C ARG C 68 36.74 24.19 -13.12
N LEU C 69 36.04 23.08 -12.88
CA LEU C 69 35.04 22.99 -11.81
C LEU C 69 35.59 23.40 -10.48
N CYS C 70 36.77 22.86 -10.20
CA CYS C 70 37.51 23.18 -9.00
C CYS C 70 37.83 24.70 -8.91
N ARG C 71 38.38 25.27 -9.98
CA ARG C 71 38.74 26.71 -10.04
CA ARG C 71 38.76 26.68 -9.97
C ARG C 71 37.51 27.57 -9.81
N GLU C 72 36.34 27.08 -10.28
CA GLU C 72 35.09 27.87 -10.20
C GLU C 72 34.22 27.55 -9.02
N GLY C 73 34.53 26.47 -8.28
CA GLY C 73 33.69 25.98 -7.17
C GLY C 73 34.43 25.59 -5.91
N LEU C 74 33.85 24.63 -5.19
CA LEU C 74 34.36 24.23 -3.89
C LEU C 74 34.71 22.73 -3.82
N THR C 75 35.94 22.45 -3.41
CA THR C 75 36.45 21.13 -3.39
C THR C 75 36.52 20.67 -1.95
N PHE C 76 35.79 19.61 -1.66
CA PHE C 76 35.82 19.02 -0.33
C PHE C 76 36.90 17.97 -0.35
N ARG C 77 37.82 18.02 0.61
CA ARG C 77 38.95 17.14 0.61
C ARG C 77 38.80 15.99 1.63
N ASN C 78 37.83 16.14 2.53
CA ASN C 78 37.52 15.06 3.46
C ASN C 78 36.11 14.51 3.30
N HIS C 79 35.86 13.96 2.12
CA HIS C 79 34.54 13.42 1.81
C HIS C 79 34.58 11.91 1.70
N VAL C 80 33.60 11.26 2.29
CA VAL C 80 33.50 9.78 2.20
C VAL C 80 32.12 9.27 1.77
N THR C 81 32.12 8.07 1.21
CA THR C 81 30.86 7.35 0.94
C THR C 81 30.60 6.59 2.23
N THR C 82 29.37 6.59 2.72
CA THR C 82 29.07 5.96 4.00
C THR C 82 29.07 4.41 3.92
N CYS C 83 29.15 3.89 2.72
CA CYS C 83 29.40 2.47 2.55
C CYS C 83 29.90 2.10 1.14
N VAL C 84 30.37 0.87 1.00
CA VAL C 84 30.75 0.23 -0.26
C VAL C 84 30.06 -1.14 -0.28
N PRO C 85 29.92 -1.77 -1.46
CA PRO C 85 30.22 -1.38 -2.84
C PRO C 85 29.11 -0.61 -3.52
N FGL C 86 29.01 -0.63 -5.00
CA FGL C 86 28.17 0.19 -5.88
C FGL C 86 26.76 0.30 -5.29
O FGL C 86 26.42 1.29 -4.65
OG1 FGL C 86 29.42 -0.66 -7.77
OG2 FGL C 86 27.35 0.38 -8.16
CB FGL C 86 28.09 -0.47 -7.27
N CYS C 86 29.07 -0.69 -4.83
CA CYS C 86 28.13 0.00 -5.71
C CYS C 86 26.68 -0.02 -5.24
N GLY C 87 26.01 -1.16 -4.77
CA GLY C 87 24.55 -1.15 -4.42
C GLY C 87 24.29 -0.27 -3.23
N PRO C 88 24.98 -0.57 -2.11
CA PRO C 88 24.83 0.15 -0.88
C PRO C 88 25.19 1.62 -1.01
N ALA C 89 26.33 1.91 -1.64
CA ALA C 89 26.85 3.26 -1.78
C ALA C 89 25.83 4.14 -2.49
N ARG C 90 25.21 3.60 -3.53
CA ARG C 90 24.23 4.40 -4.25
C ARG C 90 22.91 4.52 -3.51
N ALA C 91 22.52 3.48 -2.75
CA ALA C 91 21.37 3.60 -1.82
C ALA C 91 21.57 4.78 -0.87
N SER C 92 22.77 4.88 -0.28
CA SER C 92 23.08 6.01 0.58
C SER C 92 23.03 7.33 -0.17
N LEU C 93 23.74 7.39 -1.27
CA LEU C 93 23.80 8.62 -2.09
C LEU C 93 22.40 9.12 -2.45
N LEU C 94 21.53 8.21 -2.86
CA LEU C 94 20.22 8.56 -3.43
C LEU C 94 19.07 8.47 -2.41
N THR C 95 19.36 8.14 -1.15
CA THR C 95 18.37 8.26 -0.08
C THR C 95 18.77 9.21 1.05
N GLY C 96 20.02 9.58 1.14
CA GLY C 96 20.48 10.41 2.27
C GLY C 96 20.54 9.63 3.58
N LEU C 97 20.51 8.30 3.48
CA LEU C 97 20.50 7.42 4.67
C LEU C 97 21.79 6.63 4.83
N TYR C 98 22.20 6.40 6.07
CA TYR C 98 23.32 5.46 6.32
C TYR C 98 22.83 4.05 5.98
N LEU C 99 23.76 3.14 5.72
CA LEU C 99 23.48 1.69 5.57
C LEU C 99 22.63 1.13 6.75
N MET C 100 22.92 1.61 7.94
CA MET C 100 22.19 1.13 9.16
C MET C 100 20.68 1.41 9.06
N ASN C 101 20.30 2.41 8.25
CA ASN C 101 18.88 2.75 8.09
C ASN C 101 18.29 2.27 6.82
N HIS C 102 19.06 2.25 5.74
CA HIS C 102 18.50 1.85 4.45
C HIS C 102 18.51 0.32 4.21
N ARG C 103 19.42 -0.38 4.89
CA ARG C 103 19.47 -1.84 4.90
C ARG C 103 19.75 -2.53 3.54
N ALA C 104 20.13 -1.79 2.51
CA ALA C 104 20.64 -2.43 1.29
C ALA C 104 22.13 -2.72 1.50
N VAL C 105 22.42 -3.78 2.26
CA VAL C 105 23.73 -3.89 2.95
C VAL C 105 24.87 -4.46 2.08
N GLN C 106 24.49 -5.20 1.04
CA GLN C 106 25.39 -5.63 -0.03
C GLN C 106 24.68 -5.57 -1.41
N ASN C 107 25.47 -5.63 -2.48
CA ASN C 107 24.91 -5.94 -3.80
C ASN C 107 24.07 -7.21 -3.66
N THR C 108 23.03 -7.30 -4.45
CA THR C 108 22.07 -8.42 -4.40
C THR C 108 21.05 -8.33 -3.28
N VAL C 109 21.23 -7.46 -2.30
CA VAL C 109 20.27 -7.35 -1.19
C VAL C 109 19.25 -6.26 -1.46
N PRO C 110 17.96 -6.58 -1.32
CA PRO C 110 16.92 -5.62 -1.63
C PRO C 110 16.98 -4.30 -0.86
N LEU C 111 16.52 -3.24 -1.53
CA LEU C 111 16.29 -1.93 -0.91
C LEU C 111 14.79 -1.85 -0.59
N ASP C 112 14.48 -1.69 0.69
CA ASP C 112 13.12 -1.57 1.11
C ASP C 112 12.47 -0.41 0.35
N GLN C 113 11.29 -0.64 -0.19
CA GLN C 113 10.56 0.36 -0.93
C GLN C 113 10.13 1.56 -0.07
N ARG C 114 10.15 1.42 1.25
CA ARG C 114 9.69 2.52 2.10
C ARG C 114 10.64 3.73 2.12
N HIS C 115 11.90 3.59 1.73
CA HIS C 115 12.82 4.74 1.77
C HIS C 115 12.60 5.74 0.63
N LEU C 116 12.58 7.02 0.94
CA LEU C 116 12.31 8.05 -0.08
C LEU C 116 13.62 8.32 -0.88
N ASN C 117 13.63 8.07 -2.19
CA ASN C 117 14.83 8.36 -2.99
C ASN C 117 14.77 9.72 -3.66
N LEU C 118 15.92 10.15 -4.18
CA LEU C 118 16.08 11.49 -4.74
C LEU C 118 15.12 11.71 -5.91
N GLY C 119 14.88 10.64 -6.68
CA GLY C 119 13.98 10.69 -7.81
C GLY C 119 12.61 11.11 -7.41
N LYS C 120 12.10 10.41 -6.39
CA LYS C 120 10.74 10.71 -5.88
C LYS C 120 10.71 12.10 -5.30
N ALA C 121 11.77 12.44 -4.56
CA ALA C 121 11.83 13.75 -3.91
C ALA C 121 11.76 14.88 -4.94
N LEU C 122 12.51 14.74 -6.03
CA LEU C 122 12.56 15.73 -7.12
C LEU C 122 11.22 15.93 -7.86
N ARG C 123 10.49 14.84 -8.05
CA ARG C 123 9.17 14.87 -8.65
C ARG C 123 8.17 15.59 -7.75
N ALA C 124 8.32 15.43 -6.44
CA ALA C 124 7.53 16.23 -5.50
C ALA C 124 7.83 17.74 -5.64
N ILE C 125 8.94 18.15 -6.25
CA ILE C 125 9.18 19.60 -6.46
C ILE C 125 9.19 20.02 -7.91
N GLY C 126 8.48 19.28 -8.74
CA GLY C 126 8.33 19.67 -10.11
C GLY C 126 9.48 19.31 -11.03
N TYR C 127 10.53 18.63 -10.55
CA TYR C 127 11.67 18.34 -11.40
C TYR C 127 11.57 16.89 -11.83
N ASP C 128 11.97 16.63 -13.05
CA ASP C 128 11.89 15.32 -13.69
C ASP C 128 13.23 14.67 -13.54
N PRO C 129 13.28 13.54 -12.81
CA PRO C 129 14.48 12.92 -12.35
C PRO C 129 15.20 12.11 -13.39
N ALA C 130 15.77 12.78 -14.39
CA ALA C 130 16.50 12.15 -15.49
C ALA C 130 17.79 11.52 -14.99
N LEU C 131 18.00 10.25 -15.37
CA LEU C 131 19.17 9.50 -14.93
C LEU C 131 19.84 8.72 -16.04
N ILE C 132 21.15 8.82 -16.05
CA ILE C 132 22.01 8.12 -17.00
C ILE C 132 22.98 7.27 -16.19
N GLY C 133 23.17 6.04 -16.61
CA GLY C 133 24.12 5.15 -15.99
C GLY C 133 23.42 3.97 -15.36
N TYR C 134 23.63 3.81 -14.06
CA TYR C 134 23.05 2.69 -13.31
C TYR C 134 22.93 3.06 -11.82
N THR C 135 22.13 2.29 -11.09
CA THR C 135 22.09 2.39 -9.61
C THR C 135 22.37 1.07 -8.88
N THR C 136 22.32 -0.08 -9.58
CA THR C 136 22.60 -1.37 -8.96
C THR C 136 21.63 -1.73 -7.83
N THR C 137 20.39 -1.26 -7.92
CA THR C 137 19.44 -1.50 -6.86
C THR C 137 18.72 -2.84 -7.03
N THR C 138 18.75 -3.68 -6.00
CA THR C 138 17.85 -4.84 -5.94
C THR C 138 16.47 -4.42 -5.39
N PRO C 139 15.39 -4.90 -6.04
CA PRO C 139 14.06 -4.49 -5.67
C PRO C 139 13.52 -5.21 -4.45
N ASP C 140 12.58 -4.53 -3.80
CA ASP C 140 11.78 -5.04 -2.70
C ASP C 140 10.93 -6.22 -3.20
N PRO C 141 11.15 -7.42 -2.66
CA PRO C 141 10.36 -8.59 -3.06
C PRO C 141 8.90 -8.54 -2.65
N ARG C 142 8.50 -7.66 -1.74
CA ARG C 142 7.08 -7.55 -1.37
C ARG C 142 6.31 -6.79 -2.40
N THR C 143 7.03 -6.22 -3.37
CA THR C 143 6.38 -5.42 -4.43
C THR C 143 6.65 -5.95 -5.81
N THR C 144 7.36 -7.04 -5.93
CA THR C 144 7.66 -7.56 -7.26
C THR C 144 7.70 -9.07 -7.24
N SER C 145 7.35 -9.64 -8.38
CA SER C 145 7.21 -11.09 -8.51
C SER C 145 8.60 -11.75 -8.32
N ALA C 146 8.63 -12.90 -7.64
CA ALA C 146 9.87 -13.66 -7.45
C ALA C 146 10.62 -14.02 -8.76
N ARG C 147 9.92 -14.10 -9.89
CA ARG C 147 10.56 -14.39 -11.16
C ARG C 147 10.90 -13.19 -12.02
N ASP C 148 10.68 -11.98 -11.50
CA ASP C 148 11.07 -10.73 -12.18
C ASP C 148 12.54 -10.87 -12.57
N PRO C 149 12.90 -10.56 -13.82
CA PRO C 149 14.28 -10.74 -14.24
C PRO C 149 15.23 -9.87 -13.45
N ARG C 150 14.77 -8.75 -12.92
CA ARG C 150 15.62 -7.96 -12.02
C ARG C 150 16.24 -8.76 -10.86
N PHE C 151 15.63 -9.89 -10.49
CA PHE C 151 16.20 -10.75 -9.47
C PHE C 151 17.25 -11.72 -10.01
N THR C 152 17.66 -11.47 -11.24
CA THR C 152 18.62 -12.29 -11.97
C THR C 152 20.01 -11.69 -12.10
N VAL C 153 20.15 -10.43 -11.69
CA VAL C 153 21.31 -9.64 -11.99
C VAL C 153 21.68 -8.93 -10.68
N LEU C 154 22.92 -8.41 -10.56
CA LEU C 154 23.35 -7.70 -9.33
C LEU C 154 22.28 -6.71 -8.94
N GLY C 155 21.96 -5.81 -9.87
CA GLY C 155 20.96 -4.80 -9.63
C GLY C 155 20.50 -4.08 -10.88
N ASP C 156 19.51 -3.25 -10.71
CA ASP C 156 18.92 -2.56 -11.82
C ASP C 156 18.52 -1.20 -11.31
N ILE C 157 17.96 -0.38 -12.19
CA ILE C 157 17.65 1.00 -11.85
C ILE C 157 16.54 1.13 -10.79
N MET C 158 16.77 2.10 -9.93
CA MET C 158 15.91 2.47 -8.83
C MET C 158 14.57 3.00 -9.35
N ASP C 159 13.50 2.57 -8.68
CA ASP C 159 12.18 3.18 -8.82
C ASP C 159 12.20 4.72 -8.62
N GLY C 160 11.51 5.44 -9.51
CA GLY C 160 11.29 6.88 -9.35
C GLY C 160 12.21 7.76 -10.18
N PHE C 161 13.07 7.14 -10.99
CA PHE C 161 13.94 7.87 -11.92
C PHE C 161 13.49 7.58 -13.34
N ARG C 162 13.70 8.53 -14.26
CA ARG C 162 13.45 8.34 -15.69
C ARG C 162 14.77 8.01 -16.34
N SER C 163 14.84 6.82 -16.92
CA SER C 163 16.03 6.34 -17.60
C SER C 163 16.09 6.97 -18.98
N VAL C 164 17.21 7.65 -19.26
CA VAL C 164 17.45 8.30 -20.54
C VAL C 164 18.81 7.86 -21.12
N GLY C 165 19.43 6.86 -20.48
CA GLY C 165 20.74 6.31 -20.89
C GLY C 165 21.25 5.18 -19.95
N ALA C 166 20.71 3.97 -20.10
CA ALA C 166 20.91 2.91 -19.12
C ALA C 166 22.07 2.01 -19.48
N PHE C 167 22.97 1.75 -18.54
CA PHE C 167 23.88 0.63 -18.67
C PHE C 167 23.08 -0.69 -18.72
N GLU C 168 21.90 -0.72 -18.07
CA GLU C 168 20.92 -1.85 -18.14
C GLU C 168 21.48 -3.03 -17.35
N PRO C 169 20.73 -4.12 -17.25
CA PRO C 169 21.45 -5.28 -16.73
C PRO C 169 22.43 -5.79 -17.76
N ASN C 170 23.53 -6.37 -17.31
CA ASN C 170 24.49 -7.02 -18.22
C ASN C 170 25.04 -6.14 -19.35
N MET C 171 24.77 -4.84 -19.32
CA MET C 171 25.44 -3.89 -20.18
C MET C 171 24.92 -3.98 -21.61
N GLU C 172 23.67 -4.40 -21.76
CA GLU C 172 23.05 -4.53 -23.08
C GLU C 172 22.77 -3.19 -23.72
N GLY C 173 22.64 -2.16 -22.89
CA GLY C 173 22.37 -0.83 -23.38
C GLY C 173 23.61 -0.34 -24.11
N TYR C 174 24.77 -0.66 -23.54
CA TYR C 174 26.02 -0.22 -24.10
C TYR C 174 26.36 -1.05 -25.34
N PHE C 175 26.42 -2.37 -25.16
CA PHE C 175 26.63 -3.27 -26.32
C PHE C 175 25.59 -3.09 -27.42
N GLY C 176 24.36 -2.76 -27.06
CA GLY C 176 23.36 -2.48 -28.09
C GLY C 176 23.81 -1.31 -28.94
N TRP C 177 24.25 -0.27 -28.26
CA TRP C 177 24.69 0.95 -28.91
C TRP C 177 25.94 0.71 -29.78
N VAL C 178 26.87 -0.09 -29.28
CA VAL C 178 28.06 -0.48 -30.02
C VAL C 178 27.71 -1.24 -31.29
N ALA C 179 26.98 -2.36 -31.15
CA ALA C 179 26.50 -3.06 -32.33
C ALA C 179 25.83 -2.09 -33.30
N GLN C 180 24.89 -1.29 -32.85
CA GLN C 180 24.16 -0.44 -33.78
C GLN C 180 25.01 0.55 -34.50
N ASN C 181 26.08 0.99 -33.87
CA ASN C 181 27.04 1.88 -34.54
C ASN C 181 27.92 1.15 -35.57
N GLY C 182 27.62 -0.12 -35.83
CA GLY C 182 28.27 -0.85 -36.89
C GLY C 182 29.55 -1.54 -36.49
N PHE C 183 29.89 -1.52 -35.20
CA PHE C 183 31.13 -2.14 -34.78
C PHE C 183 30.82 -3.56 -34.36
N GLU C 184 31.49 -4.51 -34.98
CA GLU C 184 31.22 -5.93 -34.77
C GLU C 184 31.91 -6.44 -33.53
N LEU C 185 31.11 -6.91 -32.60
CA LEU C 185 31.58 -7.38 -31.33
C LEU C 185 32.04 -8.84 -31.42
N PRO C 186 33.02 -9.21 -30.60
CA PRO C 186 33.47 -10.60 -30.51
C PRO C 186 32.45 -11.50 -29.83
N GLU C 187 32.65 -12.83 -29.95
CA GLU C 187 31.69 -13.85 -29.46
C GLU C 187 31.26 -13.54 -28.04
N ASN C 188 32.21 -13.65 -27.14
CA ASN C 188 32.06 -13.20 -25.77
C ASN C 188 32.32 -11.66 -25.80
N ARG C 189 31.24 -10.87 -25.72
CA ARG C 189 31.31 -9.43 -25.94
C ARG C 189 32.28 -8.68 -25.06
N GLU C 190 32.47 -9.16 -23.84
CA GLU C 190 33.37 -8.53 -22.91
C GLU C 190 34.83 -8.57 -23.37
N ASP C 191 35.13 -9.50 -24.27
CA ASP C 191 36.46 -9.63 -24.83
C ASP C 191 36.98 -8.39 -25.55
N ILE C 192 36.12 -7.42 -25.84
CA ILE C 192 36.62 -6.12 -26.28
C ILE C 192 37.63 -5.52 -25.28
N TRP C 193 37.67 -6.08 -24.07
CA TRP C 193 38.54 -5.61 -23.00
C TRP C 193 39.72 -6.54 -22.71
N LEU C 194 39.96 -7.49 -23.60
CA LEU C 194 41.25 -8.21 -23.62
C LEU C 194 42.26 -7.26 -24.23
N PRO C 195 43.51 -7.34 -23.81
CA PRO C 195 44.47 -6.44 -24.46
C PRO C 195 44.60 -6.72 -25.96
N GLU C 196 44.98 -5.70 -26.72
CA GLU C 196 45.22 -5.85 -28.15
C GLU C 196 46.38 -6.79 -28.46
N GLY C 197 46.21 -7.61 -29.52
CA GLY C 197 47.19 -8.63 -29.93
C GLY C 197 46.86 -10.05 -29.49
N GLU C 198 47.05 -11.02 -30.40
CA GLU C 198 46.87 -12.47 -30.13
C GLU C 198 47.73 -12.98 -28.98
N HIS C 199 48.84 -12.30 -28.73
CA HIS C 199 49.82 -12.82 -27.81
C HIS C 199 49.80 -12.08 -26.48
N SER C 200 48.93 -11.08 -26.34
CA SER C 200 49.00 -10.21 -25.17
C SER C 200 48.46 -10.84 -23.87
N VAL C 201 49.31 -10.93 -22.85
CA VAL C 201 48.92 -11.52 -21.59
C VAL C 201 47.84 -10.68 -20.88
N PRO C 202 46.70 -11.32 -20.55
CA PRO C 202 45.72 -10.64 -19.72
C PRO C 202 46.29 -10.22 -18.36
N GLY C 203 46.01 -8.98 -17.93
CA GLY C 203 46.55 -8.43 -16.67
C GLY C 203 46.85 -6.96 -16.82
N ALA C 204 47.58 -6.37 -15.86
CA ALA C 204 48.04 -4.96 -15.97
C ALA C 204 48.69 -4.88 -17.30
N THR C 205 48.24 -3.96 -18.14
CA THR C 205 48.73 -3.90 -19.51
C THR C 205 49.08 -2.49 -19.93
N ASP C 206 50.03 -2.38 -20.85
CA ASP C 206 50.30 -1.13 -21.59
C ASP C 206 49.71 -1.15 -23.00
N LYS C 207 48.88 -2.14 -23.30
CA LYS C 207 48.25 -2.23 -24.61
C LYS C 207 46.86 -1.61 -24.49
N PRO C 208 46.36 -1.06 -25.59
CA PRO C 208 45.00 -0.58 -25.58
C PRO C 208 44.00 -1.72 -25.50
N SER C 209 42.76 -1.39 -25.15
CA SER C 209 41.67 -2.35 -25.28
C SER C 209 41.43 -2.64 -26.75
N ARG C 210 40.51 -3.55 -27.03
CA ARG C 210 40.16 -3.90 -28.38
C ARG C 210 38.92 -3.20 -28.95
N ILE C 211 38.72 -1.95 -28.57
CA ILE C 211 37.62 -1.15 -29.14
C ILE C 211 38.07 0.32 -29.27
N PRO C 212 37.70 0.98 -30.38
CA PRO C 212 38.06 2.40 -30.52
C PRO C 212 37.41 3.29 -29.42
N LYS C 213 38.08 4.40 -29.07
CA LYS C 213 37.58 5.31 -28.05
C LYS C 213 36.21 5.93 -28.36
N GLU C 214 35.87 6.09 -29.64
CA GLU C 214 34.54 6.59 -30.04
C GLU C 214 33.41 5.58 -29.77
N PHE C 215 33.75 4.37 -29.36
CA PHE C 215 32.76 3.42 -28.93
C PHE C 215 33.07 2.91 -27.50
N SER C 216 33.76 3.74 -26.73
CA SER C 216 34.06 3.43 -25.33
C SER C 216 32.79 3.57 -24.54
N ASP C 217 32.70 2.93 -23.37
CA ASP C 217 31.55 3.16 -22.46
C ASP C 217 31.37 4.67 -22.03
N SER C 218 32.47 5.33 -21.65
CA SER C 218 32.47 6.80 -21.40
C SER C 218 31.88 7.65 -22.56
N THR C 219 32.21 7.30 -23.81
CA THR C 219 31.67 8.02 -24.95
C THR C 219 30.16 7.84 -25.04
N PHE C 220 29.68 6.62 -24.70
CA PHE C 220 28.25 6.28 -24.71
C PHE C 220 27.44 7.10 -23.71
N PHE C 221 27.88 7.18 -22.45
CA PHE C 221 27.10 7.95 -21.47
C PHE C 221 27.05 9.42 -21.86
N THR C 222 28.15 9.90 -22.40
CA THR C 222 28.30 11.29 -22.81
C THR C 222 27.33 11.60 -23.93
N GLU C 223 27.25 10.70 -24.90
CA GLU C 223 26.29 10.85 -25.98
C GLU C 223 24.83 10.86 -25.47
N ARG C 224 24.53 10.05 -24.47
CA ARG C 224 23.19 10.05 -23.86
C ARG C 224 22.91 11.39 -23.12
N ALA C 225 23.89 11.84 -22.36
CA ALA C 225 23.83 13.14 -21.69
C ALA C 225 23.45 14.22 -22.71
N LEU C 226 24.22 14.25 -23.78
CA LEU C 226 24.10 15.33 -24.76
C LEU C 226 22.75 15.22 -25.45
N THR C 227 22.32 13.99 -25.77
CA THR C 227 21.00 13.78 -26.39
C THR C 227 19.87 14.27 -25.45
N TYR C 228 20.04 14.05 -24.14
CA TYR C 228 19.02 14.42 -23.18
C TYR C 228 18.95 15.94 -23.08
N LEU C 229 20.11 16.59 -22.91
CA LEU C 229 20.20 18.05 -22.77
C LEU C 229 19.74 18.76 -24.05
N LYS C 230 20.07 18.19 -25.18
CA LYS C 230 19.57 18.71 -26.44
C LYS C 230 18.07 18.58 -26.53
N GLY C 231 17.50 17.52 -25.96
CA GLY C 231 16.04 17.37 -25.95
C GLY C 231 15.32 18.41 -25.08
N ARG C 232 15.93 18.72 -23.95
CA ARG C 232 15.38 19.69 -23.01
C ARG C 232 15.27 21.09 -23.60
N ASP C 233 16.22 21.47 -24.45
CA ASP C 233 16.10 22.69 -25.25
C ASP C 233 15.92 23.91 -24.37
N GLY C 234 16.72 24.01 -23.32
CA GLY C 234 16.64 25.13 -22.38
C GLY C 234 15.68 25.04 -21.20
N LYS C 235 14.78 24.08 -21.18
CA LYS C 235 13.89 23.94 -20.01
C LYS C 235 14.69 23.39 -18.81
N PRO C 236 14.31 23.78 -17.58
CA PRO C 236 15.09 23.38 -16.41
C PRO C 236 15.33 21.89 -16.32
N PHE C 237 16.46 21.48 -15.81
CA PHE C 237 16.70 20.05 -15.72
C PHE C 237 17.40 19.64 -14.45
N PHE C 238 17.16 18.39 -14.11
CA PHE C 238 18.01 17.65 -13.22
C PHE C 238 18.53 16.45 -14.04
N LEU C 239 19.83 16.18 -13.97
CA LEU C 239 20.38 15.03 -14.66
C LEU C 239 21.40 14.36 -13.79
N HIS C 240 21.18 13.09 -13.51
CA HIS C 240 22.21 12.27 -12.88
C HIS C 240 23.06 11.67 -14.03
N LEU C 241 24.27 12.17 -14.22
CA LEU C 241 25.16 11.70 -15.28
C LEU C 241 26.16 10.77 -14.64
N GLY C 242 25.88 9.49 -14.76
CA GLY C 242 26.76 8.47 -14.21
C GLY C 242 27.72 7.98 -15.28
N TYR C 243 28.98 7.77 -14.88
CA TYR C 243 29.99 7.05 -15.66
C TYR C 243 30.37 5.73 -14.95
N TYR C 244 30.65 4.69 -15.73
CA TYR C 244 31.19 3.43 -15.21
C TYR C 244 32.60 3.59 -14.74
N ARG C 245 33.39 4.30 -15.54
CA ARG C 245 34.80 4.46 -15.28
C ARG C 245 35.07 5.40 -14.11
N PRO C 246 36.23 5.25 -13.47
CA PRO C 246 37.30 4.28 -13.72
C PRO C 246 37.13 2.89 -13.07
N HIS C 247 35.89 2.40 -12.95
CA HIS C 247 35.63 1.00 -12.59
C HIS C 247 36.38 0.09 -13.57
N PRO C 248 36.95 -1.02 -13.06
CA PRO C 248 37.57 -2.00 -13.93
C PRO C 248 36.57 -2.56 -14.94
N PRO C 249 37.06 -3.24 -15.98
CA PRO C 249 38.43 -3.67 -16.22
C PRO C 249 39.42 -2.54 -16.48
N PHE C 250 40.65 -2.70 -16.03
CA PHE C 250 41.64 -1.65 -16.18
C PHE C 250 42.33 -1.76 -17.53
N VAL C 251 41.58 -1.38 -18.57
CA VAL C 251 42.13 -1.28 -19.89
C VAL C 251 41.39 -0.14 -20.55
N ALA C 252 42.08 0.55 -21.45
CA ALA C 252 41.62 1.82 -21.97
C ALA C 252 41.76 1.82 -23.49
N SER C 253 40.88 2.54 -24.17
CA SER C 253 41.07 2.71 -25.60
C SER C 253 42.15 3.75 -25.94
N ALA C 254 42.85 3.54 -27.06
CA ALA C 254 43.87 4.48 -27.49
C ALA C 254 43.19 5.81 -27.67
N PRO C 255 43.82 6.90 -27.18
CA PRO C 255 45.18 7.03 -26.63
C PRO C 255 45.38 6.82 -25.13
N TYR C 256 44.36 6.43 -24.40
CA TYR C 256 44.39 6.51 -22.93
C TYR C 256 45.19 5.38 -22.27
N HIS C 257 45.37 4.29 -22.99
CA HIS C 257 46.28 3.21 -22.57
C HIS C 257 47.74 3.63 -22.41
N ALA C 258 48.17 4.64 -23.17
CA ALA C 258 49.59 5.00 -23.27
C ALA C 258 49.90 6.39 -22.73
N MET C 259 48.83 7.13 -22.40
CA MET C 259 48.92 8.52 -22.03
C MET C 259 49.85 8.72 -20.84
N TYR C 260 49.81 7.79 -19.91
CA TYR C 260 50.60 7.87 -18.68
C TYR C 260 51.54 6.67 -18.52
N LYS C 261 52.70 6.91 -17.87
CA LYS C 261 53.76 5.88 -17.73
C LYS C 261 53.89 5.33 -16.32
N ALA C 262 54.09 4.02 -16.20
CA ALA C 262 54.19 3.39 -14.88
C ALA C 262 55.19 4.12 -13.97
N GLU C 263 56.35 4.49 -14.49
CA GLU C 263 57.33 5.13 -13.63
C GLU C 263 56.90 6.49 -13.09
N ASP C 264 55.82 7.08 -13.59
CA ASP C 264 55.37 8.36 -13.07
C ASP C 264 54.27 8.23 -12.03
N MET C 265 53.88 7.01 -11.69
CA MET C 265 52.75 6.81 -10.79
C MET C 265 53.16 6.69 -9.33
N PRO C 266 52.29 7.10 -8.40
CA PRO C 266 52.58 6.82 -6.98
C PRO C 266 52.68 5.34 -6.72
N ALA C 267 53.55 4.96 -5.77
CA ALA C 267 53.79 3.56 -5.39
C ALA C 267 52.67 3.14 -4.51
N PRO C 268 52.32 1.83 -4.53
CA PRO C 268 51.33 1.40 -3.57
C PRO C 268 51.90 1.50 -2.14
N ILE C 269 51.01 1.52 -1.16
CA ILE C 269 51.43 1.54 0.24
C ILE C 269 50.92 0.24 0.81
N ARG C 270 51.82 -0.69 1.11
CA ARG C 270 51.46 -2.05 1.51
C ARG C 270 52.32 -2.52 2.70
N ALA C 271 51.86 -3.54 3.41
CA ALA C 271 52.72 -4.22 4.39
C ALA C 271 53.80 -5.04 3.66
N GLU C 272 54.75 -5.59 4.41
CA GLU C 272 55.89 -6.31 3.81
C GLU C 272 55.49 -7.38 2.80
N ASN C 273 54.44 -8.12 3.11
CA ASN C 273 53.97 -9.12 2.19
C ASN C 273 52.51 -9.40 2.44
N PRO C 274 51.86 -10.05 1.47
CA PRO C 274 50.45 -10.39 1.63
C PRO C 274 50.09 -11.01 2.97
N ASP C 275 50.91 -11.92 3.48
CA ASP C 275 50.70 -12.53 4.80
C ASP C 275 50.81 -11.55 5.97
N ALA C 276 51.76 -10.63 5.91
CA ALA C 276 51.89 -9.65 6.99
C ALA C 276 50.58 -8.80 7.04
N GLU C 277 50.11 -8.42 5.86
CA GLU C 277 48.86 -7.70 5.74
C GLU C 277 47.69 -8.47 6.34
N ALA C 278 47.56 -9.74 5.94
CA ALA C 278 46.45 -10.62 6.35
C ALA C 278 46.38 -10.78 7.85
N ALA C 279 47.53 -10.76 8.51
CA ALA C 279 47.62 -10.96 9.94
C ALA C 279 46.93 -9.88 10.75
N GLN C 280 46.62 -8.73 10.15
CA GLN C 280 45.89 -7.64 10.89
C GLN C 280 44.49 -8.04 11.41
N HIS C 281 43.74 -8.74 10.60
CA HIS C 281 42.37 -9.01 10.94
C HIS C 281 41.86 -10.14 10.04
N PRO C 282 40.95 -10.98 10.54
CA PRO C 282 40.40 -12.06 9.72
C PRO C 282 39.66 -11.60 8.46
N LEU C 283 38.96 -10.46 8.51
CA LEU C 283 38.26 -9.97 7.30
C LEU C 283 39.28 -9.61 6.26
N MET C 284 40.38 -9.01 6.68
CA MET C 284 41.42 -8.61 5.73
C MET C 284 42.01 -9.87 5.07
N LYS C 285 42.38 -10.84 5.90
CA LYS C 285 42.83 -12.11 5.40
C LYS C 285 41.86 -12.65 4.36
N HIS C 286 40.56 -12.62 4.65
CA HIS C 286 39.61 -13.23 3.71
C HIS C 286 39.72 -12.60 2.31
N TYR C 287 39.95 -11.29 2.26
CA TYR C 287 40.00 -10.56 1.01
C TYR C 287 41.33 -10.75 0.31
N ILE C 288 42.42 -10.71 1.07
CA ILE C 288 43.75 -11.08 0.56
C ILE C 288 43.62 -12.47 -0.09
N ASP C 289 43.07 -13.41 0.65
CA ASP C 289 43.02 -14.79 0.17
C ASP C 289 42.08 -15.00 -1.00
N HIS C 290 41.10 -14.13 -1.23
CA HIS C 290 40.09 -14.44 -2.22
C HIS C 290 40.01 -13.54 -3.43
N ILE C 291 40.58 -12.34 -3.35
CA ILE C 291 40.42 -11.34 -4.44
C ILE C 291 41.29 -11.72 -5.65
N ARG C 292 40.65 -11.94 -6.79
CA ARG C 292 41.35 -12.39 -8.02
C ARG C 292 41.55 -11.27 -9.09
N ARG C 293 42.59 -11.42 -9.90
CA ARG C 293 42.92 -10.46 -10.95
C ARG C 293 41.90 -10.40 -12.07
N GLY C 294 41.22 -11.51 -12.36
CA GLY C 294 40.16 -11.56 -13.40
C GLY C 294 39.00 -10.62 -13.12
N SER C 295 38.83 -10.24 -11.86
CA SER C 295 37.88 -9.20 -11.48
C SER C 295 38.31 -7.75 -11.80
N PHE C 296 39.56 -7.53 -12.19
CA PHE C 296 40.06 -6.18 -12.45
C PHE C 296 40.73 -6.05 -13.80
N PHE C 297 41.22 -7.18 -14.29
CA PHE C 297 41.75 -7.28 -15.65
C PHE C 297 41.02 -8.40 -16.40
N HIS C 298 40.39 -8.07 -17.52
CA HIS C 298 39.52 -9.01 -18.22
C HIS C 298 40.30 -10.23 -18.74
N GLY C 299 39.88 -11.43 -18.30
CA GLY C 299 40.59 -12.66 -18.67
C GLY C 299 41.87 -13.00 -17.93
N ALA C 300 42.30 -12.15 -17.00
CA ALA C 300 43.55 -12.40 -16.29
C ALA C 300 43.30 -13.48 -15.29
N GLU C 301 44.36 -14.02 -14.70
CA GLU C 301 44.18 -14.98 -13.61
C GLU C 301 45.26 -14.89 -12.56
N GLY C 302 45.01 -15.53 -11.43
CA GLY C 302 45.86 -15.41 -10.24
C GLY C 302 45.31 -14.48 -9.16
N SER C 303 46.09 -14.35 -8.10
CA SER C 303 45.73 -13.56 -6.93
C SER C 303 45.98 -12.06 -7.16
N GLY C 304 45.04 -11.22 -6.74
CA GLY C 304 45.27 -9.79 -6.76
C GLY C 304 46.42 -9.39 -5.86
N ALA C 305 46.54 -10.07 -4.73
CA ALA C 305 47.53 -9.69 -3.72
C ALA C 305 48.98 -9.91 -4.17
N THR C 306 49.21 -10.78 -5.15
CA THR C 306 50.57 -11.13 -5.59
C THR C 306 51.03 -10.25 -6.74
N LEU C 307 50.23 -9.28 -7.19
CA LEU C 307 50.76 -8.28 -8.13
C LEU C 307 52.00 -7.63 -7.54
N ASP C 308 53.06 -7.50 -8.32
CA ASP C 308 54.23 -6.77 -7.83
C ASP C 308 54.08 -5.28 -8.15
N GLU C 309 54.91 -4.47 -7.49
CA GLU C 309 54.94 -3.01 -7.60
C GLU C 309 54.88 -2.42 -9.02
N GLY C 310 55.68 -2.94 -9.93
CA GLY C 310 55.67 -2.47 -11.31
C GLY C 310 54.35 -2.75 -11.96
N GLU C 311 53.76 -3.90 -11.65
CA GLU C 311 52.46 -4.19 -12.21
C GLU C 311 51.42 -3.16 -11.73
N ILE C 312 51.47 -2.83 -10.45
CA ILE C 312 50.52 -1.86 -9.92
C ILE C 312 50.68 -0.48 -10.54
N ARG C 313 51.91 -0.09 -10.84
CA ARG C 313 52.10 1.23 -11.40
C ARG C 313 51.52 1.28 -12.82
N GLN C 314 51.58 0.18 -13.54
CA GLN C 314 51.02 0.12 -14.89
C GLN C 314 49.48 0.20 -14.83
N MET C 315 48.88 -0.60 -13.94
CA MET C 315 47.46 -0.49 -13.58
C MET C 315 47.03 0.94 -13.19
N ARG C 316 47.82 1.62 -12.37
CA ARG C 316 47.55 3.02 -12.00
C ARG C 316 47.65 3.92 -13.18
N ALA C 317 48.62 3.67 -14.04
CA ALA C 317 48.75 4.43 -15.27
C ALA C 317 47.49 4.29 -16.18
N THR C 318 46.95 3.10 -16.29
CA THR C 318 45.75 2.88 -17.09
C THR C 318 44.53 3.57 -16.45
N TYR C 319 44.49 3.50 -15.12
CA TYR C 319 43.40 4.09 -14.32
C TYR C 319 43.36 5.59 -14.58
N CYS C 320 44.55 6.19 -14.53
CA CYS C 320 44.70 7.61 -14.86
C CYS C 320 44.18 7.87 -16.26
N GLY C 321 44.54 7.01 -17.19
CA GLY C 321 44.02 7.13 -18.54
C GLY C 321 42.52 7.15 -18.61
N LEU C 322 41.89 6.21 -17.91
CA LEU C 322 40.42 6.14 -17.88
C LEU C 322 39.83 7.44 -17.28
N ILE C 323 40.51 8.02 -16.31
CA ILE C 323 40.06 9.27 -15.69
C ILE C 323 40.06 10.45 -16.69
N THR C 324 41.12 10.56 -17.49
CA THR C 324 41.24 11.63 -18.42
C THR C 324 40.22 11.46 -19.52
N GLU C 325 39.87 10.24 -19.88
CA GLU C 325 38.80 10.06 -20.87
C GLU C 325 37.55 10.70 -20.33
N ILE C 326 37.23 10.40 -19.07
CA ILE C 326 36.04 10.99 -18.49
C ILE C 326 36.13 12.48 -18.54
N ASP C 327 37.30 13.02 -18.21
CA ASP C 327 37.47 14.45 -18.29
C ASP C 327 37.28 15.01 -19.71
N ASP C 328 37.85 14.33 -20.72
CA ASP C 328 37.58 14.67 -22.10
C ASP C 328 36.05 14.70 -22.37
N CYS C 329 35.33 13.68 -21.90
CA CYS C 329 33.88 13.68 -22.16
C CYS C 329 33.18 14.83 -21.44
N LEU C 330 33.54 15.05 -20.19
CA LEU C 330 32.98 16.18 -19.48
C LEU C 330 33.16 17.47 -20.24
N GLY C 331 34.29 17.63 -20.93
CA GLY C 331 34.50 18.84 -21.76
C GLY C 331 33.36 19.08 -22.74
N ARG C 332 32.89 17.99 -23.36
CA ARG C 332 31.81 18.05 -24.33
C ARG C 332 30.51 18.49 -23.70
N VAL C 333 30.18 17.89 -22.55
CA VAL C 333 28.97 18.25 -21.80
C VAL C 333 29.04 19.72 -21.39
N PHE C 334 30.17 20.13 -20.82
CA PHE C 334 30.36 21.50 -20.38
C PHE C 334 30.29 22.46 -21.54
N ALA C 335 30.88 22.08 -22.67
CA ALA C 335 30.81 22.89 -23.89
C ALA C 335 29.38 23.21 -24.21
N TYR C 336 28.51 22.18 -24.14
CA TYR C 336 27.11 22.36 -24.52
C TYR C 336 26.37 23.34 -23.62
N LEU C 337 26.66 23.27 -22.31
CA LEU C 337 26.04 24.19 -21.34
C LEU C 337 26.53 25.64 -21.56
N ASP C 338 27.82 25.80 -21.86
CA ASP C 338 28.39 27.11 -22.26
C ASP C 338 27.70 27.58 -23.57
N GLU C 339 27.70 26.77 -24.62
CA GLU C 339 27.05 27.16 -25.89
C GLU C 339 25.63 27.67 -25.69
N THR C 340 24.89 27.13 -24.72
CA THR C 340 23.48 27.48 -24.58
C THR C 340 23.18 28.44 -23.45
N GLY C 341 24.20 28.97 -22.78
CA GLY C 341 24.01 29.89 -21.65
C GLY C 341 23.44 29.30 -20.37
N GLN C 342 23.82 28.06 -20.04
CA GLN C 342 23.30 27.32 -18.89
C GLN C 342 24.35 27.05 -17.81
N TRP C 343 25.60 27.22 -18.14
CA TRP C 343 26.64 26.98 -17.19
C TRP C 343 26.43 27.72 -15.83
N ASP C 344 25.92 28.94 -15.88
CA ASP C 344 25.77 29.78 -14.68
C ASP C 344 24.50 29.57 -13.88
N ASP C 345 23.55 28.87 -14.50
CA ASP C 345 22.29 28.50 -13.90
C ASP C 345 22.34 27.04 -13.41
N THR C 346 23.48 26.36 -13.59
CA THR C 346 23.57 24.92 -13.28
C THR C 346 24.44 24.64 -12.03
N LEU C 347 23.82 24.18 -10.94
CA LEU C 347 24.55 23.50 -9.84
C LEU C 347 25.12 22.20 -10.40
N ILE C 348 26.45 22.10 -10.44
CA ILE C 348 27.14 20.91 -10.86
C ILE C 348 27.79 20.28 -9.66
N ILE C 349 27.56 18.98 -9.45
CA ILE C 349 28.22 18.24 -8.36
C ILE C 349 29.02 17.10 -8.96
N PHE C 350 30.31 17.04 -8.64
CA PHE C 350 31.13 15.98 -9.16
C PHE C 350 31.53 15.08 -8.01
N THR C 351 31.19 13.80 -8.14
CA THR C 351 31.46 12.88 -7.05
C THR C 351 31.66 11.45 -7.54
N SER C 352 32.11 10.58 -6.65
CA SER C 352 32.17 9.14 -6.94
C SER C 352 31.32 8.33 -5.94
N ASP C 353 30.83 7.19 -6.40
CA ASP C 353 30.06 6.31 -5.56
C ASP C 353 30.94 5.68 -4.50
N HIS C 354 32.20 5.38 -4.83
CA HIS C 354 33.16 4.92 -3.88
C HIS C 354 34.62 4.98 -4.41
N GLY C 355 35.56 4.66 -3.52
CA GLY C 355 36.99 4.57 -3.85
C GLY C 355 37.40 3.24 -4.44
N GLU C 356 38.71 3.00 -4.33
CA GLU C 356 39.42 1.85 -4.94
C GLU C 356 40.78 1.67 -4.28
N GLN C 357 41.05 0.46 -3.82
CA GLN C 357 42.30 0.16 -3.12
C GLN C 357 43.52 0.29 -4.06
N LEU C 358 43.34 -0.08 -5.32
CA LEU C 358 44.39 0.17 -6.30
C LEU C 358 45.75 -0.42 -5.87
N GLY C 359 45.71 -1.56 -5.20
CA GLY C 359 46.91 -2.25 -4.77
C GLY C 359 47.31 -1.86 -3.37
N ASP C 360 46.83 -0.72 -2.87
CA ASP C 360 47.18 -0.24 -1.52
C ASP C 360 46.76 -1.36 -0.58
N HIS C 361 47.56 -1.64 0.46
CA HIS C 361 47.33 -2.79 1.37
C HIS C 361 47.11 -4.17 0.67
N HIS C 362 47.72 -4.37 -0.50
CA HIS C 362 47.66 -5.65 -1.24
C HIS C 362 46.22 -5.97 -1.72
N LEU C 363 45.39 -4.95 -1.79
CA LEU C 363 43.99 -5.12 -2.08
C LEU C 363 43.64 -4.44 -3.40
N LEU C 364 42.76 -5.09 -4.17
CA LEU C 364 42.04 -4.49 -5.30
C LEU C 364 40.55 -4.43 -4.95
N GLY C 365 39.88 -3.37 -5.39
CA GLY C 365 38.43 -3.24 -5.23
C GLY C 365 38.02 -2.30 -4.10
N LYS C 366 36.79 -2.48 -3.65
CA LYS C 366 36.23 -1.66 -2.59
C LYS C 366 35.61 -2.56 -1.51
N ILE C 367 36.38 -2.76 -0.45
CA ILE C 367 36.08 -3.79 0.49
C ILE C 367 36.72 -3.43 1.82
N GLY C 368 36.15 -3.98 2.89
CA GLY C 368 36.68 -3.80 4.23
C GLY C 368 36.49 -2.43 4.86
N TYR C 369 37.58 -1.92 5.43
CA TYR C 369 37.57 -0.72 6.29
C TYR C 369 38.68 0.31 6.00
N ASN C 370 39.54 0.04 5.03
CA ASN C 370 40.66 0.92 4.73
C ASN C 370 40.14 2.20 4.14
N ALA C 371 40.81 3.31 4.45
CA ALA C 371 40.34 4.62 4.00
C ALA C 371 40.10 4.72 2.49
N GLU C 372 40.92 4.08 1.72
CA GLU C 372 40.95 4.44 0.32
C GLU C 372 39.81 3.76 -0.45
N SER C 373 39.10 2.85 0.23
CA SER C 373 37.89 2.27 -0.33
C SER C 373 36.73 3.26 -0.24
N PHE C 374 36.81 4.14 0.78
CA PHE C 374 35.68 5.00 1.18
C PHE C 374 35.87 6.50 0.87
N ARG C 375 37.12 6.97 0.77
CA ARG C 375 37.39 8.40 0.48
C ARG C 375 37.15 8.70 -0.98
N ILE C 376 36.32 9.69 -1.25
CA ILE C 376 35.91 10.03 -2.61
C ILE C 376 35.96 11.55 -2.86
N PRO C 377 36.00 11.96 -4.15
CA PRO C 377 35.88 13.36 -4.47
C PRO C 377 34.47 13.90 -4.29
N LEU C 378 34.41 15.19 -3.97
CA LEU C 378 33.22 16.00 -4.04
C LEU C 378 33.66 17.42 -4.38
N VAL C 379 33.18 17.88 -5.53
CA VAL C 379 33.41 19.24 -6.01
C VAL C 379 32.04 19.78 -6.29
N ILE C 380 31.76 21.03 -5.90
CA ILE C 380 30.45 21.66 -6.11
C ILE C 380 30.56 23.10 -6.62
N LYS C 381 29.93 23.32 -7.77
CA LYS C 381 29.86 24.67 -8.34
C LYS C 381 28.45 25.20 -8.22
N ASP C 382 28.27 26.23 -7.42
CA ASP C 382 26.98 26.89 -7.29
C ASP C 382 26.69 27.62 -8.59
N ALA C 383 25.46 28.12 -8.74
CA ALA C 383 25.09 28.99 -9.86
C ALA C 383 25.79 30.33 -9.72
N GLY C 384 26.10 30.95 -10.85
CA GLY C 384 26.74 32.27 -10.84
C GLY C 384 28.21 32.21 -10.49
N GLN C 385 28.78 33.37 -10.18
CA GLN C 385 30.16 33.51 -9.71
C GLN C 385 30.22 32.97 -8.28
N ASN C 386 31.04 31.98 -8.04
CA ASN C 386 31.03 31.33 -6.73
C ASN C 386 31.86 32.06 -5.71
N ARG C 387 31.17 32.51 -4.68
CA ARG C 387 31.84 33.11 -3.56
C ARG C 387 33.08 32.32 -3.11
N HIS C 388 33.00 30.99 -3.09
CA HIS C 388 34.14 30.17 -2.62
C HIS C 388 34.98 29.54 -3.70
N ALA C 389 34.90 30.09 -4.92
CA ALA C 389 35.56 29.52 -6.09
C ALA C 389 37.01 29.22 -5.81
N GLY C 390 37.43 28.01 -6.16
CA GLY C 390 38.79 27.59 -5.98
C GLY C 390 39.21 27.12 -4.60
N GLN C 391 38.36 27.29 -3.59
CA GLN C 391 38.80 26.97 -2.24
C GLN C 391 38.70 25.48 -1.95
N ILE C 392 39.36 25.04 -0.88
CA ILE C 392 39.33 23.65 -0.41
C ILE C 392 38.75 23.56 1.03
N GLU C 393 37.70 22.78 1.18
CA GLU C 393 37.01 22.66 2.44
C GLU C 393 37.52 21.43 3.18
N GLU C 394 37.96 21.66 4.43
CA GLU C 394 38.41 20.58 5.32
C GLU C 394 37.24 19.89 6.06
N GLY C 395 36.08 20.53 6.18
CA GLY C 395 34.96 19.96 6.95
C GLY C 395 34.63 18.51 6.59
N PHE C 396 34.32 17.66 7.57
CA PHE C 396 34.00 16.27 7.27
C PHE C 396 32.63 16.08 6.62
N SER C 397 32.63 15.66 5.35
CA SER C 397 31.38 15.50 4.57
C SER C 397 31.14 14.03 4.16
N GLU C 398 29.88 13.68 4.11
CA GLU C 398 29.46 12.30 3.82
C GLU C 398 28.45 12.29 2.66
N SER C 399 28.48 11.23 1.86
CA SER C 399 27.63 11.12 0.67
C SER C 399 26.14 11.23 0.91
N ILE C 400 25.69 10.92 2.12
CA ILE C 400 24.31 11.16 2.54
C ILE C 400 23.97 12.64 2.57
N ASP C 401 24.97 13.53 2.50
CA ASP C 401 24.73 14.98 2.51
C ASP C 401 24.30 15.50 1.12
N VAL C 402 24.68 14.77 0.07
CA VAL C 402 24.48 15.26 -1.28
C VAL C 402 23.00 15.44 -1.57
N MET C 403 22.18 14.46 -1.22
CA MET C 403 20.74 14.58 -1.54
C MET C 403 20.06 15.79 -0.85
N PRO C 404 20.29 15.98 0.45
CA PRO C 404 19.78 17.17 1.12
C PRO C 404 20.25 18.45 0.46
N THR C 405 21.47 18.44 -0.08
CA THR C 405 21.97 19.61 -0.74
C THR C 405 21.15 19.98 -1.99
N ILE C 406 20.94 19.00 -2.87
CA ILE C 406 20.27 19.19 -4.13
C ILE C 406 18.87 19.59 -3.88
N LEU C 407 18.22 18.97 -2.90
CA LEU C 407 16.80 19.27 -2.68
C LEU C 407 16.65 20.70 -2.11
N GLU C 408 17.50 21.02 -1.14
CA GLU C 408 17.50 22.36 -0.56
C GLU C 408 17.79 23.40 -1.65
N TRP C 409 18.79 23.15 -2.49
CA TRP C 409 19.17 24.10 -3.52
C TRP C 409 18.03 24.33 -4.52
N LEU C 410 17.20 23.32 -4.73
CA LEU C 410 16.07 23.45 -5.68
C LEU C 410 14.83 24.02 -5.02
N GLY C 411 14.89 24.37 -3.74
CA GLY C 411 13.75 25.02 -3.10
C GLY C 411 12.86 24.11 -2.26
N GLY C 412 13.18 22.83 -2.23
CA GLY C 412 12.51 21.91 -1.34
C GLY C 412 13.09 21.86 0.07
N GLU C 413 12.54 20.92 0.84
CA GLU C 413 12.96 20.64 2.22
C GLU C 413 13.73 19.33 2.33
N THR C 414 14.75 19.30 3.20
CA THR C 414 15.44 18.06 3.54
C THR C 414 14.39 17.19 4.18
N PRO C 415 14.19 15.98 3.65
CA PRO C 415 13.19 15.10 4.25
C PRO C 415 13.59 14.66 5.63
N ARG C 416 12.59 14.42 6.46
CA ARG C 416 12.78 14.11 7.87
C ARG C 416 13.60 12.83 8.05
N ALA C 417 13.32 11.81 7.24
CA ALA C 417 14.02 10.54 7.42
C ALA C 417 15.56 10.66 7.26
N CYS C 418 16.04 11.63 6.48
CA CYS C 418 17.44 11.69 6.11
C CYS C 418 18.40 11.83 7.30
N ASP C 419 19.44 11.01 7.29
CA ASP C 419 20.57 11.06 8.19
C ASP C 419 21.48 12.23 7.79
N GLY C 420 21.53 12.51 6.50
CA GLY C 420 22.46 13.48 5.99
C GLY C 420 21.99 14.91 6.11
N ARG C 421 22.87 15.83 5.77
CA ARG C 421 22.62 17.25 5.98
C ARG C 421 23.09 18.09 4.78
N SER C 422 22.31 19.12 4.48
CA SER C 422 22.56 19.98 3.32
C SER C 422 23.90 20.68 3.50
N LEU C 423 24.74 20.60 2.46
CA LEU C 423 26.01 21.28 2.40
C LEU C 423 25.93 22.75 2.00
N LEU C 424 24.73 23.27 1.72
CA LEU C 424 24.60 24.65 1.24
C LEU C 424 25.30 25.69 2.15
N PRO C 425 25.36 25.43 3.48
CA PRO C 425 26.03 26.44 4.36
C PRO C 425 27.53 26.58 4.09
N PHE C 426 28.15 25.51 3.58
CA PHE C 426 29.54 25.58 3.21
C PHE C 426 29.70 26.51 2.04
N LEU C 427 28.70 26.61 1.16
CA LEU C 427 28.77 27.56 0.04
C LEU C 427 28.39 29.01 0.42
N ALA C 428 28.01 29.25 1.68
CA ALA C 428 27.64 30.58 2.14
C ALA C 428 28.71 31.11 3.14
N GLU C 429 28.36 31.22 4.41
CA GLU C 429 29.31 31.71 5.43
C GLU C 429 30.35 30.70 5.83
N GLY C 430 30.05 29.38 5.66
CA GLY C 430 31.03 28.32 5.98
C GLY C 430 30.52 27.20 6.85
N LYS C 431 31.44 26.42 7.39
CA LYS C 431 31.06 25.24 8.15
C LYS C 431 30.11 25.60 9.31
N PRO C 432 28.97 24.92 9.42
CA PRO C 432 28.15 25.25 10.56
C PRO C 432 28.86 24.94 11.85
N SER C 433 28.53 25.70 12.88
CA SER C 433 29.14 25.57 14.18
C SER C 433 28.79 24.25 14.91
N ASP C 434 27.77 23.51 14.42
CA ASP C 434 27.41 22.19 14.97
C ASP C 434 27.58 21.08 13.94
N TRP C 435 28.51 21.31 13.03
CA TRP C 435 28.79 20.30 12.02
C TRP C 435 29.54 19.16 12.68
N ARG C 436 29.36 17.98 12.12
CA ARG C 436 29.91 16.75 12.67
C ARG C 436 31.41 16.88 12.81
N THR C 437 31.93 16.33 13.90
CA THR C 437 33.37 16.36 14.17
C THR C 437 34.11 15.06 13.77
N GLU C 438 33.38 14.05 13.27
CA GLU C 438 34.01 12.81 12.80
C GLU C 438 33.40 12.34 11.49
N LEU C 439 34.18 11.71 10.64
CA LEU C 439 33.62 10.93 9.51
C LEU C 439 33.04 9.55 9.95
N HIS C 440 31.98 9.10 9.27
CA HIS C 440 31.41 7.79 9.53
C HIS C 440 31.19 7.00 8.25
N TYR C 441 31.44 5.69 8.31
CA TYR C 441 31.12 4.76 7.19
C TYR C 441 30.91 3.34 7.74
N GLU C 442 30.32 2.45 6.94
CA GLU C 442 29.95 1.11 7.41
C GLU C 442 30.21 0.13 6.32
N PHE C 443 30.39 -1.14 6.70
CA PHE C 443 30.52 -2.24 5.74
C PHE C 443 29.90 -3.55 6.22
N ASP C 444 29.04 -4.11 5.38
CA ASP C 444 28.44 -5.39 5.66
C ASP C 444 29.03 -6.43 4.72
N PHE C 445 29.44 -7.58 5.28
CA PHE C 445 30.09 -8.62 4.47
C PHE C 445 29.41 -9.98 4.59
N ARG C 446 28.11 -9.97 4.73
CA ARG C 446 27.41 -11.22 4.58
C ARG C 446 27.56 -11.81 3.18
N ASP C 447 27.43 -13.12 3.14
CA ASP C 447 27.56 -13.90 1.93
C ASP C 447 26.62 -13.43 0.81
N VAL C 448 27.20 -13.29 -0.39
CA VAL C 448 26.47 -13.15 -1.67
C VAL C 448 26.91 -14.27 -2.67
N PHE C 449 26.29 -14.36 -3.85
CA PHE C 449 26.47 -15.58 -4.68
C PHE C 449 27.91 -15.69 -5.25
N TYR C 450 28.64 -14.56 -5.29
CA TYR C 450 30.00 -14.51 -5.87
C TYR C 450 31.12 -14.28 -4.85
N ASP C 451 30.79 -14.25 -3.57
CA ASP C 451 31.81 -14.18 -2.54
C ASP C 451 31.11 -14.48 -1.25
N GLN C 452 31.75 -15.27 -0.40
CA GLN C 452 31.13 -15.75 0.84
C GLN C 452 32.07 -15.58 2.02
N PRO C 453 32.16 -14.36 2.56
CA PRO C 453 33.12 -14.14 3.63
C PRO C 453 32.78 -14.85 4.91
N GLN C 454 31.56 -15.35 5.02
CA GLN C 454 31.13 -16.04 6.22
C GLN C 454 31.84 -17.37 6.37
N ASN C 455 32.06 -18.06 5.27
CA ASN C 455 32.91 -19.24 5.29
C ASN C 455 34.36 -18.96 5.76
N SER C 456 34.85 -17.73 5.64
CA SER C 456 36.19 -17.39 6.14
C SER C 456 36.21 -17.01 7.63
N VAL C 457 35.25 -16.20 8.05
CA VAL C 457 35.26 -15.66 9.41
C VAL C 457 34.33 -16.44 10.38
N GLN C 458 33.60 -17.43 9.86
CA GLN C 458 32.68 -18.26 10.66
C GLN C 458 31.73 -17.43 11.47
N LEU C 459 30.86 -16.68 10.81
CA LEU C 459 29.81 -15.89 11.45
C LEU C 459 28.52 -16.07 10.64
N SER C 460 27.39 -15.83 11.28
CA SER C 460 26.14 -15.74 10.56
C SER C 460 25.85 -14.29 10.12
N GLN C 461 24.94 -14.16 9.19
CA GLN C 461 24.89 -12.99 8.32
C GLN C 461 24.57 -11.70 9.06
N ASP C 462 23.77 -11.81 10.13
CA ASP C 462 23.39 -10.64 10.92
C ASP C 462 24.53 -10.09 11.79
N ASP C 463 25.67 -10.79 11.84
CA ASP C 463 26.81 -10.41 12.68
C ASP C 463 27.98 -9.92 11.84
N CYS C 464 27.76 -9.81 10.53
CA CYS C 464 28.85 -9.59 9.60
C CYS C 464 28.90 -8.14 9.13
N SER C 465 29.00 -7.21 10.09
CA SER C 465 29.15 -5.80 9.75
C SER C 465 30.17 -5.10 10.63
N LEU C 466 30.60 -3.95 10.15
CA LEU C 466 31.50 -3.05 10.86
C LEU C 466 31.01 -1.67 10.63
N CYS C 467 31.37 -0.79 11.56
CA CYS C 467 31.19 0.63 11.38
C CYS C 467 32.51 1.25 11.77
N VAL C 468 32.81 2.40 11.18
CA VAL C 468 34.08 3.10 11.34
C VAL C 468 33.83 4.54 11.76
N ILE C 469 34.71 5.03 12.62
CA ILE C 469 34.59 6.38 13.10
C ILE C 469 36.01 6.98 13.05
N GLU C 470 36.17 8.07 12.33
CA GLU C 470 37.49 8.64 12.11
C GLU C 470 37.46 10.15 12.21
N ASP C 471 38.59 10.73 12.63
CA ASP C 471 38.81 12.18 12.60
C ASP C 471 40.30 12.44 12.25
N GLU C 472 40.78 13.68 12.44
CA GLU C 472 42.19 14.03 12.16
C GLU C 472 43.17 13.10 12.85
N ASN C 473 42.86 12.68 14.09
CA ASN C 473 43.84 12.03 14.93
C ASN C 473 43.75 10.50 15.09
N TYR C 474 42.54 9.96 15.03
CA TYR C 474 42.28 8.55 15.32
C TYR C 474 41.25 7.93 14.42
N LYS C 475 41.40 6.62 14.20
CA LYS C 475 40.40 5.84 13.49
C LYS C 475 40.03 4.54 14.22
N TYR C 476 38.80 4.51 14.76
CA TYR C 476 38.25 3.32 15.38
C TYR C 476 37.38 2.51 14.39
N VAL C 477 37.70 1.23 14.18
CA VAL C 477 36.90 0.29 13.36
C VAL C 477 36.26 -0.78 14.24
N HIS C 478 34.98 -0.66 14.53
CA HIS C 478 34.25 -1.63 15.35
C HIS C 478 33.53 -2.72 14.57
N PHE C 479 33.86 -3.98 14.84
CA PHE C 479 33.17 -5.12 14.22
C PHE C 479 32.05 -5.68 15.17
N ALA C 480 30.89 -5.92 14.58
CA ALA C 480 29.80 -6.56 15.31
C ALA C 480 30.27 -7.79 16.11
N ALA C 481 31.05 -8.67 15.49
CA ALA C 481 31.37 -9.98 16.07
C ALA C 481 32.77 -10.52 15.69
N LEU C 482 33.68 -9.60 15.42
CA LEU C 482 35.11 -9.89 15.27
C LEU C 482 35.90 -8.87 16.12
N PRO C 483 37.24 -8.97 16.15
CA PRO C 483 38.00 -7.99 16.96
C PRO C 483 37.96 -6.60 16.33
N PRO C 484 38.02 -5.56 17.18
CA PRO C 484 38.04 -4.20 16.68
C PRO C 484 39.47 -3.75 16.35
N LEU C 485 39.57 -2.63 15.65
CA LEU C 485 40.83 -2.04 15.25
C LEU C 485 40.80 -0.60 15.73
N PHE C 486 41.95 -0.07 16.08
CA PHE C 486 42.14 1.35 16.44
C PHE C 486 43.51 1.82 15.91
N PHE C 487 43.59 3.01 15.35
CA PHE C 487 44.79 3.52 14.73
C PHE C 487 45.07 4.98 15.11
N ASP C 488 46.32 5.26 15.43
CA ASP C 488 46.76 6.64 15.63
C ASP C 488 47.19 7.12 14.25
N LEU C 489 46.34 7.93 13.61
CA LEU C 489 46.58 8.44 12.24
C LEU C 489 47.71 9.45 12.14
N LYS C 490 48.12 10.04 13.23
CA LYS C 490 49.30 10.93 13.21
C LYS C 490 50.61 10.13 13.10
N ALA C 491 50.80 9.14 13.99
CA ALA C 491 51.95 8.23 13.88
C ALA C 491 51.82 7.16 12.75
N ASP C 492 50.60 6.74 12.44
CA ASP C 492 50.38 5.57 11.57
C ASP C 492 49.24 5.87 10.61
N PRO C 493 49.42 6.87 9.74
CA PRO C 493 48.38 7.35 8.84
C PRO C 493 47.80 6.35 7.89
N HIS C 494 48.55 5.28 7.60
CA HIS C 494 48.09 4.23 6.66
C HIS C 494 47.60 2.94 7.30
N GLU C 495 47.32 2.98 8.59
CA GLU C 495 46.47 1.99 9.27
C GLU C 495 47.12 0.62 9.30
N PHE C 496 48.40 0.64 9.66
CA PHE C 496 49.21 -0.56 9.81
C PHE C 496 49.25 -1.15 11.20
N SER C 497 48.98 -0.36 12.25
CA SER C 497 49.28 -0.79 13.61
C SER C 497 48.11 -0.69 14.55
N ASN C 498 47.27 -1.70 14.48
CA ASN C 498 46.18 -1.86 15.40
C ASN C 498 46.59 -1.68 16.87
N LEU C 499 45.99 -0.72 17.56
CA LEU C 499 46.24 -0.48 18.98
C LEU C 499 45.06 -0.91 19.89
N ALA C 500 43.93 -1.32 19.29
CA ALA C 500 42.70 -1.67 20.02
C ALA C 500 42.91 -2.50 21.30
N GLY C 501 43.84 -3.44 21.25
CA GLY C 501 44.10 -4.37 22.36
C GLY C 501 45.15 -3.90 23.35
N ASP C 502 45.86 -2.83 22.99
CA ASP C 502 46.89 -2.27 23.86
C ASP C 502 46.17 -1.67 25.06
N PRO C 503 46.52 -2.09 26.30
CA PRO C 503 45.81 -1.49 27.45
C PRO C 503 46.15 -0.02 27.68
N ALA C 504 47.25 0.45 27.07
CA ALA C 504 47.65 1.86 27.18
C ALA C 504 46.62 2.81 26.52
N TYR C 505 45.95 2.32 25.47
CA TYR C 505 44.88 3.08 24.75
C TYR C 505 43.46 2.72 25.19
N ALA C 506 43.32 2.15 26.38
CA ALA C 506 42.01 1.86 26.96
C ALA C 506 41.09 3.08 26.95
N ALA C 507 41.54 4.21 27.47
CA ALA C 507 40.67 5.39 27.58
C ALA C 507 40.31 6.04 26.22
N LEU C 508 41.25 6.01 25.28
CA LEU C 508 40.98 6.49 23.94
C LEU C 508 40.04 5.55 23.17
N VAL C 509 40.31 4.23 23.19
CA VAL C 509 39.38 3.29 22.55
C VAL C 509 38.00 3.42 23.21
N ARG C 510 37.94 3.51 24.54
CA ARG C 510 36.66 3.77 25.17
C ARG C 510 35.98 4.98 24.50
N ASP C 511 36.69 6.09 24.39
CA ASP C 511 36.13 7.36 23.91
C ASP C 511 35.51 7.20 22.55
N TYR C 512 36.13 6.38 21.70
CA TYR C 512 35.75 6.31 20.31
C TYR C 512 34.59 5.31 20.11
N ALA C 513 34.60 4.25 20.93
CA ALA C 513 33.45 3.35 21.09
C ALA C 513 32.25 4.18 21.49
N GLN C 514 32.46 5.11 22.42
CA GLN C 514 31.37 5.89 22.97
C GLN C 514 30.79 6.85 21.97
N LYS C 515 31.61 7.44 21.10
CA LYS C 515 31.10 8.34 20.07
C LYS C 515 30.35 7.54 19.01
N ALA C 516 30.94 6.44 18.58
CA ALA C 516 30.27 5.56 17.65
C ALA C 516 28.88 5.22 18.21
N LEU C 517 28.82 4.80 19.48
CA LEU C 517 27.52 4.47 20.11
C LEU C 517 26.52 5.62 20.11
N SER C 518 27.02 6.80 20.43
CA SER C 518 26.22 8.00 20.48
C SER C 518 25.67 8.29 19.09
N TRP C 519 26.51 8.07 18.09
CA TRP C 519 26.18 8.28 16.70
C TRP C 519 25.06 7.30 16.29
N ARG C 520 25.18 6.01 16.67
CA ARG C 520 24.09 5.05 16.38
C ARG C 520 22.77 5.55 17.00
N LEU C 521 22.86 5.91 18.28
CA LEU C 521 21.67 6.35 19.03
C LEU C 521 21.01 7.57 18.41
N SER C 522 21.82 8.60 18.16
CA SER C 522 21.35 9.80 17.46
C SER C 522 20.81 9.58 16.04
N HIS C 523 20.98 8.40 15.47
CA HIS C 523 20.61 8.13 14.08
C HIS C 523 19.62 6.96 13.85
N ALA C 524 18.87 6.62 14.88
CA ALA C 524 17.76 5.71 14.73
C ALA C 524 16.70 6.33 13.77
N ASP C 525 16.01 5.50 13.04
CA ASP C 525 14.92 5.89 12.20
C ASP C 525 14.11 7.04 12.67
N ARG C 526 13.88 7.98 11.79
CA ARG C 526 13.11 9.15 12.23
C ARG C 526 11.96 9.40 11.30
N THR C 527 11.48 8.35 10.64
CA THR C 527 10.36 8.49 9.70
C THR C 527 9.20 9.20 10.39
N LEU C 528 8.85 8.76 11.58
CA LEU C 528 7.64 9.22 12.24
C LEU C 528 7.90 9.79 13.62
N THR C 529 9.15 9.88 14.05
CA THR C 529 9.36 10.17 15.48
C THR C 529 9.21 11.66 15.85
N HIS C 530 8.89 12.49 14.86
CA HIS C 530 8.68 13.93 15.11
C HIS C 530 7.21 14.24 15.37
N TYR C 531 6.33 13.29 15.06
CA TYR C 531 4.89 13.42 15.30
C TYR C 531 4.44 13.23 16.74
N ARG C 532 3.36 13.91 17.13
CA ARG C 532 2.73 13.73 18.42
C ARG C 532 1.19 13.78 18.36
N SER C 533 0.59 12.72 18.85
CA SER C 533 -0.71 12.72 19.46
C SER C 533 -0.80 13.84 20.52
N SER C 534 -1.90 14.57 20.60
CA SER C 534 -2.11 15.57 21.66
C SER C 534 -3.61 15.81 21.91
N PRO C 535 -3.97 16.47 23.02
CA PRO C 535 -5.34 16.88 23.22
C PRO C 535 -5.86 17.82 22.12
N GLN C 536 -4.96 18.50 21.44
CA GLN C 536 -5.34 19.38 20.33
C GLN C 536 -5.30 18.62 19.01
N GLY C 537 -4.96 17.33 19.03
CA GLY C 537 -4.91 16.54 17.80
C GLY C 537 -3.48 16.28 17.35
N LEU C 538 -3.32 15.81 16.11
CA LEU C 538 -2.03 15.41 15.56
C LEU C 538 -1.19 16.64 15.38
N THR C 539 0.01 16.56 15.91
CA THR C 539 0.93 17.65 15.86
C THR C 539 2.30 17.15 15.44
N THR C 540 3.22 18.09 15.28
CA THR C 540 4.56 17.80 14.84
C THR C 540 5.56 18.61 15.63
N ARG C 541 6.66 18.01 16.04
CA ARG C 541 7.63 18.73 16.84
C ARG C 541 8.91 19.07 16.05
N ASN C 542 9.06 20.38 15.91
CA ASN C 542 10.26 21.11 15.45
C ASN C 542 11.63 20.54 15.84
N HIS C 543 11.83 20.50 17.15
CA HIS C 543 13.14 20.50 17.81
C HIS C 543 13.16 19.31 18.71
N THR D 31 -4.55 -32.29 20.58
CA THR D 31 -5.18 -31.50 19.50
C THR D 31 -5.56 -30.06 19.91
N ARG D 32 -5.90 -29.78 21.19
CA ARG D 32 -6.36 -28.41 21.59
C ARG D 32 -5.36 -27.52 22.40
N LYS D 33 -5.11 -26.30 21.91
CA LYS D 33 -4.04 -25.45 22.44
C LYS D 33 -4.48 -23.98 22.69
N ASN D 34 -4.58 -23.59 23.97
CA ASN D 34 -4.97 -22.20 24.35
C ASN D 34 -3.80 -21.39 24.91
N VAL D 35 -3.78 -20.10 24.57
CA VAL D 35 -2.83 -19.17 25.15
C VAL D 35 -3.62 -18.07 25.82
N LEU D 36 -3.32 -17.90 27.11
CA LEU D 36 -3.79 -16.78 27.86
C LEU D 36 -2.52 -16.03 28.21
N LEU D 37 -2.43 -14.79 27.70
CA LEU D 37 -1.36 -13.86 28.05
C LEU D 37 -1.95 -12.81 28.95
N ILE D 38 -1.52 -12.84 30.22
CA ILE D 38 -1.93 -11.85 31.20
C ILE D 38 -0.85 -10.79 31.29
N VAL D 39 -1.27 -9.55 31.06
CA VAL D 39 -0.41 -8.39 31.12
C VAL D 39 -0.97 -7.35 32.09
N VAL D 40 -0.32 -7.25 33.24
CA VAL D 40 -0.67 -6.23 34.22
C VAL D 40 0.15 -4.99 33.89
N ASP D 41 -0.04 -3.89 34.62
CA ASP D 41 0.61 -2.59 34.32
C ASP D 41 1.33 -2.03 35.59
N GLN D 42 2.61 -1.69 35.50
CA GLN D 42 3.31 -1.11 36.67
C GLN D 42 3.55 -2.06 37.88
N TRP D 43 3.60 -3.37 37.63
CA TRP D 43 3.86 -4.41 38.67
C TRP D 43 5.34 -4.82 38.68
N ARG D 44 6.06 -4.35 39.69
CA ARG D 44 7.49 -4.62 39.85
C ARG D 44 7.85 -6.10 40.02
N ALA D 45 9.06 -6.47 39.55
CA ALA D 45 9.56 -7.85 39.52
C ALA D 45 9.91 -8.40 40.91
N ASP D 46 10.12 -7.51 41.87
CA ASP D 46 10.48 -7.87 43.23
C ASP D 46 9.23 -7.88 44.15
N PHE D 47 8.04 -7.88 43.54
CA PHE D 47 6.78 -8.12 44.23
C PHE D 47 6.19 -9.48 43.78
N ILE D 48 7.02 -10.51 43.82
CA ILE D 48 6.60 -11.86 43.46
C ILE D 48 6.94 -12.84 44.62
N PRO D 49 5.91 -13.22 45.40
CA PRO D 49 6.12 -14.08 46.55
C PRO D 49 6.97 -15.29 46.32
N HIS D 50 6.77 -15.98 45.20
CA HIS D 50 7.53 -17.21 44.88
C HIS D 50 9.03 -16.98 45.01
N LEU D 51 9.50 -15.82 44.56
CA LEU D 51 10.90 -15.43 44.54
C LEU D 51 11.40 -15.01 45.92
N MET D 52 10.49 -14.48 46.72
CA MET D 52 10.80 -14.00 48.05
C MET D 52 11.04 -15.17 48.98
N ARG D 53 10.19 -16.19 48.84
CA ARG D 53 10.34 -17.46 49.54
C ARG D 53 11.66 -18.13 49.12
N ALA D 54 11.96 -18.15 47.82
CA ALA D 54 13.24 -18.71 47.35
C ALA D 54 14.40 -17.99 48.00
N GLU D 55 14.29 -16.67 48.10
CA GLU D 55 15.34 -15.87 48.74
C GLU D 55 15.41 -16.06 50.28
N GLY D 56 14.40 -16.67 50.90
CA GLY D 56 14.39 -16.90 52.36
C GLY D 56 13.53 -15.93 53.19
N ARG D 57 12.97 -14.90 52.53
CA ARG D 57 12.18 -13.84 53.18
C ARG D 57 10.70 -14.25 53.27
N GLU D 58 10.07 -13.98 54.43
CA GLU D 58 8.60 -14.08 54.62
C GLU D 58 7.89 -13.03 53.74
N PRO D 59 7.08 -13.46 52.75
CA PRO D 59 6.40 -12.52 51.85
C PRO D 59 5.54 -11.44 52.55
N PHE D 60 5.72 -10.19 52.17
CA PHE D 60 4.94 -9.13 52.76
C PHE D 60 3.67 -8.90 51.98
N LEU D 61 3.37 -9.73 50.99
CA LEU D 61 2.02 -9.73 50.38
C LEU D 61 1.56 -11.12 49.93
N LYS D 62 0.31 -11.21 49.49
CA LYS D 62 -0.30 -12.50 49.23
C LYS D 62 -0.89 -12.60 47.83
N THR D 63 -0.50 -13.69 47.15
CA THR D 63 -0.88 -13.93 45.74
C THR D 63 -1.03 -15.44 45.45
N PRO D 64 -2.01 -16.07 46.10
CA PRO D 64 -2.18 -17.50 46.03
C PRO D 64 -2.30 -17.97 44.59
N ASN D 65 -3.16 -17.30 43.84
CA ASN D 65 -3.37 -17.69 42.45
C ASN D 65 -2.13 -17.53 41.58
N LEU D 66 -1.34 -16.48 41.79
CA LEU D 66 -0.06 -16.35 41.10
C LEU D 66 0.84 -17.48 41.62
N ASP D 67 0.85 -17.68 42.95
CA ASP D 67 1.62 -18.79 43.58
C ASP D 67 1.34 -20.12 42.90
N ARG D 68 0.07 -20.42 42.61
CA ARG D 68 -0.25 -21.63 41.86
C ARG D 68 0.45 -21.71 40.47
N LEU D 69 0.45 -20.60 39.70
CA LEU D 69 1.19 -20.55 38.43
C LEU D 69 2.65 -20.85 38.65
N CYS D 70 3.24 -20.27 39.69
CA CYS D 70 4.66 -20.46 39.96
C CYS D 70 4.95 -21.90 40.30
N ARG D 71 4.08 -22.46 41.13
CA ARG D 71 4.18 -23.83 41.60
C ARG D 71 4.13 -24.75 40.40
N GLU D 72 3.29 -24.40 39.42
CA GLU D 72 3.08 -25.29 38.30
C GLU D 72 3.96 -24.90 37.09
N GLY D 73 4.50 -23.69 37.08
CA GLY D 73 5.26 -23.18 35.95
C GLY D 73 6.69 -22.75 36.22
N LEU D 74 7.20 -21.87 35.35
CA LEU D 74 8.58 -21.45 35.35
C LEU D 74 8.59 -19.99 35.69
N THR D 75 9.34 -19.61 36.74
CA THR D 75 9.43 -18.21 37.12
C THR D 75 10.77 -17.68 36.75
N PHE D 76 10.78 -16.67 35.87
CA PHE D 76 12.01 -16.02 35.39
C PHE D 76 12.34 -14.82 36.26
N ARG D 77 13.42 -14.93 37.01
CA ARG D 77 13.86 -13.89 37.94
C ARG D 77 14.54 -12.68 37.30
N ASN D 78 15.08 -12.80 36.07
CA ASN D 78 15.75 -11.70 35.42
C ASN D 78 15.11 -11.33 34.08
N HIS D 79 13.85 -10.96 34.14
CA HIS D 79 13.11 -10.44 32.98
C HIS D 79 13.07 -8.93 33.00
N VAL D 80 13.19 -8.31 31.83
CA VAL D 80 12.96 -6.88 31.69
C VAL D 80 12.13 -6.53 30.48
N THR D 81 11.43 -5.43 30.59
CA THR D 81 10.86 -4.72 29.46
C THR D 81 12.02 -3.97 28.79
N THR D 82 12.11 -4.10 27.48
CA THR D 82 13.17 -3.43 26.74
C THR D 82 12.97 -1.93 26.56
N CYS D 83 11.83 -1.38 26.99
CA CYS D 83 11.70 0.06 27.13
C CYS D 83 10.49 0.46 28.02
N VAL D 84 10.43 1.73 28.36
CA VAL D 84 9.29 2.30 29.05
C VAL D 84 8.97 3.71 28.46
N PRO D 85 7.78 4.27 28.77
CA PRO D 85 6.63 3.81 29.53
C PRO D 85 5.67 3.01 28.67
N FGL D 86 4.31 3.09 28.93
CA FGL D 86 3.30 2.12 28.49
C FGL D 86 3.51 1.79 27.01
O FGL D 86 3.25 0.68 26.56
OG1 FGL D 86 0.91 1.74 28.34
OG2 FGL D 86 1.74 3.10 30.05
CB FGL D 86 1.90 2.72 28.69
N CYS D 86 4.37 3.17 28.89
CA CYS D 86 3.40 2.16 28.46
C CYS D 86 3.43 1.98 26.95
N GLY D 87 3.28 3.02 26.05
CA GLY D 87 3.22 2.87 24.61
C GLY D 87 4.41 2.09 24.07
N PRO D 88 5.61 2.58 24.35
CA PRO D 88 6.81 1.94 23.89
C PRO D 88 6.95 0.50 24.39
N ALA D 89 6.62 0.24 25.65
CA ALA D 89 6.83 -1.10 26.27
C ALA D 89 5.92 -2.12 25.59
N ARG D 90 4.70 -1.67 25.29
CA ARG D 90 3.71 -2.49 24.64
C ARG D 90 4.12 -2.75 23.19
N ALA D 91 4.58 -1.71 22.51
CA ALA D 91 5.05 -1.89 21.14
C ALA D 91 6.10 -3.03 21.16
N SER D 92 7.05 -2.97 22.08
CA SER D 92 8.08 -4.02 22.19
C SER D 92 7.46 -5.39 22.43
N LEU D 93 6.71 -5.51 23.50
CA LEU D 93 5.97 -6.74 23.83
C LEU D 93 5.24 -7.31 22.66
N LEU D 94 4.50 -6.46 21.93
CA LEU D 94 3.62 -6.94 20.88
C LEU D 94 4.19 -6.97 19.46
N THR D 95 5.43 -6.52 19.23
CA THR D 95 6.06 -6.69 17.93
C THR D 95 7.33 -7.54 17.96
N GLY D 96 7.82 -7.84 19.17
CA GLY D 96 9.09 -8.53 19.37
C GLY D 96 10.30 -7.70 19.00
N LEU D 97 10.13 -6.37 18.91
CA LEU D 97 11.16 -5.46 18.43
C LEU D 97 11.67 -4.59 19.57
N TYR D 98 12.95 -4.31 19.56
CA TYR D 98 13.52 -3.29 20.41
C TYR D 98 13.07 -1.90 19.89
N LEU D 99 13.19 -0.89 20.77
CA LEU D 99 12.75 0.46 20.48
C LEU D 99 13.62 1.02 19.33
N MET D 100 14.93 0.72 19.35
CA MET D 100 15.80 1.04 18.20
C MET D 100 15.23 0.60 16.80
N ASN D 101 14.29 -0.32 16.78
CA ASN D 101 13.61 -0.79 15.53
C ASN D 101 12.10 -0.45 15.39
N HIS D 102 11.33 -0.50 16.46
CA HIS D 102 9.94 -0.11 16.34
C HIS D 102 9.68 1.43 16.30
N ARG D 103 10.61 2.22 16.84
CA ARG D 103 10.56 3.68 16.81
C ARG D 103 9.32 4.38 17.45
N ALA D 104 8.57 3.63 18.27
CA ALA D 104 7.48 4.16 19.11
C ALA D 104 8.13 4.57 20.39
N VAL D 105 8.89 5.64 20.33
CA VAL D 105 9.88 5.99 21.34
C VAL D 105 9.30 6.56 22.63
N GLN D 106 8.09 7.08 22.55
CA GLN D 106 7.39 7.64 23.70
C GLN D 106 5.92 7.47 23.50
N ASN D 107 5.15 7.66 24.57
CA ASN D 107 3.70 7.83 24.43
C ASN D 107 3.50 9.04 23.53
N THR D 108 2.51 8.91 22.67
CA THR D 108 2.07 9.94 21.75
C THR D 108 2.81 9.84 20.44
N VAL D 109 3.89 9.06 20.39
CA VAL D 109 4.64 8.91 19.12
C VAL D 109 4.13 7.69 18.31
N PRO D 110 3.74 7.91 17.05
CA PRO D 110 3.24 6.87 16.13
C PRO D 110 4.08 5.58 15.99
N LEU D 111 3.37 4.46 15.87
CA LEU D 111 3.97 3.17 15.61
C LEU D 111 3.74 2.95 14.13
N ASP D 112 4.85 2.88 13.41
CA ASP D 112 4.90 2.65 11.99
C ASP D 112 4.20 1.34 11.80
N GLN D 113 3.26 1.29 10.85
CA GLN D 113 2.56 0.05 10.62
C GLN D 113 3.25 -0.97 9.76
N ARG D 114 4.35 -0.63 9.12
CA ARG D 114 5.17 -1.65 8.50
C ARG D 114 5.46 -2.85 9.47
N HIS D 115 5.53 -2.61 10.78
CA HIS D 115 5.98 -3.64 11.76
C HIS D 115 4.87 -4.65 12.09
N LEU D 116 5.22 -5.92 12.11
CA LEU D 116 4.27 -7.02 12.26
C LEU D 116 4.09 -7.29 13.75
N ASN D 117 2.85 -7.15 14.20
CA ASN D 117 2.46 -7.38 15.60
C ASN D 117 1.84 -8.76 15.85
N LEU D 118 1.60 -9.04 17.14
CA LEU D 118 1.11 -10.34 17.62
C LEU D 118 -0.26 -10.69 17.04
N GLY D 119 -1.13 -9.70 16.99
CA GLY D 119 -2.42 -9.88 16.38
C GLY D 119 -2.35 -10.38 14.96
N LYS D 120 -1.57 -9.69 14.14
CA LYS D 120 -1.46 -10.07 12.75
C LYS D 120 -0.80 -11.43 12.57
N ALA D 121 0.26 -11.71 13.35
CA ALA D 121 0.91 -13.02 13.31
C ALA D 121 -0.07 -14.14 13.66
N LEU D 122 -0.87 -13.93 14.71
CA LEU D 122 -1.78 -14.97 15.17
C LEU D 122 -2.84 -15.26 14.11
N ARG D 123 -3.42 -14.23 13.50
CA ARG D 123 -4.36 -14.48 12.45
C ARG D 123 -3.71 -15.39 11.38
N ALA D 124 -2.42 -15.19 11.09
CA ALA D 124 -1.75 -15.99 10.05
C ALA D 124 -1.50 -17.46 10.49
N ILE D 125 -1.78 -17.80 11.76
CA ILE D 125 -1.71 -19.19 12.11
C ILE D 125 -3.00 -19.65 12.68
N GLY D 126 -4.08 -18.99 12.31
CA GLY D 126 -5.42 -19.55 12.53
C GLY D 126 -6.12 -19.16 13.81
N TYR D 127 -5.52 -18.23 14.54
CA TYR D 127 -5.98 -17.89 15.86
C TYR D 127 -6.59 -16.48 15.91
N ASP D 128 -7.69 -16.35 16.62
CA ASP D 128 -8.31 -15.07 16.83
C ASP D 128 -7.62 -14.26 17.94
N PRO D 129 -7.14 -13.05 17.61
CA PRO D 129 -6.37 -12.25 18.53
C PRO D 129 -7.23 -11.43 19.49
N ALA D 130 -8.08 -12.10 20.26
CA ALA D 130 -8.91 -11.46 21.28
C ALA D 130 -8.03 -10.72 22.26
N LEU D 131 -8.42 -9.49 22.60
CA LEU D 131 -7.67 -8.65 23.53
C LEU D 131 -8.58 -7.79 24.41
N ILE D 132 -8.15 -7.73 25.67
CA ILE D 132 -8.80 -7.02 26.75
C ILE D 132 -7.74 -6.15 27.36
N GLY D 133 -8.14 -4.95 27.71
CA GLY D 133 -7.24 -3.95 28.22
C GLY D 133 -7.01 -2.87 27.20
N TYR D 134 -5.76 -2.61 26.92
CA TYR D 134 -5.35 -1.48 26.09
C TYR D 134 -3.89 -1.68 25.65
N THR D 135 -3.52 -0.98 24.58
CA THR D 135 -2.14 -1.02 24.10
C THR D 135 -1.48 0.34 24.04
N THR D 136 -2.26 1.41 24.19
CA THR D 136 -1.76 2.81 24.10
C THR D 136 -0.88 3.06 22.87
N THR D 137 -1.39 2.62 21.73
CA THR D 137 -0.67 2.77 20.49
C THR D 137 -1.17 4.00 19.74
N THR D 138 -0.24 4.95 19.47
CA THR D 138 -0.48 6.03 18.52
C THR D 138 -0.36 5.56 17.05
N PRO D 139 -1.40 5.83 16.23
CA PRO D 139 -1.50 5.36 14.83
C PRO D 139 -0.51 5.99 13.89
N ASP D 140 -0.43 5.44 12.68
CA ASP D 140 0.53 5.85 11.68
C ASP D 140 -0.17 6.85 10.79
N PRO D 141 0.28 8.12 10.83
CA PRO D 141 -0.35 9.21 10.12
C PRO D 141 -0.43 9.05 8.62
N ARG D 142 0.41 8.22 8.02
CA ARG D 142 0.34 8.00 6.60
C ARG D 142 -0.83 7.12 6.21
N THR D 143 -1.42 6.39 7.16
CA THR D 143 -2.55 5.52 6.89
C THR D 143 -3.83 5.99 7.56
N THR D 144 -3.85 7.21 8.08
CA THR D 144 -4.98 7.66 8.89
C THR D 144 -5.08 9.16 8.87
N SER D 145 -6.30 9.68 8.95
CA SER D 145 -6.50 11.11 8.79
C SER D 145 -6.01 11.84 9.99
N ALA D 146 -5.64 13.10 9.77
CA ALA D 146 -5.08 13.95 10.82
C ALA D 146 -6.10 14.32 11.88
N ARG D 147 -7.38 14.11 11.55
CA ARG D 147 -8.49 14.45 12.43
C ARG D 147 -9.03 13.23 13.15
N ASP D 148 -8.47 12.05 12.83
CA ASP D 148 -8.81 10.82 13.52
C ASP D 148 -8.79 11.09 15.02
N PRO D 149 -9.85 10.70 15.72
CA PRO D 149 -9.93 11.00 17.13
C PRO D 149 -8.87 10.28 17.94
N ARG D 150 -8.27 9.23 17.40
CA ARG D 150 -7.19 8.56 18.09
C ARG D 150 -5.94 9.41 18.19
N PHE D 151 -5.86 10.56 17.50
CA PHE D 151 -4.70 11.47 17.63
C PHE D 151 -4.97 12.56 18.70
N THR D 152 -6.02 12.32 19.46
CA THR D 152 -6.51 13.21 20.49
C THR D 152 -6.27 12.67 21.91
N VAL D 153 -5.82 11.41 22.03
CA VAL D 153 -5.57 10.76 23.32
C VAL D 153 -4.17 10.23 23.33
N LEU D 154 -3.68 9.78 24.50
CA LEU D 154 -2.34 9.23 24.62
C LEU D 154 -2.17 8.11 23.59
N GLY D 155 -3.18 7.23 23.53
CA GLY D 155 -3.14 6.09 22.61
C GLY D 155 -4.42 5.29 22.52
N ASP D 156 -4.42 4.28 21.65
CA ASP D 156 -5.58 3.45 21.46
C ASP D 156 -5.16 2.04 21.03
N ILE D 157 -6.13 1.17 20.81
CA ILE D 157 -5.85 -0.21 20.54
C ILE D 157 -5.15 -0.39 19.16
N MET D 158 -4.23 -1.33 19.10
CA MET D 158 -3.32 -1.51 17.97
C MET D 158 -4.06 -2.28 16.88
N ASP D 159 -3.89 -1.92 15.59
CA ASP D 159 -4.53 -2.66 14.48
C ASP D 159 -4.13 -4.10 14.65
N GLY D 160 -4.99 -5.01 14.24
CA GLY D 160 -4.65 -6.42 14.28
C GLY D 160 -5.29 -7.24 15.40
N PHE D 161 -5.79 -6.59 16.44
CA PHE D 161 -6.39 -7.29 17.55
C PHE D 161 -7.90 -7.20 17.52
N ARG D 162 -8.59 -8.22 17.98
CA ARG D 162 -10.03 -8.10 18.16
C ARG D 162 -10.26 -7.61 19.57
N SER D 163 -11.00 -6.52 19.69
CA SER D 163 -11.26 -5.93 20.98
C SER D 163 -12.51 -6.53 21.59
N VAL D 164 -12.36 -7.22 22.73
CA VAL D 164 -13.48 -7.85 23.43
C VAL D 164 -13.62 -7.36 24.89
N GLY D 165 -12.99 -6.23 25.22
CA GLY D 165 -13.05 -5.67 26.55
C GLY D 165 -12.15 -4.46 26.74
N ALA D 166 -12.44 -3.38 26.02
CA ALA D 166 -11.56 -2.20 25.98
C ALA D 166 -11.70 -1.24 27.16
N PHE D 167 -10.56 -0.83 27.72
CA PHE D 167 -10.52 0.33 28.57
C PHE D 167 -10.96 1.53 27.72
N GLU D 168 -10.71 1.45 26.40
CA GLU D 168 -11.12 2.51 25.41
C GLU D 168 -10.30 3.77 25.62
N PRO D 169 -10.41 4.74 24.69
CA PRO D 169 -9.76 6.00 25.01
C PRO D 169 -10.51 6.63 26.16
N ASN D 170 -9.81 7.25 27.11
CA ASN D 170 -10.43 7.91 28.29
C ASN D 170 -10.96 6.98 29.40
N MET D 171 -10.89 5.66 29.20
CA MET D 171 -11.48 4.73 30.17
C MET D 171 -12.99 4.66 30.02
N GLU D 172 -13.53 5.30 28.97
CA GLU D 172 -14.98 5.29 28.71
C GLU D 172 -15.61 3.90 28.81
N GLY D 173 -14.93 2.88 28.34
CA GLY D 173 -15.46 1.55 28.36
C GLY D 173 -15.80 1.11 29.76
N TYR D 174 -14.91 1.45 30.69
CA TYR D 174 -15.02 1.12 32.10
C TYR D 174 -16.12 1.94 32.75
N PHE D 175 -16.01 3.27 32.63
CA PHE D 175 -16.99 4.17 33.21
C PHE D 175 -18.39 3.94 32.64
N GLY D 176 -18.50 3.61 31.36
CA GLY D 176 -19.79 3.19 30.79
C GLY D 176 -20.33 1.97 31.53
N TRP D 177 -19.47 0.99 31.80
CA TRP D 177 -19.85 -0.23 32.50
C TRP D 177 -20.26 -0.03 33.99
N VAL D 178 -19.69 1.00 34.61
CA VAL D 178 -20.06 1.39 35.99
C VAL D 178 -21.44 2.05 35.98
N ALA D 179 -21.65 3.03 35.07
CA ALA D 179 -22.95 3.71 34.98
C ALA D 179 -24.03 2.69 34.73
N GLN D 180 -23.78 1.79 33.81
CA GLN D 180 -24.79 0.85 33.43
C GLN D 180 -25.02 -0.17 34.51
N ASN D 181 -24.04 -0.41 35.39
CA ASN D 181 -24.29 -1.30 36.58
C ASN D 181 -25.14 -0.59 37.65
N GLY D 182 -25.48 0.68 37.42
CA GLY D 182 -26.34 1.45 38.30
C GLY D 182 -25.59 2.29 39.33
N PHE D 183 -24.29 2.41 39.18
CA PHE D 183 -23.51 3.18 40.14
C PHE D 183 -23.44 4.63 39.68
N GLU D 184 -23.65 5.52 40.63
CA GLU D 184 -23.81 6.94 40.33
C GLU D 184 -22.46 7.65 40.40
N LEU D 185 -21.91 7.99 39.25
CA LEU D 185 -20.56 8.58 39.17
C LEU D 185 -20.53 10.08 39.46
N PRO D 186 -19.43 10.58 40.05
CA PRO D 186 -19.32 12.02 40.29
C PRO D 186 -19.21 12.82 39.01
N GLU D 187 -19.48 14.13 39.10
CA GLU D 187 -19.38 15.07 37.98
C GLU D 187 -18.07 14.89 37.21
N ASN D 188 -16.98 14.89 37.97
CA ASN D 188 -15.69 14.52 37.42
C ASN D 188 -15.47 13.05 37.75
N ARG D 189 -15.70 12.20 36.75
CA ARG D 189 -15.76 10.75 36.91
C ARG D 189 -14.61 10.18 37.75
N GLU D 190 -13.42 10.73 37.52
CA GLU D 190 -12.20 10.22 38.15
C GLU D 190 -12.15 10.46 39.65
N ASP D 191 -13.02 11.30 40.17
CA ASP D 191 -13.10 11.47 41.61
C ASP D 191 -13.62 10.20 42.34
N ILE D 192 -13.90 9.11 41.63
CA ILE D 192 -14.05 7.83 42.33
C ILE D 192 -12.75 7.45 43.04
N TRP D 193 -11.62 7.96 42.55
CA TRP D 193 -10.31 7.67 43.17
C TRP D 193 -9.82 8.71 44.20
N LEU D 194 -10.71 9.64 44.63
CA LEU D 194 -10.43 10.47 45.82
C LEU D 194 -10.62 9.56 47.03
N PRO D 195 -9.82 9.74 48.09
CA PRO D 195 -10.05 8.88 49.26
C PRO D 195 -11.42 9.13 49.84
N GLU D 196 -11.96 8.13 50.55
CA GLU D 196 -13.26 8.24 51.25
C GLU D 196 -13.24 9.27 52.38
N GLY D 197 -14.34 10.00 52.53
CA GLY D 197 -14.52 10.93 53.62
C GLY D 197 -14.55 12.36 53.13
N GLU D 198 -15.36 13.19 53.78
CA GLU D 198 -15.60 14.59 53.37
C GLU D 198 -14.30 15.40 53.21
N HIS D 199 -13.31 15.12 54.04
CA HIS D 199 -12.06 15.86 54.03
C HIS D 199 -10.88 14.99 54.41
N SER D 200 -10.73 13.86 53.72
CA SER D 200 -9.51 13.06 53.76
C SER D 200 -8.54 13.69 52.75
N VAL D 201 -7.30 13.89 53.19
CA VAL D 201 -6.28 14.57 52.38
C VAL D 201 -5.82 13.64 51.22
N PRO D 202 -6.02 14.07 49.95
CA PRO D 202 -5.50 13.31 48.80
C PRO D 202 -3.99 13.12 48.89
N GLY D 203 -3.51 11.97 48.45
CA GLY D 203 -2.12 11.59 48.61
C GLY D 203 -2.07 10.15 49.07
N ALA D 204 -0.87 9.66 49.44
CA ALA D 204 -0.76 8.35 50.04
C ALA D 204 -1.84 8.23 51.11
N THR D 205 -2.67 7.21 51.03
CA THR D 205 -3.82 7.09 51.94
C THR D 205 -4.03 5.69 52.56
N ASP D 206 -4.77 5.67 53.69
CA ASP D 206 -5.26 4.44 54.31
C ASP D 206 -6.78 4.31 54.17
N LYS D 207 -7.41 5.31 53.59
CA LYS D 207 -8.84 5.28 53.37
C LYS D 207 -9.12 4.53 52.05
N PRO D 208 -10.26 3.85 51.97
CA PRO D 208 -10.60 3.25 50.71
C PRO D 208 -10.90 4.29 49.62
N SER D 209 -11.00 3.81 48.39
CA SER D 209 -11.52 4.64 47.29
C SER D 209 -13.05 4.76 47.45
N ARG D 210 -13.66 5.62 46.66
CA ARG D 210 -15.10 5.79 46.68
C ARG D 210 -15.74 5.00 45.55
N ILE D 211 -15.22 3.80 45.29
CA ILE D 211 -15.89 2.89 44.37
C ILE D 211 -15.84 1.53 45.06
N PRO D 212 -16.98 0.84 45.14
CA PRO D 212 -16.96 -0.53 45.66
C PRO D 212 -16.23 -1.50 44.72
N LYS D 213 -15.66 -2.55 45.30
CA LYS D 213 -14.83 -3.49 44.58
C LYS D 213 -15.59 -4.17 43.46
N GLU D 214 -16.87 -4.45 43.69
CA GLU D 214 -17.74 -4.96 42.63
C GLU D 214 -17.77 -4.08 41.35
N PHE D 215 -17.31 -2.84 41.43
CA PHE D 215 -17.23 -1.99 40.25
C PHE D 215 -15.84 -1.43 39.95
N SER D 216 -14.81 -2.08 40.50
CA SER D 216 -13.42 -1.70 40.28
C SER D 216 -13.03 -1.98 38.83
N ASP D 217 -11.98 -1.31 38.36
CA ASP D 217 -11.45 -1.61 37.03
C ASP D 217 -11.00 -3.06 36.93
N SER D 218 -10.36 -3.57 37.98
CA SER D 218 -9.95 -4.99 37.97
C SER D 218 -11.10 -5.95 37.77
N THR D 219 -12.22 -5.70 38.44
CA THR D 219 -13.44 -6.51 38.23
C THR D 219 -13.98 -6.35 36.81
N PHE D 220 -13.91 -5.15 36.26
CA PHE D 220 -14.34 -4.92 34.84
C PHE D 220 -13.54 -5.79 33.84
N PHE D 221 -12.21 -5.69 33.89
CA PHE D 221 -11.38 -6.51 32.95
C PHE D 221 -11.65 -8.01 33.14
N THR D 222 -11.92 -8.38 34.40
CA THR D 222 -12.12 -9.78 34.73
C THR D 222 -13.42 -10.25 34.15
N GLU D 223 -14.45 -9.48 34.40
CA GLU D 223 -15.74 -9.81 33.90
C GLU D 223 -15.69 -10.01 32.39
N ARG D 224 -14.98 -9.13 31.69
CA ARG D 224 -14.92 -9.23 30.24
C ARG D 224 -14.15 -10.49 29.82
N ALA D 225 -13.15 -10.86 30.61
CA ALA D 225 -12.42 -12.13 30.38
C ALA D 225 -13.37 -13.31 30.40
N LEU D 226 -14.11 -13.45 31.51
CA LEU D 226 -15.04 -14.57 31.71
C LEU D 226 -16.07 -14.59 30.60
N THR D 227 -16.63 -13.44 30.29
CA THR D 227 -17.50 -13.31 29.11
C THR D 227 -16.82 -13.92 27.89
N TYR D 228 -15.60 -13.50 27.62
CA TYR D 228 -14.97 -13.98 26.39
C TYR D 228 -14.87 -15.51 26.40
N LEU D 229 -14.33 -16.09 27.48
CA LEU D 229 -14.10 -17.53 27.56
C LEU D 229 -15.42 -18.31 27.45
N LYS D 230 -16.48 -17.76 28.03
CA LYS D 230 -17.76 -18.44 28.06
C LYS D 230 -18.38 -18.48 26.67
N GLY D 231 -18.12 -17.43 25.90
CA GLY D 231 -18.49 -17.38 24.49
C GLY D 231 -17.76 -18.38 23.61
N ARG D 232 -16.50 -18.64 23.93
CA ARG D 232 -15.70 -19.55 23.12
C ARG D 232 -16.23 -20.96 23.18
N ASP D 233 -16.58 -21.37 24.40
CA ASP D 233 -17.31 -22.62 24.66
C ASP D 233 -16.47 -23.83 24.27
N GLY D 234 -15.23 -23.87 24.75
CA GLY D 234 -14.31 -24.95 24.46
C GLY D 234 -13.39 -24.79 23.26
N LYS D 235 -13.74 -23.88 22.34
CA LYS D 235 -12.93 -23.66 21.15
C LYS D 235 -11.55 -23.08 21.50
N PRO D 236 -10.49 -23.54 20.81
CA PRO D 236 -9.17 -23.03 21.17
C PRO D 236 -9.15 -21.49 21.12
N PHE D 237 -8.42 -20.86 22.04
CA PHE D 237 -8.43 -19.43 22.07
C PHE D 237 -7.08 -18.79 22.29
N PHE D 238 -6.95 -17.54 21.86
CA PHE D 238 -5.94 -16.65 22.38
C PHE D 238 -6.58 -15.43 23.02
N LEU D 239 -6.13 -15.09 24.22
CA LEU D 239 -6.67 -13.95 24.91
C LEU D 239 -5.54 -13.18 25.59
N HIS D 240 -5.43 -11.89 25.22
CA HIS D 240 -4.56 -10.97 25.92
C HIS D 240 -5.45 -10.45 27.01
N LEU D 241 -5.18 -10.81 28.26
CA LEU D 241 -5.98 -10.31 29.36
C LEU D 241 -5.21 -9.21 30.04
N GLY D 242 -5.61 -7.97 29.81
CA GLY D 242 -4.88 -6.81 30.32
C GLY D 242 -5.53 -6.27 31.56
N TYR D 243 -4.73 -6.04 32.62
CA TYR D 243 -5.18 -5.26 33.81
C TYR D 243 -4.56 -3.89 33.84
N TYR D 244 -5.34 -2.90 34.27
CA TYR D 244 -4.84 -1.54 34.46
C TYR D 244 -3.98 -1.52 35.70
N ARG D 245 -4.43 -2.18 36.75
CA ARG D 245 -3.66 -2.23 38.00
C ARG D 245 -2.41 -3.08 37.87
N PRO D 246 -1.39 -2.78 38.66
CA PRO D 246 -1.54 -1.82 39.77
C PRO D 246 -1.03 -0.44 39.37
N HIS D 247 -1.23 -0.06 38.11
CA HIS D 247 -1.03 1.33 37.69
C HIS D 247 -1.70 2.27 38.71
N PRO D 248 -1.09 3.45 38.94
CA PRO D 248 -1.82 4.47 39.73
C PRO D 248 -3.17 4.93 39.09
N PRO D 249 -4.02 5.64 39.85
CA PRO D 249 -3.84 6.14 41.23
C PRO D 249 -3.77 5.08 42.34
N PHE D 250 -2.88 5.36 43.29
CA PHE D 250 -2.67 4.53 44.49
C PHE D 250 -3.75 4.72 45.62
N VAL D 251 -4.91 4.13 45.35
CA VAL D 251 -6.02 4.07 46.25
C VAL D 251 -6.72 2.82 45.78
N ALA D 252 -7.36 2.10 46.69
CA ALA D 252 -7.96 0.81 46.37
C ALA D 252 -9.34 0.73 46.97
N SER D 253 -10.23 0.01 46.31
CA SER D 253 -11.56 -0.24 46.85
C SER D 253 -11.42 -1.02 48.14
N ALA D 254 -12.41 -0.86 49.03
CA ALA D 254 -12.50 -1.70 50.23
C ALA D 254 -12.69 -3.18 49.86
N PRO D 255 -12.00 -4.11 50.57
CA PRO D 255 -11.10 -4.00 51.73
C PRO D 255 -9.60 -3.90 51.41
N TYR D 256 -9.27 -3.78 50.15
CA TYR D 256 -7.86 -3.76 49.74
C TYR D 256 -7.08 -2.56 50.30
N HIS D 257 -7.81 -1.49 50.64
CA HIS D 257 -7.22 -0.31 51.24
C HIS D 257 -6.50 -0.59 52.53
N ALA D 258 -7.01 -1.51 53.35
CA ALA D 258 -6.39 -1.83 54.66
C ALA D 258 -5.89 -3.27 54.73
N MET D 259 -5.84 -3.96 53.59
CA MET D 259 -5.34 -5.33 53.56
C MET D 259 -3.93 -5.47 54.17
N TYR D 260 -3.05 -4.52 53.88
CA TYR D 260 -1.67 -4.52 54.38
C TYR D 260 -1.28 -3.22 55.10
N LYS D 261 -0.28 -3.33 55.96
CA LYS D 261 0.07 -2.27 56.90
C LYS D 261 1.34 -1.62 56.44
N ALA D 262 1.45 -0.29 56.56
CA ALA D 262 2.70 0.38 56.21
C ALA D 262 3.87 -0.33 56.88
N GLU D 263 3.79 -0.44 58.21
CA GLU D 263 4.86 -1.01 59.06
C GLU D 263 5.54 -2.27 58.50
N ASP D 264 4.80 -3.11 57.75
CA ASP D 264 5.35 -4.35 57.13
C ASP D 264 5.93 -4.17 55.72
N MET D 265 5.84 -2.97 55.15
CA MET D 265 6.32 -2.72 53.78
C MET D 265 7.82 -2.39 53.74
N PRO D 266 8.53 -2.92 52.72
CA PRO D 266 9.96 -2.65 52.53
C PRO D 266 10.22 -1.20 52.37
N ALA D 267 11.31 -0.73 52.96
CA ALA D 267 11.61 0.67 52.95
C ALA D 267 12.15 1.02 51.57
N PRO D 268 11.92 2.26 51.15
CA PRO D 268 12.44 2.67 49.87
C PRO D 268 13.96 2.77 49.89
N ILE D 269 14.62 2.39 48.81
CA ILE D 269 16.05 2.62 48.69
C ILE D 269 16.27 3.95 48.02
N ARG D 270 16.92 4.89 48.69
CA ARG D 270 17.14 6.23 48.13
C ARG D 270 18.41 6.90 48.67
N ALA D 271 18.82 7.98 48.01
CA ALA D 271 20.00 8.73 48.38
C ALA D 271 19.63 9.54 49.60
N GLU D 272 20.57 10.29 50.14
CA GLU D 272 20.27 10.93 51.41
C GLU D 272 19.17 11.98 51.23
N ASN D 273 19.24 12.79 50.20
CA ASN D 273 18.16 13.73 49.91
C ASN D 273 17.93 13.89 48.40
N PRO D 274 16.80 14.51 48.02
CA PRO D 274 16.60 14.67 46.61
C PRO D 274 17.80 15.30 45.85
N ASP D 275 18.38 16.41 46.32
CA ASP D 275 19.40 17.12 45.52
C ASP D 275 20.57 16.22 45.24
N ALA D 276 20.95 15.47 46.26
CA ALA D 276 22.01 14.47 46.21
C ALA D 276 21.75 13.43 45.13
N GLU D 277 20.50 12.99 45.05
CA GLU D 277 20.03 12.07 44.00
C GLU D 277 20.12 12.77 42.63
N ALA D 278 19.45 13.90 42.50
CA ALA D 278 19.58 14.78 41.33
C ALA D 278 21.03 14.93 40.79
N ALA D 279 22.02 15.09 41.67
CA ALA D 279 23.39 15.44 41.21
C ALA D 279 24.06 14.36 40.36
N GLN D 280 23.48 13.17 40.29
CA GLN D 280 24.07 12.07 39.53
C GLN D 280 24.04 12.28 38.03
N HIS D 281 23.01 12.97 37.52
CA HIS D 281 22.84 13.09 36.08
C HIS D 281 21.66 14.00 35.74
N PRO D 282 21.84 14.84 34.72
CA PRO D 282 20.82 15.82 34.39
C PRO D 282 19.46 15.20 34.16
N LEU D 283 19.39 13.97 33.65
CA LEU D 283 18.07 13.36 33.39
C LEU D 283 17.42 13.07 34.72
N MET D 284 18.19 12.56 35.69
CA MET D 284 17.62 12.31 37.01
C MET D 284 17.11 13.60 37.58
N LYS D 285 17.95 14.62 37.58
CA LYS D 285 17.54 15.93 38.11
C LYS D 285 16.23 16.43 37.49
N HIS D 286 16.08 16.31 36.17
CA HIS D 286 14.84 16.72 35.55
C HIS D 286 13.64 15.97 36.14
N TYR D 287 13.76 14.67 36.38
CA TYR D 287 12.61 13.90 36.92
C TYR D 287 12.31 14.20 38.41
N ILE D 288 13.36 14.34 39.20
CA ILE D 288 13.19 14.75 40.59
C ILE D 288 12.44 16.10 40.63
N ASP D 289 12.93 17.06 39.85
CA ASP D 289 12.37 18.43 39.82
C ASP D 289 10.94 18.56 39.24
N HIS D 290 10.41 17.54 38.56
CA HIS D 290 9.15 17.70 37.82
C HIS D 290 8.03 16.71 38.12
N ILE D 291 8.36 15.57 38.71
CA ILE D 291 7.33 14.56 38.97
C ILE D 291 6.41 15.00 40.13
N ARG D 292 5.10 14.92 39.92
CA ARG D 292 4.13 15.49 40.89
C ARG D 292 3.25 14.39 41.49
N ARG D 293 2.92 14.52 42.76
CA ARG D 293 2.07 13.53 43.43
C ARG D 293 0.70 13.35 42.78
N GLY D 294 0.25 14.33 42.00
CA GLY D 294 -1.04 14.25 41.34
C GLY D 294 -1.16 13.15 40.30
N SER D 295 -0.05 12.88 39.62
CA SER D 295 0.06 11.80 38.65
C SER D 295 0.01 10.41 39.30
N PHE D 296 0.11 10.35 40.64
CA PHE D 296 0.06 9.05 41.36
C PHE D 296 -1.01 8.94 42.45
N PHE D 297 -1.44 10.06 43.03
CA PHE D 297 -2.60 10.05 43.93
C PHE D 297 -3.56 11.09 43.42
N HIS D 298 -4.78 10.65 43.16
CA HIS D 298 -5.76 11.49 42.54
C HIS D 298 -6.15 12.69 43.44
N GLY D 299 -6.03 13.89 42.86
CA GLY D 299 -6.25 15.14 43.60
C GLY D 299 -5.10 15.60 44.49
N ALA D 300 -4.05 14.80 44.62
CA ALA D 300 -2.86 15.19 45.42
C ALA D 300 -2.07 16.32 44.77
N GLU D 301 -1.26 17.00 45.58
CA GLU D 301 -0.41 18.12 45.12
C GLU D 301 0.97 18.00 45.73
N GLY D 302 1.94 18.59 45.04
CA GLY D 302 3.32 18.61 45.48
C GLY D 302 4.27 17.77 44.62
N SER D 303 5.47 17.64 45.12
CA SER D 303 6.50 16.84 44.52
C SER D 303 6.43 15.39 45.04
N GLY D 304 6.51 14.44 44.12
CA GLY D 304 6.72 13.05 44.44
C GLY D 304 8.08 12.82 45.09
N ALA D 305 9.05 13.66 44.71
CA ALA D 305 10.39 13.60 45.28
C ALA D 305 10.42 13.78 46.80
N THR D 306 9.49 14.57 47.35
CA THR D 306 9.53 15.00 48.76
C THR D 306 8.68 14.16 49.71
N LEU D 307 8.02 13.13 49.20
CA LEU D 307 7.29 12.22 50.08
C LEU D 307 8.28 11.61 51.09
N ASP D 308 7.90 11.63 52.36
CA ASP D 308 8.69 10.99 53.40
C ASP D 308 8.48 9.47 53.29
N GLU D 309 9.21 8.74 54.14
CA GLU D 309 9.22 7.28 54.10
C GLU D 309 7.92 6.65 54.60
N GLY D 310 7.26 7.33 55.54
CA GLY D 310 5.98 6.87 56.08
C GLY D 310 4.96 6.91 54.98
N GLU D 311 4.91 8.02 54.28
CA GLU D 311 4.02 8.16 53.14
C GLU D 311 4.33 7.10 52.07
N ILE D 312 5.60 6.87 51.82
CA ILE D 312 5.98 5.88 50.83
C ILE D 312 5.56 4.48 51.28
N ARG D 313 5.72 4.17 52.56
CA ARG D 313 5.32 2.86 53.02
C ARG D 313 3.81 2.74 52.88
N GLN D 314 3.10 3.83 53.07
CA GLN D 314 1.65 3.74 52.92
C GLN D 314 1.26 3.43 51.49
N MET D 315 2.02 4.01 50.58
CA MET D 315 1.76 3.82 49.18
C MET D 315 2.04 2.37 48.84
N ARG D 316 3.14 1.84 49.36
CA ARG D 316 3.53 0.46 49.07
C ARG D 316 2.47 -0.53 49.55
N ALA D 317 1.85 -0.21 50.69
CA ALA D 317 0.79 -1.03 51.23
C ALA D 317 -0.41 -0.99 50.30
N THR D 318 -0.84 0.20 49.88
CA THR D 318 -2.01 0.29 48.95
C THR D 318 -1.74 -0.48 47.65
N TYR D 319 -0.51 -0.35 47.15
CA TYR D 319 0.01 -1.05 45.96
C TYR D 319 -0.15 -2.56 46.10
N CYS D 320 0.32 -3.11 47.20
CA CYS D 320 0.01 -4.50 47.53
C CYS D 320 -1.49 -4.76 47.56
N GLY D 321 -2.26 -3.75 47.96
CA GLY D 321 -3.71 -3.87 47.94
C GLY D 321 -4.20 -4.24 46.55
N LEU D 322 -3.74 -3.48 45.56
CA LEU D 322 -4.24 -3.60 44.21
C LEU D 322 -3.77 -4.92 43.60
N ILE D 323 -2.53 -5.29 43.89
CA ILE D 323 -2.00 -6.60 43.45
C ILE D 323 -2.86 -7.82 43.88
N THR D 324 -3.19 -7.86 45.17
CA THR D 324 -3.99 -8.97 45.72
C THR D 324 -5.41 -8.94 45.19
N GLU D 325 -5.93 -7.74 44.88
CA GLU D 325 -7.19 -7.66 44.14
C GLU D 325 -7.10 -8.32 42.78
N ILE D 326 -5.96 -8.12 42.07
CA ILE D 326 -5.71 -8.81 40.80
C ILE D 326 -5.66 -10.30 41.04
N ASP D 327 -4.91 -10.72 42.06
CA ASP D 327 -4.79 -12.15 42.31
C ASP D 327 -6.14 -12.78 42.51
N ASP D 328 -6.96 -12.11 43.33
CA ASP D 328 -8.33 -12.55 43.58
C ASP D 328 -9.06 -12.72 42.27
N CYS D 329 -8.87 -11.77 41.36
CA CYS D 329 -9.53 -11.81 40.06
C CYS D 329 -8.99 -12.96 39.19
N LEU D 330 -7.70 -13.22 39.24
CA LEU D 330 -7.19 -14.30 38.39
C LEU D 330 -7.84 -15.61 38.86
N GLY D 331 -8.12 -15.69 40.17
CA GLY D 331 -8.90 -16.75 40.80
C GLY D 331 -10.17 -17.12 40.07
N ARG D 332 -10.92 -16.13 39.66
CA ARG D 332 -12.20 -16.43 39.01
C ARG D 332 -11.96 -17.02 37.62
N VAL D 333 -10.99 -16.45 36.91
CA VAL D 333 -10.61 -16.88 35.55
C VAL D 333 -10.03 -18.29 35.61
N PHE D 334 -9.11 -18.52 36.51
CA PHE D 334 -8.56 -19.87 36.67
C PHE D 334 -9.66 -20.88 37.06
N ALA D 335 -10.64 -20.42 37.83
CA ALA D 335 -11.73 -21.29 38.22
C ALA D 335 -12.43 -21.82 36.97
N TYR D 336 -12.69 -20.89 36.04
CA TYR D 336 -13.49 -21.23 34.89
C TYR D 336 -12.73 -22.18 33.94
N LEU D 337 -11.42 -22.00 33.84
CA LEU D 337 -10.59 -22.92 33.06
C LEU D 337 -10.57 -24.28 33.76
N ASP D 338 -10.51 -24.26 35.09
CA ASP D 338 -10.58 -25.53 35.86
C ASP D 338 -11.93 -26.17 35.67
N GLU D 339 -13.01 -25.44 35.89
CA GLU D 339 -14.36 -26.01 35.69
C GLU D 339 -14.48 -26.66 34.31
N THR D 340 -13.96 -26.01 33.27
CA THR D 340 -14.20 -26.45 31.89
C THR D 340 -13.16 -27.41 31.37
N GLY D 341 -12.19 -27.78 32.20
CA GLY D 341 -11.17 -28.72 31.79
C GLY D 341 -10.17 -28.14 30.84
N GLN D 342 -9.95 -26.83 30.91
CA GLN D 342 -9.00 -26.16 30.01
C GLN D 342 -7.62 -25.86 30.61
N TRP D 343 -7.53 -25.81 31.92
CA TRP D 343 -6.27 -25.51 32.56
C TRP D 343 -5.05 -26.23 31.92
N ASP D 344 -5.14 -27.54 31.75
CA ASP D 344 -4.00 -28.31 31.22
C ASP D 344 -3.73 -28.11 29.75
N ASP D 345 -4.67 -27.52 29.04
CA ASP D 345 -4.50 -27.27 27.61
C ASP D 345 -4.00 -25.87 27.33
N THR D 346 -3.79 -25.07 28.38
CA THR D 346 -3.52 -23.64 28.22
C THR D 346 -2.12 -23.21 28.65
N LEU D 347 -1.41 -22.59 27.70
CA LEU D 347 -0.19 -21.81 27.98
C LEU D 347 -0.58 -20.50 28.67
N ILE D 348 -0.16 -20.32 29.91
CA ILE D 348 -0.49 -19.12 30.64
C ILE D 348 0.79 -18.40 30.85
N ILE D 349 0.87 -17.16 30.37
CA ILE D 349 2.04 -16.33 30.53
C ILE D 349 1.58 -15.13 31.35
N PHE D 350 2.30 -14.83 32.41
CA PHE D 350 1.97 -13.72 33.27
C PHE D 350 3.11 -12.74 33.22
N THR D 351 2.85 -11.48 32.95
CA THR D 351 3.89 -10.48 32.94
C THR D 351 3.29 -9.08 33.13
N SER D 352 4.17 -8.08 33.14
CA SER D 352 3.81 -6.66 33.26
C SER D 352 4.45 -5.89 32.09
N ASP D 353 3.84 -4.77 31.67
CA ASP D 353 4.46 -3.94 30.62
C ASP D 353 5.74 -3.26 31.10
N HIS D 354 5.76 -2.84 32.37
CA HIS D 354 6.92 -2.15 32.95
C HIS D 354 6.86 -2.18 34.51
N GLY D 355 7.95 -1.74 35.13
CA GLY D 355 8.05 -1.64 36.56
C GLY D 355 7.58 -0.27 37.05
N GLU D 356 8.10 0.12 38.21
CA GLU D 356 7.61 1.29 38.95
C GLU D 356 8.63 1.60 40.04
N GLN D 357 9.06 2.87 40.12
CA GLN D 357 10.13 3.24 41.06
C GLN D 357 9.62 3.12 42.47
N LEU D 358 8.35 3.47 42.65
CA LEU D 358 7.67 3.26 43.91
C LEU D 358 8.41 3.94 45.02
N GLY D 359 8.99 5.11 44.73
CA GLY D 359 9.76 5.89 45.71
C GLY D 359 11.27 5.63 45.75
N ASP D 360 11.70 4.52 45.17
CA ASP D 360 13.14 4.29 45.09
C ASP D 360 13.80 5.43 44.33
N HIS D 361 14.96 5.83 44.84
CA HIS D 361 15.71 6.92 44.29
C HIS D 361 14.90 8.23 44.25
N HIS D 362 13.92 8.36 45.13
CA HIS D 362 13.04 9.56 45.18
C HIS D 362 12.12 9.70 43.96
N LEU D 363 11.98 8.61 43.19
CA LEU D 363 11.18 8.64 41.96
C LEU D 363 9.84 7.93 42.12
N LEU D 364 8.87 8.42 41.37
CA LEU D 364 7.58 7.78 41.22
C LEU D 364 7.44 7.59 39.73
N GLY D 365 7.15 6.38 39.29
CA GLY D 365 6.71 6.13 37.89
C GLY D 365 7.58 5.11 37.17
N LYS D 366 7.60 5.19 35.84
CA LYS D 366 8.50 4.38 35.02
C LYS D 366 9.21 5.31 34.05
N ILE D 367 10.46 5.63 34.40
CA ILE D 367 11.25 6.70 33.76
C ILE D 367 12.74 6.49 33.97
N GLY D 368 13.57 7.06 33.09
CA GLY D 368 15.01 7.09 33.26
C GLY D 368 15.73 5.80 32.96
N TYR D 369 16.66 5.41 33.86
CA TYR D 369 17.55 4.26 33.65
C TYR D 369 17.58 3.25 34.81
N ASN D 370 16.95 3.61 35.93
CA ASN D 370 17.02 2.77 37.13
C ASN D 370 16.36 1.38 36.91
N ALA D 371 16.92 0.35 37.54
CA ALA D 371 16.47 -1.03 37.29
C ALA D 371 14.99 -1.26 37.59
N GLU D 372 14.45 -0.58 38.56
CA GLU D 372 13.08 -0.88 39.01
C GLU D 372 11.99 -0.40 38.05
N SER D 373 12.34 0.48 37.11
CA SER D 373 11.42 0.89 36.04
C SER D 373 11.36 -0.14 34.94
N PHE D 374 12.42 -0.97 34.83
CA PHE D 374 12.51 -1.97 33.77
C PHE D 374 12.34 -3.41 34.23
N ARG D 375 12.61 -3.69 35.49
CA ARG D 375 12.54 -5.09 35.94
C ARG D 375 11.09 -5.52 36.11
N ILE D 376 10.70 -6.59 35.43
CA ILE D 376 9.29 -7.05 35.42
C ILE D 376 9.24 -8.56 35.58
N PRO D 377 8.08 -9.08 36.02
CA PRO D 377 7.75 -10.49 36.19
C PRO D 377 7.51 -11.21 34.90
N LEU D 378 7.89 -12.48 34.88
CA LEU D 378 7.46 -13.40 33.84
C LEU D 378 7.26 -14.83 34.43
N VAL D 379 6.03 -15.32 34.48
CA VAL D 379 5.79 -16.72 34.84
C VAL D 379 5.04 -17.40 33.68
N ILE D 380 5.58 -18.55 33.25
CA ILE D 380 5.04 -19.34 32.14
C ILE D 380 4.64 -20.78 32.55
N LYS D 381 3.35 -21.08 32.51
CA LYS D 381 2.90 -22.45 32.64
C LYS D 381 2.60 -23.02 31.24
N ASP D 382 3.37 -24.05 30.89
CA ASP D 382 3.17 -24.85 29.67
C ASP D 382 1.92 -25.68 29.87
N ALA D 383 1.48 -26.35 28.82
CA ALA D 383 0.36 -27.29 28.93
C ALA D 383 0.83 -28.55 29.68
N GLY D 384 -0.09 -29.46 29.95
CA GLY D 384 0.24 -30.64 30.73
C GLY D 384 0.91 -30.32 32.07
N GLN D 385 1.66 -31.29 32.57
CA GLN D 385 2.37 -31.19 33.85
C GLN D 385 3.76 -30.67 33.50
N ASN D 386 4.09 -29.46 33.91
CA ASN D 386 5.34 -28.81 33.47
C ASN D 386 6.57 -29.49 34.05
N ARG D 387 7.54 -29.80 33.19
CA ARG D 387 8.69 -30.57 33.64
C ARG D 387 9.66 -29.76 34.51
N HIS D 388 9.49 -28.44 34.56
CA HIS D 388 10.30 -27.58 35.41
C HIS D 388 9.40 -26.89 36.45
N ALA D 389 8.26 -27.50 36.73
CA ALA D 389 7.30 -26.91 37.68
C ALA D 389 7.94 -26.47 39.01
N GLY D 390 7.74 -25.20 39.38
CA GLY D 390 8.25 -24.65 40.63
C GLY D 390 9.57 -23.95 40.48
N GLN D 391 10.30 -24.28 39.41
CA GLN D 391 11.68 -23.84 39.25
C GLN D 391 11.79 -22.36 38.95
N ILE D 392 12.98 -21.82 39.20
CA ILE D 392 13.26 -20.41 38.98
C ILE D 392 14.45 -20.25 38.03
N GLU D 393 14.17 -19.81 36.80
CA GLU D 393 15.16 -19.60 35.73
C GLU D 393 15.91 -18.30 35.91
N GLU D 394 17.21 -18.31 35.64
CA GLU D 394 18.03 -17.11 35.85
C GLU D 394 18.59 -16.49 34.60
N GLY D 395 18.45 -17.19 33.48
CA GLY D 395 18.73 -16.60 32.18
C GLY D 395 18.10 -15.21 31.98
N PHE D 396 18.79 -14.38 31.19
CA PHE D 396 18.37 -13.02 30.95
C PHE D 396 17.30 -12.99 29.87
N SER D 397 16.08 -12.70 30.26
CA SER D 397 14.97 -12.65 29.31
C SER D 397 14.51 -11.21 29.09
N GLU D 398 13.99 -10.97 27.89
CA GLU D 398 13.52 -9.63 27.52
C GLU D 398 12.09 -9.69 26.93
N SER D 399 11.35 -8.59 27.10
CA SER D 399 9.95 -8.55 26.77
C SER D 399 9.71 -8.92 25.32
N ILE D 400 10.66 -8.59 24.46
CA ILE D 400 10.63 -8.96 23.07
C ILE D 400 10.58 -10.48 22.81
N ASP D 401 10.98 -11.31 23.80
CA ASP D 401 11.03 -12.77 23.60
C ASP D 401 9.66 -13.38 23.75
N VAL D 402 8.72 -12.64 24.36
CA VAL D 402 7.39 -13.19 24.61
C VAL D 402 6.67 -13.57 23.30
N MET D 403 6.70 -12.66 22.29
CA MET D 403 5.89 -12.88 21.07
C MET D 403 6.34 -14.10 20.24
N PRO D 404 7.66 -14.27 20.07
CA PRO D 404 8.15 -15.48 19.40
C PRO D 404 7.76 -16.76 20.18
N THR D 405 7.79 -16.68 21.50
CA THR D 405 7.48 -17.82 22.33
C THR D 405 6.10 -18.35 22.00
N ILE D 406 5.13 -17.44 22.03
CA ILE D 406 3.72 -17.74 21.78
C ILE D 406 3.52 -18.32 20.38
N LEU D 407 4.17 -17.71 19.38
CA LEU D 407 3.98 -18.09 17.99
C LEU D 407 4.57 -19.48 17.67
N GLU D 408 5.74 -19.78 18.25
CA GLU D 408 6.33 -21.10 18.11
C GLU D 408 5.45 -22.16 18.79
N TRP D 409 4.94 -21.83 19.97
CA TRP D 409 4.14 -22.76 20.74
C TRP D 409 2.84 -23.12 20.02
N LEU D 410 2.32 -22.17 19.24
CA LEU D 410 1.13 -22.40 18.47
C LEU D 410 1.44 -22.95 17.08
N GLY D 411 2.68 -23.35 16.83
CA GLY D 411 3.03 -24.02 15.59
C GLY D 411 3.64 -23.16 14.50
N GLY D 412 3.71 -21.87 14.74
CA GLY D 412 4.19 -20.96 13.72
C GLY D 412 5.67 -20.68 13.87
N GLU D 413 6.13 -19.74 13.07
CA GLU D 413 7.54 -19.39 13.01
C GLU D 413 7.79 -18.03 13.63
N THR D 414 8.98 -17.85 14.18
CA THR D 414 9.40 -16.53 14.62
C THR D 414 9.60 -15.64 13.39
N PRO D 415 8.91 -14.51 13.33
CA PRO D 415 9.17 -13.67 12.19
C PRO D 415 10.64 -13.23 12.13
N ARG D 416 11.10 -13.08 10.90
CA ARG D 416 12.47 -12.77 10.63
C ARG D 416 12.81 -11.35 11.13
N ALA D 417 11.89 -10.42 11.05
CA ALA D 417 12.14 -9.08 11.58
C ALA D 417 12.42 -9.02 13.10
N CYS D 418 11.83 -9.92 13.86
CA CYS D 418 11.93 -9.88 15.32
C CYS D 418 13.32 -9.88 15.88
N ASP D 419 13.55 -8.99 16.85
CA ASP D 419 14.77 -9.01 17.66
C ASP D 419 14.70 -10.06 18.74
N GLY D 420 13.47 -10.34 19.20
CA GLY D 420 13.22 -11.26 20.31
C GLY D 420 13.48 -12.66 19.87
N ARG D 421 13.59 -13.57 20.85
CA ARG D 421 13.83 -15.01 20.62
C ARG D 421 12.95 -15.92 21.52
N SER D 422 12.55 -17.08 21.01
CA SER D 422 11.60 -17.94 21.73
C SER D 422 12.17 -18.50 22.99
N LEU D 423 11.36 -18.50 24.02
CA LEU D 423 11.75 -18.99 25.31
C LEU D 423 11.45 -20.51 25.50
N LEU D 424 10.92 -21.20 24.49
CA LEU D 424 10.46 -22.61 24.66
C LEU D 424 11.58 -23.63 25.02
N PRO D 425 12.83 -23.35 24.61
CA PRO D 425 13.95 -24.20 25.05
C PRO D 425 14.12 -24.24 26.57
N PHE D 426 13.73 -23.18 27.26
CA PHE D 426 13.79 -23.15 28.73
C PHE D 426 12.79 -24.14 29.34
N LEU D 427 11.67 -24.36 28.65
CA LEU D 427 10.67 -25.32 29.09
C LEU D 427 11.06 -26.75 28.61
N ALA D 428 12.04 -26.83 27.73
CA ALA D 428 12.58 -28.08 27.28
C ALA D 428 13.85 -28.36 28.07
N GLU D 429 15.01 -28.35 27.42
CA GLU D 429 16.27 -28.71 28.08
C GLU D 429 16.84 -27.62 29.00
N GLY D 430 16.72 -26.35 28.62
CA GLY D 430 17.27 -25.26 29.43
C GLY D 430 17.88 -24.17 28.60
N LYS D 431 18.46 -23.18 29.27
CA LYS D 431 19.05 -22.00 28.62
C LYS D 431 19.91 -22.41 27.44
N PRO D 432 19.49 -22.07 26.21
CA PRO D 432 20.28 -22.39 25.01
C PRO D 432 21.72 -21.95 25.17
N SER D 433 22.61 -22.64 24.47
CA SER D 433 24.05 -22.48 24.69
C SER D 433 24.57 -21.17 24.13
N ASP D 434 23.79 -20.51 23.27
CA ASP D 434 24.16 -19.22 22.69
C ASP D 434 23.15 -18.16 23.09
N TRP D 435 22.60 -18.26 24.29
CA TRP D 435 21.65 -17.28 24.74
C TRP D 435 22.38 -16.00 25.09
N ARG D 436 21.65 -14.88 25.01
CA ARG D 436 22.23 -13.60 25.34
C ARG D 436 22.90 -13.70 26.70
N THR D 437 23.98 -12.96 26.85
CA THR D 437 24.68 -12.92 28.11
C THR D 437 24.53 -11.58 28.81
N GLU D 438 23.72 -10.68 28.25
CA GLU D 438 23.38 -9.42 28.90
C GLU D 438 21.91 -9.09 28.71
N LEU D 439 21.40 -8.20 29.57
CA LEU D 439 20.10 -7.59 29.39
C LEU D 439 20.31 -6.22 28.71
N HIS D 440 19.41 -5.91 27.76
CA HIS D 440 19.40 -4.62 27.06
C HIS D 440 18.07 -3.90 27.27
N TYR D 441 18.12 -2.61 27.57
CA TYR D 441 16.88 -1.83 27.48
C TYR D 441 17.14 -0.42 27.03
N GLU D 442 16.08 0.31 26.68
CA GLU D 442 16.23 1.67 26.11
C GLU D 442 15.18 2.61 26.63
N PHE D 443 15.55 3.89 26.65
CA PHE D 443 14.63 4.95 27.02
C PHE D 443 14.87 6.19 26.17
N ASP D 444 13.79 6.75 25.62
CA ASP D 444 13.87 8.00 24.85
C ASP D 444 13.10 9.09 25.59
N PHE D 445 13.72 10.24 25.79
CA PHE D 445 13.05 11.27 26.57
C PHE D 445 12.77 12.55 25.78
N ARG D 446 12.36 12.41 24.53
CA ARG D 446 11.99 13.63 23.80
C ARG D 446 10.71 14.17 24.41
N ASP D 447 10.49 15.47 24.23
CA ASP D 447 9.30 16.17 24.76
C ASP D 447 7.97 15.66 24.17
N VAL D 448 7.00 15.52 25.07
CA VAL D 448 5.62 15.23 24.73
C VAL D 448 4.80 16.34 25.34
N PHE D 449 3.48 16.30 25.12
CA PHE D 449 2.64 17.42 25.59
C PHE D 449 2.64 17.64 27.10
N TYR D 450 2.81 16.59 27.89
CA TYR D 450 2.67 16.66 29.33
C TYR D 450 3.99 16.63 30.14
N ASP D 451 5.11 16.55 29.44
CA ASP D 451 6.43 16.65 30.03
C ASP D 451 7.47 17.01 28.97
N GLN D 452 8.42 17.89 29.32
CA GLN D 452 9.43 18.36 28.35
C GLN D 452 10.87 18.31 28.86
N PRO D 453 11.46 17.09 28.94
CA PRO D 453 12.82 17.01 29.43
C PRO D 453 13.81 17.82 28.57
N GLN D 454 13.49 18.09 27.31
CA GLN D 454 14.43 18.87 26.49
C GLN D 454 14.71 20.25 27.09
N ASN D 455 13.74 20.81 27.81
CA ASN D 455 13.94 22.10 28.47
C ASN D 455 14.88 22.02 29.67
N SER D 456 15.07 20.83 30.22
CA SER D 456 15.99 20.67 31.36
C SER D 456 17.40 20.38 30.84
N VAL D 457 17.51 19.37 29.98
CA VAL D 457 18.81 18.90 29.51
C VAL D 457 19.30 19.60 28.23
N GLN D 458 18.43 20.38 27.60
CA GLN D 458 18.86 21.23 26.49
C GLN D 458 19.45 20.40 25.35
N LEU D 459 18.60 19.62 24.69
CA LEU D 459 19.00 18.75 23.62
C LEU D 459 17.87 18.80 22.62
N SER D 460 18.15 18.42 21.39
CA SER D 460 17.07 18.23 20.40
C SER D 460 16.56 16.77 20.39
N GLN D 461 15.41 16.53 19.83
CA GLN D 461 14.66 15.31 20.14
C GLN D 461 15.31 14.02 19.64
N ASP D 462 16.13 14.12 18.60
CA ASP D 462 16.75 12.94 18.03
C ASP D 462 17.99 12.55 18.84
N ASP D 463 18.37 13.42 19.78
CA ASP D 463 19.51 13.21 20.65
C ASP D 463 19.08 12.84 22.07
N CYS D 464 17.77 12.70 22.28
CA CYS D 464 17.22 12.39 23.62
C CYS D 464 16.98 10.91 23.92
N SER D 465 18.03 10.08 23.84
CA SER D 465 17.90 8.64 24.19
C SER D 465 19.06 8.06 25.03
N LEU D 466 18.79 6.94 25.71
CA LEU D 466 19.82 6.17 26.37
C LEU D 466 19.60 4.70 26.09
N CYS D 467 20.67 3.90 26.07
CA CYS D 467 20.49 2.44 26.14
C CYS D 467 21.21 1.93 27.39
N VAL D 468 20.75 0.81 27.93
CA VAL D 468 21.44 0.17 29.03
C VAL D 468 21.91 -1.22 28.63
N ILE D 469 23.09 -1.56 29.09
CA ILE D 469 23.51 -2.91 29.06
C ILE D 469 23.89 -3.35 30.48
N GLU D 470 23.29 -4.44 30.93
CA GLU D 470 23.53 -4.94 32.28
C GLU D 470 23.66 -6.48 32.33
N ASP D 471 24.51 -6.94 33.25
CA ASP D 471 24.68 -8.38 33.49
C ASP D 471 24.71 -8.50 35.00
N GLU D 472 25.19 -9.64 35.52
CA GLU D 472 25.15 -9.85 36.99
C GLU D 472 26.17 -8.98 37.73
N ASN D 473 27.12 -8.37 37.03
CA ASN D 473 28.22 -7.68 37.73
C ASN D 473 28.34 -6.19 37.37
N TYR D 474 27.92 -5.83 36.16
CA TYR D 474 28.01 -4.44 35.74
C TYR D 474 26.77 -3.98 34.99
N LYS D 475 26.53 -2.67 35.11
CA LYS D 475 25.51 -1.95 34.35
C LYS D 475 26.12 -0.71 33.71
N TYR D 476 25.93 -0.55 32.41
CA TYR D 476 26.40 0.63 31.69
C TYR D 476 25.21 1.37 31.14
N VAL D 477 25.14 2.69 31.38
CA VAL D 477 24.05 3.47 30.83
C VAL D 477 24.67 4.46 29.88
N HIS D 478 24.31 4.34 28.59
CA HIS D 478 24.89 5.19 27.54
C HIS D 478 23.93 6.24 27.00
N PHE D 479 24.22 7.52 27.26
CA PHE D 479 23.40 8.56 26.68
C PHE D 479 23.90 8.99 25.33
N ALA D 480 22.97 9.18 24.39
CA ALA D 480 23.29 9.78 23.09
C ALA D 480 24.07 11.08 23.24
N ALA D 481 23.60 11.98 24.08
CA ALA D 481 24.30 13.30 24.22
C ALA D 481 24.40 13.84 25.67
N LEU D 482 24.62 12.93 26.62
CA LEU D 482 24.83 13.34 28.00
C LEU D 482 25.86 12.39 28.59
N PRO D 483 26.36 12.67 29.80
CA PRO D 483 27.36 11.78 30.38
C PRO D 483 26.85 10.35 30.55
N PRO D 484 27.72 9.38 30.33
CA PRO D 484 27.31 8.01 30.56
C PRO D 484 27.41 7.65 32.02
N LEU D 485 26.89 6.49 32.37
CA LEU D 485 26.90 6.05 33.75
C LEU D 485 27.36 4.61 33.75
N PHE D 486 28.10 4.25 34.80
CA PHE D 486 28.60 2.90 34.95
C PHE D 486 28.54 2.50 36.42
N PHE D 487 27.96 1.33 36.68
CA PHE D 487 27.80 0.86 38.05
C PHE D 487 28.38 -0.54 38.26
N ASP D 488 29.05 -0.72 39.39
CA ASP D 488 29.49 -2.03 39.86
C ASP D 488 28.36 -2.59 40.73
N LEU D 489 27.68 -3.62 40.23
CA LEU D 489 26.44 -4.07 40.85
C LEU D 489 26.65 -5.01 42.04
N LYS D 490 27.85 -5.56 42.20
CA LYS D 490 28.13 -6.30 43.42
C LYS D 490 28.26 -5.34 44.60
N ALA D 491 29.10 -4.31 44.45
CA ALA D 491 29.34 -3.32 45.53
C ALA D 491 28.16 -2.40 45.66
N ASP D 492 27.59 -2.02 44.52
CA ASP D 492 26.60 -0.93 44.47
C ASP D 492 25.37 -1.41 43.72
N PRO D 493 24.64 -2.37 44.30
CA PRO D 493 23.58 -3.02 43.53
C PRO D 493 22.39 -2.12 43.22
N HIS D 494 22.40 -0.92 43.82
CA HIS D 494 21.32 0.02 43.70
C HIS D 494 21.75 1.30 42.99
N GLU D 495 22.83 1.26 42.23
CA GLU D 495 23.05 2.28 41.21
C GLU D 495 23.18 3.68 41.81
N PHE D 496 24.00 3.81 42.84
CA PHE D 496 24.27 5.11 43.51
C PHE D 496 25.60 5.74 43.16
N SER D 497 26.56 4.93 42.70
CA SER D 497 27.92 5.45 42.46
C SER D 497 28.46 5.25 41.04
N ASN D 498 28.27 6.29 40.24
CA ASN D 498 28.73 6.27 38.85
C ASN D 498 30.23 6.20 38.74
N LEU D 499 30.72 5.11 38.14
CA LEU D 499 32.15 4.94 37.88
C LEU D 499 32.62 5.41 36.49
N ALA D 500 31.69 5.72 35.57
CA ALA D 500 32.02 5.93 34.15
C ALA D 500 33.22 6.86 33.88
N GLY D 501 33.44 7.84 34.75
CA GLY D 501 34.56 8.78 34.59
C GLY D 501 35.83 8.48 35.41
N ASP D 502 35.88 7.31 36.04
CA ASP D 502 37.01 6.93 36.82
C ASP D 502 38.06 6.32 35.86
N PRO D 503 39.24 6.95 35.73
CA PRO D 503 40.21 6.42 34.78
C PRO D 503 40.57 4.93 34.96
N ALA D 504 40.32 4.38 36.14
CA ALA D 504 40.72 2.99 36.44
C ALA D 504 39.77 1.95 35.84
N TYR D 505 38.57 2.40 35.47
CA TYR D 505 37.57 1.57 34.81
C TYR D 505 37.46 1.92 33.30
N ALA D 506 38.47 2.57 32.70
CA ALA D 506 38.40 2.90 31.27
C ALA D 506 38.26 1.67 30.35
N ALA D 507 39.01 0.62 30.67
CA ALA D 507 38.95 -0.65 29.96
C ALA D 507 37.59 -1.34 30.15
N LEU D 508 37.04 -1.29 31.37
CA LEU D 508 35.76 -1.93 31.60
C LEU D 508 34.66 -1.15 30.90
N VAL D 509 34.66 0.17 31.03
CA VAL D 509 33.66 0.95 30.34
C VAL D 509 33.84 0.72 28.86
N ARG D 510 35.08 0.60 28.39
CA ARG D 510 35.29 0.40 26.96
C ARG D 510 34.54 -0.83 26.50
N ASP D 511 34.72 -1.91 27.24
CA ASP D 511 34.15 -3.23 26.92
C ASP D 511 32.67 -3.20 26.88
N TYR D 512 32.04 -2.55 27.84
CA TYR D 512 30.59 -2.50 27.86
C TYR D 512 30.07 -1.59 26.73
N ALA D 513 30.78 -0.51 26.40
CA ALA D 513 30.45 0.29 25.24
C ALA D 513 30.60 -0.57 23.98
N GLN D 514 31.57 -1.45 23.99
CA GLN D 514 31.80 -2.25 22.81
C GLN D 514 30.71 -3.30 22.68
N LYS D 515 30.25 -3.82 23.82
CA LYS D 515 29.16 -4.78 23.80
C LYS D 515 27.92 -4.09 23.21
N ALA D 516 27.66 -2.89 23.70
CA ALA D 516 26.51 -2.08 23.31
C ALA D 516 26.49 -1.85 21.78
N LEU D 517 27.65 -1.42 21.29
CA LEU D 517 27.83 -1.19 19.89
C LEU D 517 27.57 -2.43 19.05
N SER D 518 28.18 -3.53 19.47
CA SER D 518 27.99 -4.82 18.78
C SER D 518 26.52 -5.25 18.74
N TRP D 519 25.82 -5.05 19.85
CA TRP D 519 24.36 -5.24 19.93
C TRP D 519 23.59 -4.41 18.87
N ARG D 520 23.92 -3.13 18.77
CA ARG D 520 23.25 -2.25 17.83
C ARG D 520 23.45 -2.76 16.44
N LEU D 521 24.69 -3.12 16.10
CA LEU D 521 25.06 -3.60 14.79
C LEU D 521 24.36 -4.96 14.47
N SER D 522 24.34 -5.86 15.41
CA SER D 522 23.70 -7.16 15.17
C SER D 522 22.17 -7.12 15.15
N HIS D 523 21.57 -6.06 15.70
CA HIS D 523 20.09 -5.94 15.72
C HIS D 523 19.48 -4.87 14.79
N ALA D 524 20.24 -4.51 13.78
CA ALA D 524 19.77 -3.61 12.76
C ALA D 524 18.65 -4.31 11.94
N ASP D 525 17.72 -3.51 11.43
CA ASP D 525 16.52 -4.02 10.78
C ASP D 525 16.79 -5.20 9.81
N ARG D 526 16.15 -6.34 10.05
CA ARG D 526 16.34 -7.58 9.24
C ARG D 526 15.19 -7.92 8.27
N THR D 527 14.23 -7.02 8.12
CA THR D 527 13.05 -7.29 7.28
C THR D 527 13.38 -8.03 5.98
N LEU D 528 14.33 -7.48 5.21
CA LEU D 528 14.65 -7.95 3.90
C LEU D 528 16.11 -8.37 3.69
N THR D 529 16.97 -8.28 4.70
CA THR D 529 18.41 -8.53 4.52
C THR D 529 18.85 -10.01 4.34
N HIS D 530 17.91 -10.94 4.44
CA HIS D 530 18.16 -12.38 4.23
C HIS D 530 17.93 -12.74 2.76
N TYR D 531 17.33 -11.81 2.00
CA TYR D 531 17.07 -11.99 0.57
C TYR D 531 18.29 -11.76 -0.30
N ARG D 532 18.33 -12.44 -1.46
CA ARG D 532 19.36 -12.20 -2.51
C ARG D 532 18.86 -12.39 -3.93
N SER D 533 19.28 -11.48 -4.80
CA SER D 533 19.23 -11.77 -6.21
C SER D 533 20.38 -12.75 -6.51
N SER D 534 20.22 -13.50 -7.58
CA SER D 534 21.25 -14.49 -8.02
C SER D 534 20.96 -14.86 -9.45
N PRO D 535 21.96 -15.42 -10.14
CA PRO D 535 21.75 -15.93 -11.50
C PRO D 535 20.50 -16.80 -11.61
N GLN D 536 20.16 -17.47 -10.51
CA GLN D 536 19.04 -18.39 -10.43
C GLN D 536 17.69 -17.69 -10.19
N GLY D 537 17.70 -16.41 -9.79
CA GLY D 537 16.49 -15.70 -9.41
C GLY D 537 16.56 -15.39 -7.93
N LEU D 538 15.44 -14.91 -7.38
CA LEU D 538 15.40 -14.51 -6.00
C LEU D 538 15.59 -15.71 -5.07
N THR D 539 16.42 -15.54 -4.04
CA THR D 539 16.62 -16.60 -3.07
C THR D 539 16.76 -16.05 -1.65
N THR D 540 16.77 -16.99 -0.71
CA THR D 540 16.87 -16.71 0.69
C THR D 540 18.06 -17.44 1.29
N ARG D 541 18.70 -16.78 2.25
CA ARG D 541 19.86 -17.29 2.96
C ARG D 541 19.34 -17.54 4.36
N ASN D 542 19.38 -18.79 4.84
CA ASN D 542 18.97 -19.04 6.23
C ASN D 542 20.02 -18.60 7.27
N HIS D 543 21.31 -18.57 6.90
CA HIS D 543 22.38 -18.16 7.84
C HIS D 543 23.41 -17.22 7.22
ZN ZN E . -3.03 6.83 -30.84
FE FE F . -3.04 6.85 -30.82
S SO4 G . -16.70 -12.81 -23.51
O1 SO4 G . -17.83 -12.03 -23.02
O2 SO4 G . -16.94 -14.25 -23.45
O3 SO4 G . -16.42 -12.41 -24.89
O4 SO4 G . -15.52 -12.62 -22.67
ZN ZN H . -29.35 -9.15 7.14
FE FE I . -29.34 -9.16 7.13
S SO4 J . -28.36 9.42 -9.65
O1 SO4 J . -28.66 10.85 -9.71
O2 SO4 J . -28.61 8.97 -8.28
O3 SO4 J . -29.21 8.65 -10.60
O4 SO4 J . -26.95 9.22 -10.00
ZN ZN K . 30.63 1.41 -7.91
FE FE L . 30.64 1.39 -7.90
S SO4 M . 25.09 15.04 12.38
O1 SO4 M . 25.47 16.25 13.06
O2 SO4 M . 26.15 14.03 12.49
O3 SO4 M . 23.85 14.45 12.93
O4 SO4 M . 24.90 15.45 10.99
S SO4 N . 41.55 -17.67 -11.28
O1 SO4 N . 42.86 -17.08 -10.98
O2 SO4 N . 41.54 -19.05 -10.82
O3 SO4 N . 40.46 -16.95 -10.61
O4 SO4 N . 41.37 -17.65 -12.73
S SO4 O . 28.65 16.76 -29.62
O1 SO4 O . 30.05 16.81 -29.20
O2 SO4 O . 28.04 15.53 -29.12
O3 SO4 O . 27.91 17.92 -29.12
O4 SO4 O . 28.59 16.74 -31.08
ZN ZN P . 1.87 0.91 31.59
FE FE Q . 1.89 0.96 31.58
S SO4 R . 20.51 -12.47 20.78
O1 SO4 R . 21.24 -11.39 21.52
O2 SO4 R . 21.27 -13.70 20.75
O3 SO4 R . 19.30 -12.81 21.55
O4 SO4 R . 20.19 -12.18 19.38
S SO4 S . 0.57 20.31 41.84
O1 SO4 S . 0.88 20.83 43.17
O2 SO4 S . 1.55 19.29 41.49
O3 SO4 S . -0.79 19.77 41.86
O4 SO4 S . 0.65 21.38 40.86
C1 GOL T . -18.47 -16.07 38.12
O1 GOL T . -18.34 -14.86 37.37
C2 GOL T . -17.58 -17.19 37.52
O2 GOL T . -17.64 -17.24 36.08
C3 GOL T . -16.12 -17.07 38.00
O3 GOL T . -15.44 -18.33 37.80
C1 GOL U . 7.62 22.58 45.30
O1 GOL U . 7.51 21.82 44.08
C2 GOL U . 6.68 21.95 46.35
O2 GOL U . 5.46 21.58 45.68
C3 GOL U . 7.35 20.68 46.96
O3 GOL U . 6.40 19.71 47.50
C1 GOL V . -14.97 -4.24 23.08
O1 GOL V . -14.64 -3.37 24.14
C2 GOL V . -16.47 -4.55 23.13
O2 GOL V . -16.82 -5.02 24.45
C3 GOL V . -16.78 -5.55 21.98
O3 GOL V . -18.06 -6.14 22.13
C1 GOL W . -1.03 0.92 15.11
O1 GOL W . -2.31 0.29 15.34
C2 GOL W . -0.06 0.11 14.23
O2 GOL W . 0.33 0.93 13.12
C3 GOL W . -0.57 -1.31 13.80
O3 GOL W . 0.46 -2.32 13.95
#